data_7MYJ
#
_entry.id   7MYJ
#
_cell.length_a   75.844
_cell.length_b   134.199
_cell.length_c   141.821
_cell.angle_alpha   90.00
_cell.angle_beta   92.55
_cell.angle_gamma   90.00
#
_symmetry.space_group_name_H-M   'P 1 21 1'
#
loop_
_entity.id
_entity.type
_entity.pdbx_description
1 polymer "5'-AMP-activated protein kinase catalytic subunit alpha-2"
2 polymer "5'-AMP-activated protein kinase subunit beta-1"
3 polymer "5'-AMP-activated protein kinase subunit gamma-1"
4 non-polymer '(5S,6R,7R,9R,13cR,14R,16aS)-6-methoxy-5-methyl-7-(methylamino)-6,7,8,9,14,15,16,16a-octahydro-5H,13cH-5,9-epoxy-4b,9a,1 5-triazadibenzo[b,h]cyclonona[1,2,3,4-jkl]cyclopenta[e]-as-indacen-14-ol'
5 non-polymer "5-({5-[(4'R)-4'-acetamido-2',3',4',5'-tetrahydro[1,1'-biphenyl]-4-yl]-6-chloro-1H-imidazo[4,5-b]pyridin-2-yl}oxy)-2-methylbenzoic acid"
6 non-polymer 'ADENOSINE MONOPHOSPHATE'
#
loop_
_entity_poly.entity_id
_entity_poly.type
_entity_poly.pdbx_seq_one_letter_code
_entity_poly.pdbx_strand_id
1 'polypeptide(L)'
;MGSSHHHHHHSQDPAEKQKHDGRVKIGHYVLGDTLGVGTFGKVKIGEHQLTGHKVAVKILNRQKIRSLDVVGKIKREIQN
LKLFRHPHIIKLYQVISTPTDFFMVMEYVSGGELFDYICKHGRVEEMEARRLFQQILSAVDYCHRHMVVHRDLKPENVLL
DAHMNAKIADFGLSNMMSDGEFLR(TPO)SCGSPNYAAPEVISGRLYAGPEVDIWSCGVILYALLCGTLPFDDEHVPTLF
KKIRGGVFYIPEYLNRSVATLLMHMLQVDPLKRATIKDIREHEWFKQGLPSYLFPEDPSYDANVIDDEAVKEVCEKFECT
ESEVMNSLYSGDPQDQLAVAYHLIIDNRRIMNQASEFYLASSPPSGSFMDDSAMHIPPGLKPHPERMPPLIADSPKARCP
LDALNTTKPKSLAVKKAKWHLGIRSQSKPYDIMAEVYRAMKQLDFEWKVVNAYHLRVRRKNPVTGNYVKMSLQLYLVDNR
SYLLDFKSIDDEVVEQRSGSSTPQRSCSAAGLHRPRSSFDSTTAESHSLSGSLTGSLTGSTLSSVSPRLGSHTMDFFEMC
ASLITTLAR
;
A,C
2 'polypeptide(L)'
;MGNTSSERAALERHGGHKTPRRDSSGGTKDGDRPKILMDSPEDADLFHSEEIKAPEKEEFLAWQHDLEVNDKAPAQARPT
VFRWTGGGKEVYLSGSFNNWSKLPLTR(SEP)HNNFVAILDLPEGEHQYKFFVDGQWTHDPSEPIVTSQLGTVNNIIQVK
KTDFEVFDALMVDSQKCSDVSELSSSPPGPYHQEPYVCKPEERFRAPPILPPHLLQVILNKDTGISCDPALLPEPNHVML
NHLYALSIKDGVMVLSATHRYKKKYVTTLLYKPI
;
B,D
3 'polypeptide(L)'
;MADLNWETVISSDSSPAVENEHPQETPESNNSVYTSFMKSHRCYDLIPTSSKLVVFDTSLQVKKAFFALVTNGVRAAPLW
DSKKQSFVGMLTITDFINILHRYYKSALVQIYELEEHKIETWREVYLQDSFKPLVCISPNASLFDAVSSLIRNKIHRLPV
IDPESGNTLYILTHKRILKFLKLFITEFPKPEFMSKSLEELQIGTYANIAMVRTTTPVYVALGIFVQHRVSALPVVDEKG
RVVDIYSKFDVINLAAEKTYNNLDVSVTKALQHRSHYFEGVLKCYLHETLETIINRLVEAEVHRLVVVDENDVVKGIVSL
SDILQALVLTGGEKKP
;
E,F
#
loop_
_chem_comp.id
_chem_comp.type
_chem_comp.name
_chem_comp.formula
4O7 non-polymer '(5S,6R,7R,9R,13cR,14R,16aS)-6-methoxy-5-methyl-7-(methylamino)-6,7,8,9,14,15,16,16a-octahydro-5H,13cH-5,9-epoxy-4b,9a,1 5-triazadibenzo[b,h]cyclonona[1,2,3,4-jkl]cyclopenta[e]-as-indacen-14-ol' 'C28 H30 N4 O3'
AMP non-polymer 'ADENOSINE MONOPHOSPHATE' 'C10 H14 N5 O7 P'
ZQV non-polymer '5-({5-[(4'R)-4'-acetamido-2',3',4',5'-tetrahydro[1,1'-biphenyl]-4-yl]-6-chloro-1H-imidazo[4,5-b]pyridin-2-yl}oxy)-2-methylbenzoic acid' 'C28 H25 Cl N4 O4'
#
# COMPACT_ATOMS: atom_id res chain seq x y z
N HIS A 20 -48.13 -36.40 -37.06
CA HIS A 20 -48.39 -35.69 -35.80
C HIS A 20 -48.53 -34.19 -36.02
N ASP A 21 -49.23 -33.54 -35.08
CA ASP A 21 -49.46 -32.07 -35.17
C ASP A 21 -48.25 -31.30 -34.62
N GLY A 22 -47.96 -30.14 -35.20
CA GLY A 22 -46.87 -29.28 -34.77
C GLY A 22 -47.24 -28.32 -33.66
N ARG A 23 -47.84 -28.86 -32.57
CA ARG A 23 -48.25 -28.07 -31.40
C ARG A 23 -47.04 -27.57 -30.63
N VAL A 24 -46.94 -26.24 -30.46
CA VAL A 24 -45.84 -25.58 -29.76
C VAL A 24 -46.06 -25.74 -28.25
N LYS A 25 -45.33 -26.69 -27.65
CA LYS A 25 -45.41 -27.02 -26.23
C LYS A 25 -44.20 -26.59 -25.41
N ILE A 26 -44.47 -25.97 -24.24
CA ILE A 26 -43.46 -25.55 -23.28
C ILE A 26 -43.93 -25.81 -21.84
N GLY A 27 -43.23 -26.71 -21.15
CA GLY A 27 -43.52 -27.12 -19.78
C GLY A 27 -44.93 -27.63 -19.58
N HIS A 28 -45.37 -28.55 -20.48
CA HIS A 28 -46.69 -29.21 -20.54
C HIS A 28 -47.83 -28.27 -21.00
N TYR A 29 -47.52 -27.02 -21.39
CA TYR A 29 -48.49 -26.03 -21.86
C TYR A 29 -48.41 -25.78 -23.36
N VAL A 30 -49.58 -25.77 -24.01
CA VAL A 30 -49.71 -25.53 -25.45
C VAL A 30 -49.88 -24.02 -25.66
N LEU A 31 -48.91 -23.40 -26.34
CA LEU A 31 -48.92 -21.96 -26.63
C LEU A 31 -49.91 -21.61 -27.72
N GLY A 32 -50.66 -20.52 -27.48
CA GLY A 32 -51.68 -20.03 -28.39
C GLY A 32 -51.44 -18.60 -28.85
N ASP A 33 -52.52 -17.80 -28.90
CA ASP A 33 -52.52 -16.40 -29.33
C ASP A 33 -51.69 -15.48 -28.45
N THR A 34 -51.17 -14.40 -29.05
CA THR A 34 -50.39 -13.38 -28.35
C THR A 34 -51.39 -12.47 -27.62
N LEU A 35 -51.24 -12.35 -26.29
CA LEU A 35 -52.11 -11.50 -25.48
C LEU A 35 -51.71 -10.02 -25.64
N GLY A 36 -50.41 -9.79 -25.88
CA GLY A 36 -49.85 -8.46 -26.07
C GLY A 36 -48.33 -8.44 -26.06
N VAL A 37 -47.74 -7.25 -26.31
CA VAL A 37 -46.29 -7.03 -26.32
C VAL A 37 -45.96 -6.00 -25.23
N GLY A 38 -45.17 -6.42 -24.24
CA GLY A 38 -44.77 -5.58 -23.12
C GLY A 38 -43.54 -4.75 -23.40
N THR A 39 -42.97 -4.14 -22.33
CA THR A 39 -41.77 -3.30 -22.38
C THR A 39 -40.57 -4.12 -22.86
N PHE A 40 -40.50 -5.40 -22.44
CA PHE A 40 -39.50 -6.38 -22.84
C PHE A 40 -40.20 -7.72 -23.01
N GLY A 41 -40.10 -8.30 -24.20
CA GLY A 41 -40.70 -9.60 -24.51
C GLY A 41 -42.09 -9.60 -25.09
N LYS A 42 -42.58 -10.81 -25.43
CA LYS A 42 -43.89 -11.10 -26.03
C LYS A 42 -44.67 -12.03 -25.09
N VAL A 43 -45.94 -11.69 -24.80
CA VAL A 43 -46.77 -12.50 -23.91
C VAL A 43 -47.80 -13.31 -24.72
N LYS A 44 -47.79 -14.65 -24.53
CA LYS A 44 -48.68 -15.59 -25.22
C LYS A 44 -49.46 -16.46 -24.24
N ILE A 45 -50.72 -16.76 -24.56
CA ILE A 45 -51.59 -17.62 -23.75
C ILE A 45 -51.11 -19.08 -23.82
N GLY A 46 -51.20 -19.78 -22.69
CA GLY A 46 -50.81 -21.18 -22.59
C GLY A 46 -51.92 -21.97 -21.93
N GLU A 47 -52.35 -23.07 -22.58
CA GLU A 47 -53.39 -23.95 -22.05
C GLU A 47 -52.81 -25.34 -21.87
N HIS A 48 -52.99 -25.93 -20.66
CA HIS A 48 -52.47 -27.25 -20.30
C HIS A 48 -52.93 -28.38 -21.23
N GLN A 49 -51.95 -29.22 -21.64
CA GLN A 49 -52.13 -30.35 -22.55
C GLN A 49 -53.15 -31.39 -22.07
N LEU A 50 -53.26 -31.58 -20.74
CA LEU A 50 -54.15 -32.58 -20.15
C LEU A 50 -55.42 -32.02 -19.51
N THR A 51 -55.32 -30.89 -18.78
CA THR A 51 -56.45 -30.28 -18.07
C THR A 51 -57.11 -29.10 -18.77
N GLY A 52 -56.30 -28.26 -19.41
CA GLY A 52 -56.76 -27.05 -20.08
C GLY A 52 -56.63 -25.80 -19.23
N HIS A 53 -55.83 -25.89 -18.15
CA HIS A 53 -55.54 -24.79 -17.22
C HIS A 53 -54.82 -23.68 -17.97
N LYS A 54 -55.32 -22.45 -17.87
CA LYS A 54 -54.76 -21.30 -18.60
C LYS A 54 -53.72 -20.53 -17.80
N VAL A 55 -52.60 -20.21 -18.49
CA VAL A 55 -51.47 -19.43 -17.96
C VAL A 55 -51.06 -18.37 -18.99
N ALA A 56 -50.28 -17.37 -18.56
CA ALA A 56 -49.75 -16.34 -19.45
C ALA A 56 -48.23 -16.51 -19.47
N VAL A 57 -47.69 -16.77 -20.68
CA VAL A 57 -46.26 -17.01 -20.87
C VAL A 57 -45.55 -15.81 -21.50
N LYS A 58 -44.71 -15.12 -20.72
CA LYS A 58 -43.91 -14.02 -21.30
C LYS A 58 -42.62 -14.61 -21.87
N ILE A 59 -42.38 -14.42 -23.18
CA ILE A 59 -41.18 -15.01 -23.84
C ILE A 59 -40.13 -13.91 -23.97
N LEU A 60 -38.93 -14.15 -23.42
CA LEU A 60 -37.84 -13.16 -23.49
C LEU A 60 -36.70 -13.74 -24.33
N ASN A 61 -36.36 -13.08 -25.43
CA ASN A 61 -35.27 -13.57 -26.28
C ASN A 61 -33.93 -13.29 -25.59
N ARG A 62 -33.11 -14.34 -25.39
CA ARG A 62 -31.81 -14.26 -24.72
C ARG A 62 -30.82 -13.32 -25.43
N GLN A 63 -30.75 -13.38 -26.78
CA GLN A 63 -29.88 -12.53 -27.58
C GLN A 63 -30.30 -11.06 -27.54
N LYS A 64 -31.62 -10.79 -27.52
CA LYS A 64 -32.19 -9.43 -27.43
C LYS A 64 -31.82 -8.78 -26.08
N ILE A 65 -31.75 -9.60 -25.00
CA ILE A 65 -31.36 -9.17 -23.66
C ILE A 65 -29.85 -8.80 -23.68
N ARG A 66 -29.02 -9.63 -24.36
CA ARG A 66 -27.58 -9.42 -24.52
C ARG A 66 -27.31 -8.16 -25.37
N SER A 67 -28.14 -7.94 -26.41
CA SER A 67 -28.07 -6.81 -27.34
C SER A 67 -28.31 -5.47 -26.66
N LEU A 68 -29.17 -5.46 -25.61
CA LEU A 68 -29.51 -4.26 -24.85
C LEU A 68 -28.72 -4.14 -23.53
N ASP A 69 -28.03 -5.23 -23.15
CA ASP A 69 -27.27 -5.27 -21.86
C ASP A 69 -28.18 -5.01 -20.66
N VAL A 70 -29.32 -5.70 -20.60
CA VAL A 70 -30.28 -5.53 -19.45
C VAL A 70 -30.39 -6.88 -18.72
N VAL A 71 -29.32 -7.69 -18.79
CA VAL A 71 -29.29 -9.02 -18.12
C VAL A 71 -29.59 -8.78 -16.63
N GLY A 72 -28.84 -7.88 -15.98
CA GLY A 72 -29.01 -7.59 -14.56
C GLY A 72 -30.43 -7.17 -14.21
N LYS A 73 -31.07 -6.39 -15.10
CA LYS A 73 -32.45 -5.91 -14.95
C LYS A 73 -33.42 -7.09 -14.97
N ILE A 74 -33.25 -8.02 -15.93
CA ILE A 74 -34.05 -9.24 -16.09
C ILE A 74 -33.83 -10.18 -14.87
N LYS A 75 -32.57 -10.27 -14.40
CA LYS A 75 -32.17 -11.08 -13.23
C LYS A 75 -32.89 -10.57 -11.97
N ARG A 76 -32.89 -9.24 -11.75
CA ARG A 76 -33.55 -8.60 -10.62
C ARG A 76 -35.07 -8.67 -10.72
N GLU A 77 -35.62 -8.58 -11.97
CA GLU A 77 -37.05 -8.65 -12.27
C GLU A 77 -37.62 -10.02 -11.89
N ILE A 78 -36.88 -11.11 -12.19
CA ILE A 78 -37.24 -12.49 -11.87
C ILE A 78 -37.23 -12.68 -10.34
N GLN A 79 -36.13 -12.24 -9.68
CA GLN A 79 -35.91 -12.32 -8.23
C GLN A 79 -37.08 -11.73 -7.42
N ASN A 80 -37.53 -10.51 -7.79
CA ASN A 80 -38.63 -9.81 -7.13
C ASN A 80 -39.97 -10.53 -7.29
N LEU A 81 -40.32 -10.93 -8.54
CA LEU A 81 -41.56 -11.64 -8.86
C LEU A 81 -41.63 -13.04 -8.22
N LYS A 82 -40.48 -13.63 -7.91
CA LYS A 82 -40.49 -14.93 -7.19
C LYS A 82 -40.87 -14.68 -5.73
N LEU A 83 -40.23 -13.71 -5.09
CA LEU A 83 -40.52 -13.36 -3.67
C LEU A 83 -41.93 -12.80 -3.48
N PHE A 84 -42.44 -12.03 -4.45
CA PHE A 84 -43.74 -11.33 -4.27
C PHE A 84 -44.89 -12.29 -4.00
N ARG A 85 -45.77 -11.92 -3.06
CA ARG A 85 -46.96 -12.74 -2.73
C ARG A 85 -48.10 -11.77 -2.39
N HIS A 86 -48.82 -11.29 -3.39
CA HIS A 86 -49.91 -10.32 -3.19
C HIS A 86 -51.10 -10.63 -4.11
N PRO A 87 -52.36 -10.55 -3.61
CA PRO A 87 -53.51 -10.86 -4.47
C PRO A 87 -53.81 -9.85 -5.59
N HIS A 88 -53.09 -8.71 -5.63
CA HIS A 88 -53.31 -7.69 -6.66
C HIS A 88 -52.04 -7.41 -7.50
N ILE A 89 -51.16 -8.42 -7.60
CA ILE A 89 -49.94 -8.44 -8.41
C ILE A 89 -49.93 -9.81 -9.12
N ILE A 90 -49.62 -9.82 -10.44
CA ILE A 90 -49.57 -11.06 -11.24
C ILE A 90 -48.50 -12.00 -10.69
N LYS A 91 -48.94 -13.20 -10.25
CA LYS A 91 -48.08 -14.24 -9.68
C LYS A 91 -47.26 -14.95 -10.75
N LEU A 92 -45.95 -15.13 -10.50
CA LEU A 92 -45.03 -15.84 -11.38
C LEU A 92 -44.89 -17.26 -10.81
N TYR A 93 -45.34 -18.27 -11.58
CA TYR A 93 -45.31 -19.66 -11.15
C TYR A 93 -43.93 -20.30 -11.33
N GLN A 94 -43.41 -20.27 -12.57
CA GLN A 94 -42.10 -20.83 -12.91
C GLN A 94 -41.46 -20.12 -14.10
N VAL A 95 -40.12 -20.23 -14.22
CA VAL A 95 -39.35 -19.69 -15.34
C VAL A 95 -38.65 -20.89 -16.00
N ILE A 96 -38.93 -21.11 -17.29
CA ILE A 96 -38.34 -22.21 -18.06
C ILE A 96 -37.26 -21.63 -18.96
N SER A 97 -36.01 -22.04 -18.73
CA SER A 97 -34.87 -21.58 -19.51
C SER A 97 -34.56 -22.54 -20.65
N THR A 98 -34.41 -21.99 -21.86
CA THR A 98 -34.09 -22.73 -23.09
C THR A 98 -32.80 -22.12 -23.71
N PRO A 99 -32.09 -22.77 -24.68
CA PRO A 99 -30.86 -22.16 -25.21
C PRO A 99 -31.03 -20.83 -25.95
N THR A 100 -32.24 -20.50 -26.43
CA THR A 100 -32.50 -19.26 -27.16
C THR A 100 -33.44 -18.28 -26.47
N ASP A 101 -34.39 -18.77 -25.64
CA ASP A 101 -35.39 -17.91 -24.97
C ASP A 101 -35.62 -18.22 -23.48
N PHE A 102 -36.39 -17.35 -22.79
CA PHE A 102 -36.79 -17.48 -21.39
C PHE A 102 -38.31 -17.43 -21.31
N PHE A 103 -38.93 -18.51 -20.79
CA PHE A 103 -40.38 -18.62 -20.69
C PHE A 103 -40.89 -18.42 -19.25
N MET A 104 -41.50 -17.26 -19.00
CA MET A 104 -42.03 -16.92 -17.68
C MET A 104 -43.50 -17.28 -17.56
N VAL A 105 -43.79 -18.42 -16.90
CA VAL A 105 -45.16 -18.91 -16.69
C VAL A 105 -45.80 -18.11 -15.54
N MET A 106 -46.87 -17.38 -15.86
CA MET A 106 -47.57 -16.50 -14.91
C MET A 106 -49.05 -16.81 -14.79
N GLU A 107 -49.72 -16.16 -13.81
CA GLU A 107 -51.14 -16.24 -13.53
C GLU A 107 -51.91 -15.57 -14.69
N TYR A 108 -52.95 -16.25 -15.21
CA TYR A 108 -53.77 -15.72 -16.30
C TYR A 108 -55.07 -15.10 -15.77
N VAL A 109 -55.45 -13.95 -16.32
CA VAL A 109 -56.66 -13.21 -15.96
C VAL A 109 -57.47 -12.89 -17.23
N SER A 110 -58.69 -13.45 -17.32
CA SER A 110 -59.60 -13.35 -18.47
C SER A 110 -60.19 -11.96 -18.77
N GLY A 111 -60.29 -11.11 -17.75
CA GLY A 111 -60.88 -9.78 -17.86
C GLY A 111 -60.15 -8.77 -18.72
N GLY A 112 -58.84 -8.98 -18.93
CA GLY A 112 -58.01 -8.10 -19.73
C GLY A 112 -57.68 -6.78 -19.06
N GLU A 113 -57.31 -5.77 -19.88
CA GLU A 113 -56.92 -4.42 -19.45
C GLU A 113 -58.05 -3.64 -18.76
N LEU A 114 -57.68 -2.81 -17.77
CA LEU A 114 -58.60 -1.90 -17.05
C LEU A 114 -58.93 -0.76 -18.02
N PHE A 115 -57.98 -0.43 -18.93
CA PHE A 115 -58.09 0.58 -19.98
C PHE A 115 -59.28 0.25 -20.90
N ASP A 116 -59.44 -1.04 -21.27
CA ASP A 116 -60.54 -1.52 -22.10
C ASP A 116 -61.87 -1.45 -21.35
N TYR A 117 -61.85 -1.72 -20.01
CA TYR A 117 -63.02 -1.67 -19.14
C TYR A 117 -63.52 -0.23 -19.00
N ILE A 118 -62.58 0.75 -18.87
CA ILE A 118 -62.90 2.18 -18.77
C ILE A 118 -63.54 2.64 -20.08
N CYS A 119 -63.01 2.18 -21.23
CA CYS A 119 -63.51 2.50 -22.57
C CYS A 119 -64.91 1.95 -22.84
N LYS A 120 -65.13 0.64 -22.54
CA LYS A 120 -66.39 -0.08 -22.73
C LYS A 120 -67.55 0.58 -21.98
N HIS A 121 -67.35 0.90 -20.68
CA HIS A 121 -68.35 1.53 -19.83
C HIS A 121 -68.35 3.05 -19.94
N GLY A 122 -67.32 3.61 -20.60
CA GLY A 122 -67.17 5.05 -20.78
C GLY A 122 -66.65 5.75 -19.53
N ARG A 123 -67.27 5.42 -18.38
CA ARG A 123 -66.98 5.98 -17.05
C ARG A 123 -67.26 4.92 -15.99
N VAL A 124 -66.36 4.78 -15.00
CA VAL A 124 -66.51 3.81 -13.91
C VAL A 124 -67.22 4.48 -12.73
N GLU A 125 -68.28 3.84 -12.21
CA GLU A 125 -69.08 4.30 -11.08
C GLU A 125 -68.23 4.40 -9.81
N GLU A 126 -68.49 5.44 -8.99
CA GLU A 126 -67.78 5.76 -7.74
C GLU A 126 -67.51 4.57 -6.82
N MET A 127 -68.49 3.66 -6.66
CA MET A 127 -68.38 2.46 -5.82
C MET A 127 -67.31 1.49 -6.34
N GLU A 128 -67.38 1.15 -7.64
CA GLU A 128 -66.42 0.25 -8.27
C GLU A 128 -65.05 0.90 -8.50
N ALA A 129 -65.03 2.23 -8.77
CA ALA A 129 -63.80 3.01 -8.98
C ALA A 129 -62.93 3.02 -7.72
N ARG A 130 -63.57 3.19 -6.55
CA ARG A 130 -62.90 3.21 -5.24
C ARG A 130 -62.35 1.82 -4.93
N ARG A 131 -63.17 0.76 -5.13
CA ARG A 131 -62.83 -0.64 -4.91
C ARG A 131 -61.58 -1.03 -5.71
N LEU A 132 -61.53 -0.62 -6.99
CA LEU A 132 -60.40 -0.88 -7.88
C LEU A 132 -59.14 -0.09 -7.47
N PHE A 133 -59.32 1.18 -7.06
CA PHE A 133 -58.23 2.05 -6.60
C PHE A 133 -57.61 1.55 -5.29
N GLN A 134 -58.46 1.04 -4.36
CA GLN A 134 -58.01 0.49 -3.07
C GLN A 134 -57.12 -0.72 -3.29
N GLN A 135 -57.48 -1.58 -4.27
CA GLN A 135 -56.73 -2.78 -4.65
C GLN A 135 -55.39 -2.41 -5.31
N ILE A 136 -55.40 -1.39 -6.21
CA ILE A 136 -54.21 -0.89 -6.92
C ILE A 136 -53.21 -0.33 -5.91
N LEU A 137 -53.67 0.57 -5.01
CA LEU A 137 -52.85 1.19 -3.98
C LEU A 137 -52.26 0.17 -2.99
N SER A 138 -53.00 -0.93 -2.73
CA SER A 138 -52.56 -2.04 -1.86
C SER A 138 -51.37 -2.76 -2.49
N ALA A 139 -51.44 -2.99 -3.82
CA ALA A 139 -50.39 -3.63 -4.63
C ALA A 139 -49.16 -2.72 -4.73
N VAL A 140 -49.39 -1.39 -4.88
CA VAL A 140 -48.36 -0.36 -4.98
C VAL A 140 -47.60 -0.27 -3.63
N ASP A 141 -48.34 -0.27 -2.51
CA ASP A 141 -47.80 -0.22 -1.14
C ASP A 141 -46.92 -1.44 -0.83
N TYR A 142 -47.31 -2.63 -1.35
CA TYR A 142 -46.57 -3.87 -1.19
C TYR A 142 -45.21 -3.75 -1.87
N CYS A 143 -45.17 -3.18 -3.09
CA CYS A 143 -43.95 -2.96 -3.87
C CYS A 143 -43.00 -2.03 -3.13
N HIS A 144 -43.50 -0.88 -2.65
CA HIS A 144 -42.74 0.16 -1.94
C HIS A 144 -42.15 -0.35 -0.62
N ARG A 145 -42.87 -1.25 0.08
CA ARG A 145 -42.43 -1.87 1.34
C ARG A 145 -41.33 -2.90 1.06
N HIS A 146 -41.29 -3.42 -0.18
CA HIS A 146 -40.31 -4.40 -0.66
C HIS A 146 -39.22 -3.71 -1.51
N MET A 147 -39.09 -2.37 -1.37
CA MET A 147 -38.11 -1.48 -2.02
C MET A 147 -38.15 -1.53 -3.57
N VAL A 148 -39.35 -1.74 -4.14
CA VAL A 148 -39.55 -1.81 -5.59
C VAL A 148 -40.52 -0.71 -6.06
N VAL A 149 -40.20 -0.05 -7.19
CA VAL A 149 -41.06 0.95 -7.81
C VAL A 149 -41.30 0.59 -9.27
N HIS A 150 -42.57 0.27 -9.60
CA HIS A 150 -43.04 -0.15 -10.93
C HIS A 150 -42.69 0.84 -12.05
N ARG A 151 -42.88 2.15 -11.79
CA ARG A 151 -42.56 3.28 -12.70
C ARG A 151 -43.34 3.26 -14.05
N ASP A 152 -44.37 2.39 -14.18
CA ASP A 152 -45.19 2.31 -15.39
C ASP A 152 -46.65 1.94 -15.08
N LEU A 153 -47.21 2.57 -14.02
CA LEU A 153 -48.60 2.37 -13.61
C LEU A 153 -49.49 3.14 -14.58
N LYS A 154 -50.43 2.42 -15.21
CA LYS A 154 -51.42 2.92 -16.17
C LYS A 154 -52.54 1.88 -16.31
N PRO A 155 -53.79 2.25 -16.69
CA PRO A 155 -54.86 1.23 -16.83
C PRO A 155 -54.56 0.10 -17.80
N GLU A 156 -53.62 0.33 -18.73
CA GLU A 156 -53.14 -0.64 -19.72
C GLU A 156 -52.34 -1.75 -19.02
N ASN A 157 -51.57 -1.39 -17.97
CA ASN A 157 -50.76 -2.33 -17.19
C ASN A 157 -51.49 -2.89 -15.95
N VAL A 158 -52.77 -2.52 -15.77
CA VAL A 158 -53.63 -3.00 -14.67
C VAL A 158 -54.65 -3.95 -15.28
N LEU A 159 -54.56 -5.24 -14.93
CA LEU A 159 -55.43 -6.29 -15.44
C LEU A 159 -56.57 -6.64 -14.48
N LEU A 160 -57.60 -7.32 -14.99
CA LEU A 160 -58.79 -7.65 -14.16
C LEU A 160 -59.09 -9.15 -14.24
N ASP A 161 -59.50 -9.76 -13.13
CA ASP A 161 -59.86 -11.21 -13.12
C ASP A 161 -61.37 -11.37 -13.37
N ALA A 162 -61.83 -12.62 -13.48
CA ALA A 162 -63.28 -12.89 -13.70
C ALA A 162 -64.12 -12.20 -12.63
N HIS A 163 -63.60 -12.08 -11.41
CA HIS A 163 -64.36 -11.46 -10.31
C HIS A 163 -64.06 -9.96 -10.16
N MET A 164 -63.63 -9.31 -11.27
CA MET A 164 -63.31 -7.88 -11.40
C MET A 164 -62.25 -7.34 -10.41
N ASN A 165 -61.31 -8.21 -9.98
CA ASN A 165 -60.24 -7.82 -9.07
C ASN A 165 -59.02 -7.33 -9.85
N ALA A 166 -58.50 -6.16 -9.48
CA ALA A 166 -57.39 -5.55 -10.24
C ALA A 166 -56.05 -6.19 -9.89
N LYS A 167 -55.30 -6.65 -10.90
CA LYS A 167 -53.95 -7.24 -10.67
C LYS A 167 -52.92 -6.49 -11.53
N ILE A 168 -51.96 -5.81 -10.90
CA ILE A 168 -50.93 -5.02 -11.65
C ILE A 168 -49.96 -5.98 -12.34
N ALA A 169 -49.37 -5.56 -13.47
CA ALA A 169 -48.51 -6.45 -14.26
C ALA A 169 -47.46 -5.65 -15.05
N ASP A 170 -46.76 -6.32 -15.97
CA ASP A 170 -45.71 -5.66 -16.81
C ASP A 170 -44.62 -5.06 -15.93
N PHE A 171 -44.17 -5.81 -14.93
CA PHE A 171 -43.01 -5.30 -14.16
C PHE A 171 -41.89 -5.13 -15.18
N GLY A 172 -41.23 -3.98 -15.18
CA GLY A 172 -40.21 -3.67 -16.18
C GLY A 172 -40.22 -2.16 -16.21
N LEU A 173 -39.18 -1.52 -16.73
CA LEU A 173 -39.12 -0.04 -16.61
C LEU A 173 -39.25 0.23 -15.10
N SER A 174 -38.70 -0.66 -14.29
CA SER A 174 -38.84 -0.57 -12.80
C SER A 174 -37.47 -0.83 -12.21
N ASN A 175 -37.23 -0.39 -10.98
CA ASN A 175 -35.88 -0.58 -10.41
C ASN A 175 -35.96 -0.70 -8.90
N MET A 176 -34.87 -1.11 -8.27
CA MET A 176 -34.80 -1.23 -6.80
C MET A 176 -34.55 0.10 -6.09
N MET A 177 -34.89 0.17 -4.80
CA MET A 177 -34.70 1.39 -4.00
C MET A 177 -33.65 1.10 -2.93
N SER A 178 -32.50 1.79 -3.02
CA SER A 178 -31.41 1.65 -2.06
C SER A 178 -31.24 2.91 -1.22
N ASP A 179 -30.70 2.75 0.00
CA ASP A 179 -30.49 3.84 0.97
C ASP A 179 -29.50 4.88 0.45
N GLY A 180 -29.93 6.14 0.47
CA GLY A 180 -29.14 7.29 0.03
C GLY A 180 -29.04 7.51 -1.46
N GLU A 181 -29.64 6.61 -2.27
CA GLU A 181 -29.60 6.69 -3.73
C GLU A 181 -30.90 7.17 -4.37
N PHE A 182 -30.79 7.87 -5.50
CA PHE A 182 -31.99 8.38 -6.22
C PHE A 182 -32.08 7.74 -7.59
N LEU A 183 -33.21 7.89 -8.28
CA LEU A 183 -33.39 7.32 -9.63
C LEU A 183 -33.64 8.46 -10.62
N ARG A 184 -32.90 8.50 -11.73
CA ARG A 184 -33.11 9.56 -12.76
C ARG A 184 -33.66 8.95 -14.05
N TPO A 185 -33.69 7.63 -14.16
CA TPO A 185 -34.10 7.04 -15.46
CB TPO A 185 -33.98 5.50 -15.44
CG2 TPO A 185 -34.01 4.91 -16.83
OG1 TPO A 185 -32.68 5.17 -14.85
P TPO A 185 -32.55 3.96 -13.78
O1P TPO A 185 -33.09 2.72 -14.46
O2P TPO A 185 -31.07 3.84 -13.47
O3P TPO A 185 -33.36 4.39 -12.59
C TPO A 185 -35.53 7.50 -15.76
O TPO A 185 -36.38 7.41 -14.87
N SER A 186 -35.78 7.94 -16.99
CA SER A 186 -37.13 8.43 -17.37
C SER A 186 -37.91 7.23 -17.89
N CYS A 187 -38.92 6.78 -17.13
CA CYS A 187 -39.66 5.55 -17.53
C CYS A 187 -41.17 5.82 -17.50
N GLY A 188 -41.90 5.26 -18.47
CA GLY A 188 -43.37 5.39 -18.45
C GLY A 188 -43.93 6.14 -19.64
N SER A 189 -45.26 6.16 -19.77
CA SER A 189 -45.92 6.90 -20.87
C SER A 189 -45.99 8.38 -20.50
N PRO A 190 -45.87 9.37 -21.43
CA PRO A 190 -45.85 10.79 -21.00
C PRO A 190 -47.07 11.24 -20.20
N ASN A 191 -48.27 10.71 -20.53
CA ASN A 191 -49.56 11.02 -19.88
C ASN A 191 -49.62 10.62 -18.41
N TYR A 192 -48.82 9.62 -18.00
CA TYR A 192 -48.79 9.08 -16.63
C TYR A 192 -47.50 9.44 -15.86
N ALA A 193 -46.50 10.00 -16.56
CA ALA A 193 -45.21 10.39 -15.98
C ALA A 193 -45.31 11.68 -15.16
N ALA A 194 -44.65 11.68 -13.99
CA ALA A 194 -44.58 12.79 -13.04
C ALA A 194 -43.79 13.99 -13.61
N PRO A 195 -44.00 15.25 -13.12
CA PRO A 195 -43.23 16.39 -13.66
C PRO A 195 -41.70 16.35 -13.74
N GLU A 196 -41.07 15.70 -12.76
CA GLU A 196 -39.58 15.59 -12.74
C GLU A 196 -39.13 14.51 -13.72
N VAL A 197 -39.92 13.46 -13.94
CA VAL A 197 -39.58 12.44 -14.96
C VAL A 197 -39.65 13.16 -16.32
N ILE A 198 -40.72 13.92 -16.55
CA ILE A 198 -40.87 14.73 -17.76
C ILE A 198 -39.64 15.64 -17.92
N SER A 199 -39.23 16.31 -16.81
CA SER A 199 -38.08 17.22 -16.76
C SER A 199 -36.73 16.48 -16.85
N GLY A 200 -36.74 15.17 -16.60
CA GLY A 200 -35.54 14.34 -16.62
C GLY A 200 -34.63 14.59 -15.43
N ARG A 201 -35.25 14.79 -14.24
CA ARG A 201 -34.56 15.07 -12.98
C ARG A 201 -34.49 13.84 -12.06
N LEU A 202 -33.58 13.88 -11.06
CA LEU A 202 -33.40 12.81 -10.08
C LEU A 202 -34.59 12.81 -9.13
N TYR A 203 -35.04 11.61 -8.72
CA TYR A 203 -36.19 11.46 -7.83
C TYR A 203 -36.09 10.25 -6.91
N ALA A 204 -36.93 10.25 -5.86
CA ALA A 204 -37.09 9.13 -4.94
C ALA A 204 -38.18 8.27 -5.60
N GLY A 205 -38.19 6.98 -5.30
CA GLY A 205 -39.13 6.06 -5.91
C GLY A 205 -40.63 6.24 -5.69
N PRO A 206 -41.14 6.32 -4.44
CA PRO A 206 -42.60 6.30 -4.22
C PRO A 206 -43.47 7.41 -4.81
N GLU A 207 -43.07 8.69 -4.72
CA GLU A 207 -43.91 9.81 -5.21
C GLU A 207 -44.15 9.77 -6.74
N VAL A 208 -43.28 9.09 -7.49
CA VAL A 208 -43.38 8.92 -8.94
C VAL A 208 -44.53 7.97 -9.28
N ASP A 209 -44.66 6.87 -8.50
CA ASP A 209 -45.74 5.89 -8.66
C ASP A 209 -47.09 6.44 -8.21
N ILE A 210 -47.10 7.33 -7.19
CA ILE A 210 -48.31 7.98 -6.66
C ILE A 210 -48.93 8.91 -7.70
N TRP A 211 -48.09 9.66 -8.47
CA TRP A 211 -48.54 10.55 -9.55
C TRP A 211 -49.31 9.73 -10.59
N SER A 212 -48.77 8.57 -10.98
CA SER A 212 -49.36 7.65 -11.94
C SER A 212 -50.70 7.10 -11.43
N CYS A 213 -50.80 6.82 -10.12
CA CYS A 213 -52.02 6.35 -9.46
C CYS A 213 -53.09 7.46 -9.45
N GLY A 214 -52.65 8.71 -9.38
CA GLY A 214 -53.52 9.88 -9.42
C GLY A 214 -54.19 10.03 -10.78
N VAL A 215 -53.43 9.73 -11.85
CA VAL A 215 -53.91 9.76 -13.24
C VAL A 215 -54.91 8.60 -13.44
N ILE A 216 -54.62 7.41 -12.86
CA ILE A 216 -55.47 6.20 -12.91
C ILE A 216 -56.82 6.48 -12.24
N LEU A 217 -56.81 7.13 -11.05
CA LEU A 217 -58.03 7.49 -10.31
C LEU A 217 -58.87 8.49 -11.12
N TYR A 218 -58.21 9.47 -11.78
CA TYR A 218 -58.89 10.46 -12.64
C TYR A 218 -59.52 9.75 -13.85
N ALA A 219 -58.76 8.83 -14.49
CA ALA A 219 -59.22 8.05 -15.64
C ALA A 219 -60.38 7.13 -15.29
N LEU A 220 -60.37 6.54 -14.08
CA LEU A 220 -61.44 5.67 -13.61
C LEU A 220 -62.76 6.43 -13.46
N LEU A 221 -62.73 7.54 -12.70
CA LEU A 221 -63.88 8.38 -12.39
C LEU A 221 -64.40 9.28 -13.52
N CYS A 222 -63.55 9.66 -14.49
CA CYS A 222 -63.94 10.57 -15.59
C CYS A 222 -64.04 9.89 -16.95
N GLY A 223 -63.11 8.97 -17.25
CA GLY A 223 -63.05 8.29 -18.53
C GLY A 223 -62.20 9.04 -19.53
N THR A 224 -61.40 9.99 -19.03
CA THR A 224 -60.49 10.85 -19.80
C THR A 224 -59.19 11.08 -18.99
N LEU A 225 -58.15 11.63 -19.63
CA LEU A 225 -56.87 11.91 -18.97
C LEU A 225 -56.80 13.35 -18.44
N PRO A 226 -56.19 13.60 -17.25
CA PRO A 226 -56.11 14.98 -16.73
C PRO A 226 -55.13 15.87 -17.48
N PHE A 227 -54.12 15.25 -18.09
CA PHE A 227 -53.08 15.92 -18.88
C PHE A 227 -52.96 15.20 -20.21
N ASP A 228 -53.59 15.77 -21.25
CA ASP A 228 -53.59 15.20 -22.60
C ASP A 228 -53.59 16.31 -23.65
N ASP A 229 -52.80 16.11 -24.72
CA ASP A 229 -52.64 17.03 -25.85
C ASP A 229 -51.93 16.31 -26.99
N GLU A 230 -52.26 16.68 -28.25
CA GLU A 230 -51.64 16.12 -29.44
C GLU A 230 -50.17 16.56 -29.57
N HIS A 231 -49.90 17.87 -29.32
CA HIS A 231 -48.57 18.46 -29.36
C HIS A 231 -47.85 18.10 -28.05
N VAL A 232 -46.83 17.22 -28.15
CA VAL A 232 -46.01 16.68 -27.05
C VAL A 232 -45.42 17.82 -26.15
N PRO A 233 -44.76 18.90 -26.68
CA PRO A 233 -44.24 19.95 -25.76
C PRO A 233 -45.30 20.65 -24.93
N THR A 234 -46.54 20.79 -25.46
CA THR A 234 -47.68 21.40 -24.74
C THR A 234 -48.15 20.46 -23.62
N LEU A 235 -48.20 19.14 -23.91
CA LEU A 235 -48.58 18.09 -22.97
C LEU A 235 -47.73 18.05 -21.69
N PHE A 236 -46.39 18.17 -21.85
CA PHE A 236 -45.41 18.22 -20.77
C PHE A 236 -45.41 19.57 -20.00
N LYS A 237 -45.87 20.64 -20.70
CA LYS A 237 -46.04 21.98 -20.13
C LYS A 237 -47.26 21.88 -19.21
N LYS A 238 -48.28 21.09 -19.62
CA LYS A 238 -49.51 20.85 -18.86
C LYS A 238 -49.20 20.06 -17.57
N ILE A 239 -48.29 19.07 -17.64
CA ILE A 239 -47.85 18.24 -16.52
C ILE A 239 -47.03 19.08 -15.52
N ARG A 240 -46.11 19.92 -16.04
CA ARG A 240 -45.24 20.81 -15.25
C ARG A 240 -46.05 21.92 -14.54
N GLY A 241 -47.15 22.35 -15.16
CA GLY A 241 -48.05 23.37 -14.62
C GLY A 241 -49.00 22.82 -13.58
N GLY A 242 -49.37 21.55 -13.74
CA GLY A 242 -50.27 20.82 -12.85
C GLY A 242 -51.70 21.30 -12.87
N VAL A 243 -52.13 21.93 -13.98
CA VAL A 243 -53.48 22.45 -14.16
C VAL A 243 -54.31 21.43 -14.93
N PHE A 244 -55.38 20.93 -14.29
CA PHE A 244 -56.30 19.93 -14.84
C PHE A 244 -57.74 20.23 -14.45
N TYR A 245 -58.70 19.85 -15.32
CA TYR A 245 -60.13 20.05 -15.11
C TYR A 245 -60.69 19.10 -14.05
N ILE A 246 -61.46 19.65 -13.11
CA ILE A 246 -62.14 18.85 -12.09
C ILE A 246 -63.64 18.96 -12.42
N PRO A 247 -64.21 17.93 -13.09
CA PRO A 247 -65.63 17.99 -13.48
C PRO A 247 -66.62 18.11 -12.34
N GLU A 248 -67.78 18.73 -12.63
CA GLU A 248 -68.87 19.02 -11.69
C GLU A 248 -69.50 17.77 -11.06
N TYR A 249 -69.44 16.59 -11.74
CA TYR A 249 -70.00 15.35 -11.21
C TYR A 249 -69.15 14.75 -10.07
N LEU A 250 -67.86 15.11 -10.00
CA LEU A 250 -66.97 14.65 -8.93
C LEU A 250 -67.27 15.36 -7.62
N ASN A 251 -67.40 14.60 -6.52
CA ASN A 251 -67.68 15.13 -5.19
C ASN A 251 -66.47 15.90 -4.64
N ARG A 252 -66.72 16.86 -3.72
CA ARG A 252 -65.69 17.71 -3.10
C ARG A 252 -64.58 16.92 -2.40
N SER A 253 -64.91 15.76 -1.80
CA SER A 253 -63.97 14.88 -1.09
C SER A 253 -62.94 14.23 -2.03
N VAL A 254 -63.39 13.59 -3.13
CA VAL A 254 -62.49 12.93 -4.09
C VAL A 254 -61.64 13.97 -4.87
N ALA A 255 -62.18 15.20 -5.07
CA ALA A 255 -61.49 16.30 -5.76
C ALA A 255 -60.21 16.71 -5.01
N THR A 256 -60.27 16.76 -3.66
CA THR A 256 -59.12 17.11 -2.81
C THR A 256 -58.05 16.03 -2.82
N LEU A 257 -58.47 14.74 -2.89
CA LEU A 257 -57.55 13.58 -2.94
C LEU A 257 -56.75 13.62 -4.24
N LEU A 258 -57.42 13.89 -5.38
CA LEU A 258 -56.79 14.00 -6.70
C LEU A 258 -55.80 15.17 -6.74
N MET A 259 -56.19 16.31 -6.14
CA MET A 259 -55.38 17.53 -6.04
C MET A 259 -54.11 17.31 -5.23
N HIS A 260 -54.19 16.47 -4.19
CA HIS A 260 -53.00 16.16 -3.35
C HIS A 260 -52.10 15.13 -4.06
N MET A 261 -52.70 14.09 -4.64
CA MET A 261 -51.92 13.04 -5.36
C MET A 261 -51.22 13.63 -6.59
N LEU A 262 -51.85 14.58 -7.27
CA LEU A 262 -51.29 15.16 -8.52
C LEU A 262 -50.56 16.47 -8.21
N GLN A 263 -50.10 16.64 -6.97
CA GLN A 263 -49.33 17.84 -6.58
C GLN A 263 -48.02 17.92 -7.38
N VAL A 264 -47.74 19.05 -8.01
CA VAL A 264 -46.51 19.28 -8.79
C VAL A 264 -45.24 19.06 -7.94
N ASP A 265 -45.23 19.63 -6.71
CA ASP A 265 -44.13 19.53 -5.77
C ASP A 265 -44.10 18.10 -5.17
N PRO A 266 -42.99 17.34 -5.33
CA PRO A 266 -42.95 15.97 -4.77
C PRO A 266 -42.98 15.92 -3.23
N LEU A 267 -42.47 16.99 -2.56
CA LEU A 267 -42.44 17.09 -1.10
C LEU A 267 -43.84 17.39 -0.56
N LYS A 268 -44.66 18.13 -1.34
CA LYS A 268 -46.03 18.50 -1.00
C LYS A 268 -47.03 17.42 -1.45
N ARG A 269 -46.57 16.50 -2.34
CA ARG A 269 -47.36 15.39 -2.89
C ARG A 269 -47.78 14.41 -1.80
N ALA A 270 -48.98 13.83 -1.95
CA ALA A 270 -49.56 12.86 -1.03
C ALA A 270 -48.77 11.56 -0.98
N THR A 271 -48.70 10.95 0.20
CA THR A 271 -48.04 9.65 0.44
C THR A 271 -49.15 8.60 0.57
N ILE A 272 -48.79 7.29 0.57
CA ILE A 272 -49.77 6.21 0.73
C ILE A 272 -50.47 6.36 2.10
N LYS A 273 -49.71 6.79 3.13
CA LYS A 273 -50.20 7.06 4.49
C LYS A 273 -51.26 8.17 4.49
N ASP A 274 -51.06 9.22 3.65
CA ASP A 274 -51.99 10.33 3.49
C ASP A 274 -53.29 9.87 2.83
N ILE A 275 -53.18 9.01 1.78
CA ILE A 275 -54.31 8.46 1.03
C ILE A 275 -55.13 7.52 1.93
N ARG A 276 -54.44 6.64 2.70
CA ARG A 276 -55.06 5.69 3.65
C ARG A 276 -55.89 6.40 4.72
N GLU A 277 -55.46 7.61 5.11
CA GLU A 277 -56.12 8.46 6.11
C GLU A 277 -57.28 9.28 5.54
N HIS A 278 -57.29 9.52 4.20
CA HIS A 278 -58.32 10.29 3.50
C HIS A 278 -59.70 9.65 3.61
N GLU A 279 -60.71 10.46 4.00
CA GLU A 279 -62.11 10.06 4.23
C GLU A 279 -62.77 9.36 3.05
N TRP A 280 -62.49 9.78 1.81
CA TRP A 280 -63.05 9.17 0.60
C TRP A 280 -62.51 7.76 0.40
N PHE A 281 -61.19 7.58 0.56
CA PHE A 281 -60.51 6.29 0.40
C PHE A 281 -60.89 5.28 1.48
N LYS A 282 -61.10 5.76 2.73
CA LYS A 282 -61.45 4.96 3.91
C LYS A 282 -62.75 4.16 3.75
N GLN A 283 -63.74 4.72 3.03
CA GLN A 283 -65.07 4.12 2.84
C GLN A 283 -65.05 2.72 2.21
N GLY A 284 -65.59 1.75 2.96
CA GLY A 284 -65.70 0.35 2.57
C GLY A 284 -64.40 -0.37 2.28
N LEU A 285 -63.28 0.14 2.83
CA LEU A 285 -61.95 -0.43 2.63
C LEU A 285 -61.78 -1.72 3.45
N PRO A 286 -61.55 -2.87 2.76
CA PRO A 286 -61.36 -4.15 3.49
C PRO A 286 -60.18 -4.11 4.46
N SER A 287 -60.34 -4.74 5.63
CA SER A 287 -59.34 -4.78 6.71
C SER A 287 -58.13 -5.72 6.46
N TYR A 288 -58.04 -6.34 5.26
CA TYR A 288 -56.94 -7.25 4.92
C TYR A 288 -56.01 -6.73 3.81
N LEU A 289 -56.29 -5.53 3.26
CA LEU A 289 -55.49 -4.97 2.16
C LEU A 289 -54.17 -4.32 2.59
N PHE A 290 -54.14 -3.58 3.71
CA PHE A 290 -52.95 -2.85 4.17
C PHE A 290 -52.37 -3.37 5.50
N PRO A 291 -51.04 -3.34 5.75
CA PRO A 291 -50.48 -3.74 7.06
C PRO A 291 -51.00 -2.95 8.26
N GLU A 292 -50.78 -3.45 9.48
CA GLU A 292 -51.27 -2.79 10.71
C GLU A 292 -52.79 -2.66 10.64
N ASP A 293 -53.47 -3.68 10.10
CA ASP A 293 -54.96 -3.66 10.00
C ASP A 293 -55.50 -4.91 10.69
N PRO A 294 -56.66 -4.85 11.38
CA PRO A 294 -57.19 -6.00 12.13
C PRO A 294 -57.09 -7.35 11.40
N SER A 295 -57.50 -7.40 10.12
CA SER A 295 -57.50 -8.68 9.41
C SER A 295 -56.18 -9.05 8.70
N TYR A 296 -55.25 -8.08 8.52
CA TYR A 296 -53.96 -8.29 7.84
C TYR A 296 -53.08 -9.35 8.51
N ASP A 297 -52.87 -9.23 9.84
CA ASP A 297 -52.04 -10.16 10.62
C ASP A 297 -52.57 -11.60 10.63
N ALA A 298 -53.90 -11.77 10.47
CA ALA A 298 -54.58 -13.07 10.45
C ALA A 298 -54.68 -13.69 9.05
N ASN A 299 -54.67 -12.87 7.98
CA ASN A 299 -54.81 -13.34 6.59
C ASN A 299 -53.51 -13.33 5.77
N VAL A 300 -52.46 -12.60 6.21
CA VAL A 300 -51.17 -12.51 5.49
C VAL A 300 -50.00 -13.11 6.30
N ILE A 301 -49.25 -14.03 5.67
CA ILE A 301 -48.07 -14.67 6.27
C ILE A 301 -46.89 -13.69 6.25
N ASP A 302 -46.27 -13.47 7.41
CA ASP A 302 -45.11 -12.56 7.51
C ASP A 302 -43.92 -13.20 6.80
N ASP A 303 -43.14 -12.40 6.07
CA ASP A 303 -41.97 -12.92 5.32
C ASP A 303 -40.95 -13.50 6.32
N GLU A 304 -40.78 -12.80 7.46
CA GLU A 304 -39.81 -13.19 8.52
C GLU A 304 -40.00 -14.66 8.89
N ALA A 305 -39.00 -15.48 8.56
CA ALA A 305 -39.04 -16.93 8.87
C ALA A 305 -37.97 -17.23 9.93
N VAL A 306 -38.38 -17.87 11.03
CA VAL A 306 -37.44 -18.22 12.13
C VAL A 306 -37.76 -19.64 12.61
N GLU A 317 -35.12 -22.73 9.09
CA GLU A 317 -35.32 -22.83 7.64
C GLU A 317 -36.51 -23.73 7.28
N SER A 318 -36.78 -24.78 8.08
CA SER A 318 -37.89 -25.72 7.88
C SER A 318 -39.24 -25.05 8.13
N GLU A 319 -40.23 -25.33 7.25
CA GLU A 319 -41.57 -24.75 7.33
C GLU A 319 -42.57 -25.65 8.06
N VAL A 320 -43.27 -25.06 9.05
CA VAL A 320 -44.29 -25.75 9.86
C VAL A 320 -45.59 -24.95 9.83
N MET A 321 -46.63 -25.49 9.18
CA MET A 321 -47.94 -24.84 9.03
C MET A 321 -49.10 -25.75 9.39
N ASN A 322 -50.16 -25.15 10.00
CA ASN A 322 -51.40 -25.79 10.47
C ASN A 322 -51.15 -26.88 11.54
N SER A 323 -50.04 -26.73 12.29
CA SER A 323 -49.62 -27.61 13.38
C SER A 323 -49.10 -26.74 14.53
N LEU A 324 -49.52 -27.06 15.77
CA LEU A 324 -49.16 -26.32 16.99
C LEU A 324 -47.66 -26.21 17.23
N TYR A 325 -47.18 -24.96 17.49
CA TYR A 325 -45.78 -24.58 17.72
C TYR A 325 -44.85 -24.93 16.57
N ALA A 336 -44.97 -20.65 18.00
CA ALA A 336 -44.03 -19.59 18.35
C ALA A 336 -43.97 -18.45 17.31
N TYR A 337 -44.52 -18.69 16.09
CA TYR A 337 -44.57 -17.68 15.02
C TYR A 337 -45.49 -16.52 15.41
N HIS A 338 -46.67 -16.85 15.99
CA HIS A 338 -47.67 -15.89 16.44
C HIS A 338 -47.20 -15.04 17.62
N LEU A 339 -46.26 -15.57 18.43
CA LEU A 339 -45.65 -14.85 19.57
C LEU A 339 -44.89 -13.62 19.06
N ILE A 340 -44.21 -13.76 17.91
CA ILE A 340 -43.47 -12.68 17.23
C ILE A 340 -44.46 -11.66 16.67
N ILE A 341 -45.59 -12.14 16.09
CA ILE A 341 -46.68 -11.32 15.53
C ILE A 341 -47.35 -10.49 16.64
N ASP A 342 -47.60 -11.11 17.82
CA ASP A 342 -48.19 -10.47 18.98
C ASP A 342 -47.26 -9.37 19.50
N ASN A 343 -45.98 -9.72 19.77
CA ASN A 343 -44.92 -8.80 20.24
C ASN A 343 -44.72 -7.62 19.29
N ARG A 344 -44.80 -7.85 17.96
CA ARG A 344 -44.68 -6.82 16.93
C ARG A 344 -45.87 -5.86 17.01
N ARG A 345 -47.09 -6.39 17.23
CA ARG A 345 -48.34 -5.63 17.35
C ARG A 345 -48.32 -4.72 18.59
N ILE A 346 -47.82 -5.22 19.72
CA ILE A 346 -47.74 -4.38 20.96
C ILE A 346 -46.80 -3.19 20.68
N MET A 347 -45.61 -3.46 20.14
CA MET A 347 -44.62 -2.38 19.87
C MET A 347 -45.17 -1.41 18.83
N ASN A 348 -45.81 -1.92 17.78
CA ASN A 348 -46.39 -1.04 16.72
C ASN A 348 -47.51 -0.18 17.31
N GLN A 349 -48.33 -0.77 18.18
CA GLN A 349 -49.44 -0.02 18.84
C GLN A 349 -48.84 1.08 19.71
N ALA A 350 -47.67 0.83 20.31
CA ALA A 350 -47.06 1.80 21.23
C ALA A 350 -46.32 2.89 20.44
N SER A 351 -47.08 3.80 19.82
CA SER A 351 -46.46 4.95 19.12
C SER A 351 -46.07 5.98 20.18
N GLU A 352 -45.30 7.01 19.81
CA GLU A 352 -44.79 8.01 20.79
C GLU A 352 -43.71 7.33 21.64
N PHE A 353 -43.49 6.03 21.44
CA PHE A 353 -42.44 5.30 22.19
C PHE A 353 -41.29 5.05 21.21
N TYR A 354 -41.62 4.73 19.96
CA TYR A 354 -40.56 4.44 18.96
C TYR A 354 -40.40 5.59 17.97
N LEU A 355 -41.40 6.48 17.87
CA LEU A 355 -41.35 7.58 16.86
C LEU A 355 -41.81 8.89 17.48
N ALA A 356 -41.40 10.01 16.90
CA ALA A 356 -41.82 11.34 17.40
C ALA A 356 -43.05 11.80 16.63
N SER A 357 -43.98 12.48 17.32
CA SER A 357 -45.21 12.97 16.69
C SER A 357 -45.10 14.46 16.33
N SER A 358 -44.88 14.76 15.03
CA SER A 358 -44.77 16.12 14.49
C SER A 358 -46.03 16.96 14.81
N PRO A 359 -45.86 18.21 15.33
CA PRO A 359 -47.03 19.02 15.70
C PRO A 359 -47.82 19.66 14.55
N PRO A 360 -49.18 19.84 14.63
CA PRO A 360 -49.90 20.54 13.56
C PRO A 360 -49.37 21.97 13.37
N GLY A 375 -53.58 22.22 27.55
CA GLY A 375 -53.73 21.62 26.21
C GLY A 375 -53.04 20.27 26.11
N LEU A 376 -51.72 20.27 25.87
CA LEU A 376 -50.94 19.01 25.76
C LEU A 376 -49.91 18.97 26.89
N LYS A 377 -49.87 17.87 27.65
CA LYS A 377 -48.86 17.72 28.73
C LYS A 377 -47.48 17.58 28.08
N PRO A 378 -46.42 18.22 28.61
CA PRO A 378 -45.06 18.06 28.07
C PRO A 378 -44.32 16.85 28.66
N HIS A 379 -43.07 16.65 28.25
CA HIS A 379 -42.26 15.55 28.77
C HIS A 379 -41.35 16.12 29.90
N PRO A 380 -41.18 15.42 31.04
CA PRO A 380 -40.34 15.99 32.13
C PRO A 380 -38.86 16.21 31.79
N GLU A 381 -38.40 15.69 30.65
CA GLU A 381 -36.97 15.81 30.29
C GLU A 381 -36.79 16.80 29.13
N ARG A 382 -37.84 17.55 28.78
CA ARG A 382 -37.69 18.60 27.73
C ARG A 382 -36.76 19.64 28.35
N MET A 383 -35.87 20.21 27.55
CA MET A 383 -34.87 21.18 28.07
C MET A 383 -35.15 22.59 27.51
N PRO A 384 -35.04 23.66 28.33
CA PRO A 384 -35.35 25.03 27.88
C PRO A 384 -34.34 25.62 26.88
N PRO A 385 -34.74 26.60 26.04
CA PRO A 385 -33.83 27.18 25.04
C PRO A 385 -32.64 27.93 25.65
N LEU A 386 -31.49 27.88 24.99
CA LEU A 386 -30.25 28.52 25.53
C LEU A 386 -30.37 30.04 25.50
N ILE A 387 -30.00 30.71 26.60
CA ILE A 387 -30.03 32.17 26.67
C ILE A 387 -28.63 32.73 26.42
N VAL A 410 -33.19 32.23 23.62
CA VAL A 410 -33.05 33.36 22.68
C VAL A 410 -31.94 33.08 21.63
N LYS A 411 -31.44 31.83 21.57
CA LYS A 411 -30.40 31.41 20.63
C LYS A 411 -30.91 30.26 19.74
N LYS A 412 -30.69 30.35 18.42
CA LYS A 412 -31.13 29.34 17.44
C LYS A 412 -30.03 29.02 16.40
N ALA A 413 -30.09 27.81 15.80
CA ALA A 413 -29.15 27.32 14.80
C ALA A 413 -29.84 26.49 13.72
N LYS A 414 -29.33 26.53 12.48
CA LYS A 414 -29.89 25.81 11.34
C LYS A 414 -28.84 24.93 10.63
N TRP A 415 -29.22 23.67 10.33
CA TRP A 415 -28.36 22.69 9.65
C TRP A 415 -28.49 22.78 8.13
N HIS A 416 -27.36 22.59 7.44
CA HIS A 416 -27.33 22.63 5.96
C HIS A 416 -26.79 21.29 5.42
N LEU A 417 -27.24 20.88 4.22
CA LEU A 417 -26.83 19.55 3.68
C LEU A 417 -25.33 19.47 3.42
N GLY A 418 -24.72 20.48 2.80
CA GLY A 418 -23.31 20.34 2.44
C GLY A 418 -22.64 21.66 2.16
N ILE A 419 -21.32 21.65 2.01
CA ILE A 419 -20.58 22.91 1.65
C ILE A 419 -21.15 23.48 0.36
N ARG A 420 -21.41 24.78 0.31
CA ARG A 420 -21.95 25.45 -0.87
C ARG A 420 -21.00 26.49 -1.45
N SER A 421 -20.78 26.41 -2.77
CA SER A 421 -19.89 27.31 -3.52
C SER A 421 -20.63 27.97 -4.68
N GLN A 422 -20.29 29.24 -4.97
CA GLN A 422 -20.88 30.01 -6.06
C GLN A 422 -19.98 30.06 -7.31
N SER A 423 -18.73 29.54 -7.18
CA SER A 423 -17.73 29.48 -8.26
C SER A 423 -18.09 28.43 -9.33
N LYS A 424 -17.34 28.43 -10.46
CA LYS A 424 -17.51 27.51 -11.60
C LYS A 424 -17.45 26.02 -11.20
N PRO A 425 -18.23 25.11 -11.84
CA PRO A 425 -18.23 23.69 -11.43
C PRO A 425 -16.88 22.97 -11.51
N TYR A 426 -16.04 23.29 -12.50
CA TYR A 426 -14.72 22.67 -12.64
C TYR A 426 -13.69 23.29 -11.69
N ASP A 427 -13.95 24.53 -11.21
CA ASP A 427 -13.10 25.24 -10.25
C ASP A 427 -13.25 24.58 -8.87
N ILE A 428 -14.47 24.08 -8.57
CA ILE A 428 -14.81 23.37 -7.33
C ILE A 428 -14.13 21.99 -7.36
N MET A 429 -14.33 21.23 -8.46
CA MET A 429 -13.77 19.88 -8.66
C MET A 429 -12.25 19.83 -8.57
N ALA A 430 -11.56 20.86 -9.13
CA ALA A 430 -10.10 20.97 -9.10
C ALA A 430 -9.58 21.09 -7.66
N GLU A 431 -10.32 21.84 -6.81
CA GLU A 431 -10.01 22.06 -5.40
C GLU A 431 -10.21 20.77 -4.60
N VAL A 432 -11.16 19.90 -5.03
CA VAL A 432 -11.48 18.61 -4.40
C VAL A 432 -10.31 17.64 -4.60
N TYR A 433 -9.78 17.53 -5.86
CA TYR A 433 -8.64 16.66 -6.20
C TYR A 433 -7.36 17.07 -5.47
N ARG A 434 -7.15 18.39 -5.28
CA ARG A 434 -5.99 18.95 -4.58
C ARG A 434 -6.05 18.66 -3.09
N ALA A 435 -7.26 18.72 -2.50
CA ALA A 435 -7.52 18.46 -1.08
C ALA A 435 -7.35 16.98 -0.72
N MET A 436 -7.81 16.07 -1.61
CA MET A 436 -7.74 14.62 -1.43
C MET A 436 -6.31 14.10 -1.52
N LYS A 437 -5.52 14.58 -2.51
CA LYS A 437 -4.13 14.20 -2.72
C LYS A 437 -3.24 14.63 -1.54
N GLN A 438 -3.57 15.77 -0.94
CA GLN A 438 -2.81 16.26 0.24
C GLN A 438 -3.16 15.36 1.43
N LEU A 439 -4.37 14.79 1.41
CA LEU A 439 -4.83 13.91 2.52
C LEU A 439 -4.52 12.44 2.17
N ASP A 440 -3.82 12.21 1.05
CA ASP A 440 -3.43 10.83 0.63
C ASP A 440 -4.69 9.96 0.44
N PHE A 441 -5.75 10.52 -0.14
CA PHE A 441 -6.98 9.73 -0.41
C PHE A 441 -6.87 9.02 -1.76
N GLU A 442 -7.47 7.84 -1.88
CA GLU A 442 -7.50 7.12 -3.19
C GLU A 442 -8.93 7.21 -3.75
N TRP A 443 -9.11 7.82 -4.92
CA TRP A 443 -10.45 7.99 -5.49
C TRP A 443 -10.66 7.32 -6.86
N LYS A 444 -11.93 7.08 -7.21
CA LYS A 444 -12.36 6.49 -8.48
C LYS A 444 -13.30 7.46 -9.20
N VAL A 445 -12.99 7.78 -10.47
CA VAL A 445 -13.79 8.70 -11.28
C VAL A 445 -14.96 7.98 -11.94
N VAL A 446 -16.14 8.03 -11.29
CA VAL A 446 -17.38 7.42 -11.78
C VAL A 446 -18.04 8.38 -12.80
N ASN A 447 -18.01 9.67 -12.47
CA ASN A 447 -18.53 10.74 -13.37
C ASN A 447 -17.66 11.97 -13.11
N ALA A 448 -17.74 13.00 -13.98
CA ALA A 448 -16.94 14.23 -13.80
C ALA A 448 -17.32 14.91 -12.49
N TYR A 449 -18.56 14.74 -12.04
CA TYR A 449 -19.05 15.32 -10.80
C TYR A 449 -19.39 14.26 -9.73
N HIS A 450 -18.96 13.00 -9.93
CA HIS A 450 -19.22 11.90 -9.00
C HIS A 450 -17.97 11.03 -8.78
N LEU A 451 -17.48 10.99 -7.52
CA LEU A 451 -16.28 10.24 -7.13
C LEU A 451 -16.51 9.23 -6.01
N ARG A 452 -15.75 8.12 -6.03
CA ARG A 452 -15.77 7.07 -5.01
C ARG A 452 -14.42 7.16 -4.27
N VAL A 453 -14.42 7.87 -3.12
CA VAL A 453 -13.23 8.15 -2.31
C VAL A 453 -12.98 7.12 -1.19
N ARG A 454 -11.69 6.82 -0.94
CA ARG A 454 -11.20 5.86 0.06
C ARG A 454 -10.03 6.46 0.86
N ARG A 455 -9.89 6.03 2.14
CA ARG A 455 -8.83 6.43 3.08
C ARG A 455 -8.63 5.32 4.12
N LYS A 456 -7.36 4.92 4.34
CA LYS A 456 -7.03 3.89 5.33
C LYS A 456 -6.79 4.54 6.69
N ASN A 457 -7.57 4.13 7.71
CA ASN A 457 -7.45 4.65 9.08
C ASN A 457 -6.20 4.02 9.74
N PRO A 458 -5.31 4.82 10.36
CA PRO A 458 -4.07 4.26 10.92
C PRO A 458 -4.22 3.39 12.16
N VAL A 459 -5.11 3.79 13.09
CA VAL A 459 -5.32 3.08 14.36
C VAL A 459 -6.08 1.77 14.14
N THR A 460 -7.29 1.84 13.54
CA THR A 460 -8.16 0.68 13.31
C THR A 460 -7.61 -0.30 12.26
N GLY A 461 -6.84 0.21 11.31
CA GLY A 461 -6.26 -0.57 10.22
C GLY A 461 -7.31 -1.01 9.21
N ASN A 462 -8.36 -0.19 9.05
CA ASN A 462 -9.48 -0.44 8.13
C ASN A 462 -9.60 0.69 7.09
N TYR A 463 -10.36 0.44 6.02
CA TYR A 463 -10.59 1.41 4.94
C TYR A 463 -11.94 2.10 5.11
N VAL A 464 -11.94 3.44 4.97
CA VAL A 464 -13.12 4.30 5.08
C VAL A 464 -13.52 4.73 3.67
N LYS A 465 -14.71 4.28 3.22
CA LYS A 465 -15.22 4.58 1.88
C LYS A 465 -16.40 5.56 1.91
N MET A 466 -16.39 6.53 0.99
CA MET A 466 -17.42 7.55 0.85
C MET A 466 -17.60 8.01 -0.61
N SER A 467 -18.77 8.57 -0.92
CA SER A 467 -19.13 9.04 -2.26
C SER A 467 -19.40 10.55 -2.30
N LEU A 468 -18.65 11.26 -3.16
CA LEU A 468 -18.79 12.71 -3.37
C LEU A 468 -19.56 12.99 -4.65
N GLN A 469 -20.51 13.97 -4.60
CA GLN A 469 -21.33 14.34 -5.75
C GLN A 469 -21.66 15.84 -5.76
N LEU A 470 -21.33 16.52 -6.88
CA LEU A 470 -21.63 17.95 -7.03
C LEU A 470 -23.02 18.12 -7.65
N TYR A 471 -23.85 18.95 -7.01
CA TYR A 471 -25.23 19.19 -7.51
C TYR A 471 -25.46 20.67 -7.80
N LEU A 472 -26.57 20.99 -8.47
CA LEU A 472 -26.91 22.42 -8.74
C LEU A 472 -28.03 22.91 -7.83
N VAL A 473 -27.68 23.67 -6.78
CA VAL A 473 -28.72 24.25 -5.88
C VAL A 473 -29.57 25.25 -6.66
N ASP A 474 -28.91 26.21 -7.33
CA ASP A 474 -29.62 27.24 -8.14
C ASP A 474 -28.70 27.58 -9.32
N ASN A 475 -29.08 28.55 -10.15
CA ASN A 475 -28.27 28.83 -11.37
C ASN A 475 -26.85 29.27 -10.96
N ARG A 476 -26.73 30.10 -9.93
CA ARG A 476 -25.40 30.61 -9.50
C ARG A 476 -24.91 29.86 -8.26
N SER A 477 -25.65 28.87 -7.77
CA SER A 477 -25.26 28.20 -6.50
C SER A 477 -25.03 26.71 -6.70
N TYR A 478 -23.97 26.15 -6.10
CA TYR A 478 -23.70 24.71 -6.18
C TYR A 478 -23.57 24.08 -4.78
N LEU A 479 -23.50 22.73 -4.71
CA LEU A 479 -23.38 21.98 -3.45
C LEU A 479 -22.59 20.69 -3.64
N LEU A 480 -21.67 20.39 -2.70
CA LEU A 480 -20.88 19.16 -2.70
C LEU A 480 -21.48 18.22 -1.64
N ASP A 481 -22.09 17.12 -2.08
CA ASP A 481 -22.75 16.13 -1.23
C ASP A 481 -21.78 15.05 -0.75
N PHE A 482 -21.84 14.74 0.55
CA PHE A 482 -21.01 13.72 1.20
C PHE A 482 -21.93 12.58 1.64
N LYS A 483 -21.63 11.33 1.22
CA LYS A 483 -22.44 10.15 1.54
C LYS A 483 -21.55 8.94 1.85
N SER A 484 -21.80 8.28 3.00
CA SER A 484 -21.02 7.12 3.45
C SER A 484 -21.34 5.84 2.68
N ILE A 485 -20.31 4.98 2.52
CA ILE A 485 -20.42 3.68 1.86
C ILE A 485 -20.37 2.58 2.93
N ASP A 486 -21.52 1.94 3.18
CA ASP A 486 -21.68 0.87 4.16
C ASP A 486 -21.17 -0.47 3.62
N ASP A 487 -19.87 -0.74 3.79
CA ASP A 487 -19.18 -1.94 3.31
C ASP A 487 -17.95 -2.31 4.15
N GLU A 488 -17.34 -3.49 3.87
CA GLU A 488 -16.16 -4.00 4.56
C GLU A 488 -15.21 -4.67 3.56
N PRO A 543 -16.45 -1.49 11.61
CA PRO A 543 -15.20 -1.32 12.34
C PRO A 543 -15.36 -1.66 13.83
N ARG A 544 -15.10 -2.93 14.19
CA ARG A 544 -15.26 -3.37 15.61
C ARG A 544 -14.35 -2.52 16.50
N LEU A 545 -13.08 -2.36 16.12
CA LEU A 545 -12.11 -1.61 16.96
C LEU A 545 -12.57 -0.16 17.10
N GLY A 546 -13.04 0.46 16.02
CA GLY A 546 -13.44 1.88 16.08
C GLY A 546 -14.94 2.08 15.91
N SER A 547 -15.34 2.91 14.94
CA SER A 547 -16.75 3.20 14.70
C SER A 547 -16.93 3.69 13.26
N HIS A 548 -17.81 3.03 12.50
CA HIS A 548 -18.08 3.33 11.08
C HIS A 548 -18.60 4.75 10.84
N THR A 549 -19.55 5.22 11.68
CA THR A 549 -20.14 6.55 11.59
C THR A 549 -19.10 7.64 11.94
N MET A 550 -18.25 7.37 12.94
CA MET A 550 -17.18 8.27 13.38
C MET A 550 -16.10 8.37 12.30
N ASP A 551 -15.83 7.26 11.59
CA ASP A 551 -14.85 7.18 10.50
C ASP A 551 -15.27 8.07 9.34
N PHE A 552 -16.58 8.10 9.03
CA PHE A 552 -17.15 8.90 7.96
C PHE A 552 -17.09 10.40 8.31
N PHE A 553 -17.50 10.76 9.55
CA PHE A 553 -17.49 12.14 10.03
C PHE A 553 -16.08 12.74 10.03
N GLU A 554 -15.09 11.96 10.50
CA GLU A 554 -13.67 12.37 10.55
C GLU A 554 -13.03 12.50 9.17
N MET A 555 -13.49 11.69 8.19
CA MET A 555 -13.00 11.75 6.81
C MET A 555 -13.59 13.01 6.14
N CYS A 556 -14.85 13.35 6.47
CA CYS A 556 -15.55 14.54 5.98
C CYS A 556 -14.95 15.81 6.55
N ALA A 557 -14.70 15.84 7.87
CA ALA A 557 -14.12 16.97 8.60
C ALA A 557 -12.73 17.35 8.07
N SER A 558 -11.92 16.34 7.67
CA SER A 558 -10.59 16.52 7.10
C SER A 558 -10.67 17.21 5.73
N LEU A 559 -11.65 16.81 4.88
CA LEU A 559 -11.87 17.37 3.55
C LEU A 559 -12.40 18.81 3.60
N ILE A 560 -13.43 19.07 4.46
CA ILE A 560 -14.06 20.38 4.62
C ILE A 560 -13.05 21.45 5.10
N THR A 561 -12.21 21.10 6.10
CA THR A 561 -11.18 21.99 6.65
C THR A 561 -10.09 22.34 5.63
N THR A 562 -9.65 21.36 4.81
CA THR A 562 -8.63 21.53 3.77
C THR A 562 -9.14 22.49 2.67
N LEU A 563 -10.43 22.37 2.30
CA LEU A 563 -11.08 23.22 1.30
C LEU A 563 -11.30 24.65 1.83
N ALA A 564 -11.34 24.80 3.19
CA ALA A 564 -11.52 26.05 3.96
C ALA A 564 -12.79 26.81 3.58
N ALA B 77 -36.46 -33.62 -19.26
CA ALA B 77 -36.83 -32.82 -20.42
C ALA B 77 -35.82 -31.72 -20.71
N ARG B 78 -35.48 -31.53 -22.00
CA ARG B 78 -34.51 -30.54 -22.46
C ARG B 78 -35.04 -29.77 -23.70
N PRO B 79 -35.90 -28.74 -23.50
CA PRO B 79 -36.47 -28.01 -24.66
C PRO B 79 -35.52 -27.10 -25.42
N THR B 80 -35.57 -27.18 -26.77
CA THR B 80 -34.76 -26.37 -27.69
C THR B 80 -35.69 -25.72 -28.73
N VAL B 81 -35.65 -24.38 -28.80
CA VAL B 81 -36.50 -23.56 -29.68
C VAL B 81 -35.85 -23.34 -31.05
N PHE B 82 -36.60 -23.64 -32.14
CA PHE B 82 -36.19 -23.43 -33.52
C PHE B 82 -37.19 -22.47 -34.18
N ARG B 83 -36.84 -21.18 -34.17
CA ARG B 83 -37.68 -20.09 -34.69
C ARG B 83 -37.17 -19.54 -36.02
N TRP B 84 -38.00 -19.60 -37.06
CA TRP B 84 -37.67 -19.05 -38.38
C TRP B 84 -38.27 -17.65 -38.50
N THR B 85 -37.41 -16.63 -38.38
CA THR B 85 -37.78 -15.21 -38.42
C THR B 85 -38.09 -14.70 -39.82
N GLY B 86 -37.44 -15.27 -40.83
CA GLY B 86 -37.61 -14.90 -42.24
C GLY B 86 -38.98 -15.18 -42.82
N GLY B 87 -39.21 -14.66 -44.02
CA GLY B 87 -40.47 -14.81 -44.74
C GLY B 87 -40.69 -16.20 -45.33
N GLY B 88 -41.89 -16.41 -45.90
CA GLY B 88 -42.20 -17.71 -46.51
C GLY B 88 -43.62 -18.16 -46.21
N LYS B 89 -44.21 -19.00 -47.08
CA LYS B 89 -45.57 -19.55 -46.82
C LYS B 89 -45.48 -21.04 -46.47
N GLU B 90 -44.28 -21.62 -46.47
CA GLU B 90 -44.11 -23.07 -46.20
C GLU B 90 -42.70 -23.31 -45.68
N VAL B 91 -42.56 -23.74 -44.42
CA VAL B 91 -41.22 -23.87 -43.82
C VAL B 91 -41.04 -25.21 -43.11
N TYR B 92 -39.93 -25.91 -43.40
CA TYR B 92 -39.57 -27.21 -42.82
C TYR B 92 -38.22 -27.14 -42.11
N LEU B 93 -38.07 -27.90 -41.01
CA LEU B 93 -36.83 -28.00 -40.25
C LEU B 93 -36.20 -29.37 -40.53
N SER B 94 -34.93 -29.34 -40.95
CA SER B 94 -34.16 -30.54 -41.26
C SER B 94 -32.80 -30.43 -40.59
N GLY B 95 -32.49 -31.39 -39.71
CA GLY B 95 -31.24 -31.40 -38.96
C GLY B 95 -30.67 -32.77 -38.69
N SER B 96 -29.46 -32.81 -38.10
CA SER B 96 -28.79 -34.09 -37.80
C SER B 96 -29.59 -34.95 -36.82
N PHE B 97 -30.36 -34.31 -35.94
CA PHE B 97 -31.17 -35.05 -34.94
C PHE B 97 -32.38 -35.75 -35.60
N ASN B 98 -32.84 -35.20 -36.73
CA ASN B 98 -33.98 -35.80 -37.47
C ASN B 98 -33.41 -36.52 -38.69
N ASN B 99 -32.09 -36.78 -38.69
CA ASN B 99 -31.44 -37.49 -39.83
C ASN B 99 -31.74 -36.77 -41.14
N TRP B 100 -31.74 -35.44 -41.12
CA TRP B 100 -31.96 -34.63 -42.36
C TRP B 100 -33.32 -34.92 -43.00
N SER B 101 -34.38 -35.04 -42.17
CA SER B 101 -35.74 -35.21 -42.67
C SER B 101 -36.54 -33.93 -42.40
N LYS B 102 -37.41 -33.55 -43.35
CA LYS B 102 -38.21 -32.33 -43.29
C LYS B 102 -39.36 -32.39 -42.28
N LEU B 103 -39.29 -31.57 -41.21
CA LEU B 103 -40.30 -31.48 -40.15
C LEU B 103 -41.11 -30.17 -40.32
N PRO B 104 -42.46 -30.25 -40.47
CA PRO B 104 -43.25 -29.02 -40.66
C PRO B 104 -43.28 -28.09 -39.43
N LEU B 105 -43.25 -26.77 -39.68
CA LEU B 105 -43.28 -25.75 -38.64
C LEU B 105 -44.58 -24.96 -38.74
N THR B 106 -45.30 -24.82 -37.61
CA THR B 106 -46.58 -24.09 -37.55
C THR B 106 -46.33 -22.58 -37.49
N ARG B 107 -47.17 -21.81 -38.21
CA ARG B 107 -47.07 -20.35 -38.30
C ARG B 107 -48.09 -19.60 -37.44
N SEP B 108 -47.68 -18.43 -36.90
CA SEP B 108 -48.52 -17.54 -36.13
CB SEP B 108 -48.05 -17.27 -34.67
OG SEP B 108 -46.75 -16.65 -34.63
C SEP B 108 -48.78 -16.30 -37.00
O SEP B 108 -49.85 -16.16 -37.58
P SEP B 108 -46.62 -15.27 -33.92
O1P SEP B 108 -47.93 -14.66 -33.40
O2P SEP B 108 -45.60 -15.36 -32.79
O3P SEP B 108 -46.03 -14.30 -34.92
N HIS B 109 -47.76 -15.43 -37.12
CA HIS B 109 -47.75 -14.20 -37.93
C HIS B 109 -46.30 -13.98 -38.38
N ASN B 110 -45.90 -14.62 -39.50
CA ASN B 110 -44.55 -14.60 -40.09
C ASN B 110 -43.49 -15.23 -39.15
N ASN B 111 -43.94 -16.16 -38.26
CA ASN B 111 -43.11 -16.88 -37.30
C ASN B 111 -43.39 -18.38 -37.35
N PHE B 112 -42.42 -19.15 -37.86
CA PHE B 112 -42.51 -20.62 -37.99
C PHE B 112 -41.66 -21.23 -36.88
N VAL B 113 -42.29 -21.86 -35.87
CA VAL B 113 -41.59 -22.41 -34.71
C VAL B 113 -41.84 -23.91 -34.44
N ALA B 114 -40.96 -24.48 -33.58
CA ALA B 114 -40.98 -25.86 -33.09
C ALA B 114 -40.07 -25.97 -31.86
N ILE B 115 -40.58 -26.57 -30.78
CA ILE B 115 -39.83 -26.80 -29.55
C ILE B 115 -39.57 -28.30 -29.46
N LEU B 116 -38.28 -28.70 -29.43
CA LEU B 116 -37.89 -30.11 -29.40
C LEU B 116 -37.03 -30.49 -28.21
N ASP B 117 -37.25 -31.70 -27.65
CA ASP B 117 -36.47 -32.23 -26.54
C ASP B 117 -35.16 -32.76 -27.12
N LEU B 118 -34.05 -32.04 -26.88
CA LEU B 118 -32.73 -32.39 -27.43
C LEU B 118 -31.61 -32.57 -26.40
N PRO B 119 -30.72 -33.58 -26.57
CA PRO B 119 -29.61 -33.75 -25.62
C PRO B 119 -28.49 -32.71 -25.80
N GLU B 120 -27.52 -32.71 -24.88
CA GLU B 120 -26.35 -31.79 -24.89
C GLU B 120 -25.41 -32.07 -26.07
N GLY B 121 -24.72 -31.02 -26.51
CA GLY B 121 -23.77 -31.09 -27.62
C GLY B 121 -24.17 -30.30 -28.85
N GLU B 122 -23.28 -30.27 -29.86
CA GLU B 122 -23.49 -29.56 -31.12
C GLU B 122 -24.49 -30.27 -32.03
N HIS B 123 -25.39 -29.50 -32.66
CA HIS B 123 -26.41 -30.00 -33.58
C HIS B 123 -26.43 -29.18 -34.87
N GLN B 124 -26.25 -29.85 -36.02
CA GLN B 124 -26.27 -29.20 -37.33
C GLN B 124 -27.69 -29.20 -37.87
N TYR B 125 -28.23 -28.01 -38.20
CA TYR B 125 -29.60 -27.87 -38.71
C TYR B 125 -29.71 -26.87 -39.88
N LYS B 126 -30.76 -27.03 -40.70
CA LYS B 126 -31.04 -26.21 -41.89
C LYS B 126 -32.55 -26.02 -42.05
N PHE B 127 -32.97 -25.05 -42.89
CA PHE B 127 -34.38 -24.76 -43.15
C PHE B 127 -34.75 -24.95 -44.62
N PHE B 128 -35.97 -25.45 -44.86
CA PHE B 128 -36.51 -25.68 -46.20
C PHE B 128 -37.70 -24.75 -46.41
N VAL B 129 -37.44 -23.55 -46.97
CA VAL B 129 -38.45 -22.51 -47.18
C VAL B 129 -38.91 -22.44 -48.63
N ASP B 130 -40.22 -22.70 -48.85
CA ASP B 130 -40.93 -22.69 -50.13
C ASP B 130 -40.22 -23.51 -51.23
N GLY B 131 -39.75 -24.70 -50.86
CA GLY B 131 -39.06 -25.62 -51.75
C GLY B 131 -37.59 -25.29 -52.02
N GLN B 132 -36.99 -24.43 -51.18
CA GLN B 132 -35.59 -24.00 -51.30
C GLN B 132 -34.82 -24.17 -49.99
N TRP B 133 -33.54 -24.60 -50.08
CA TRP B 133 -32.68 -24.78 -48.91
C TRP B 133 -32.05 -23.45 -48.51
N THR B 134 -32.23 -23.06 -47.23
CA THR B 134 -31.68 -21.80 -46.69
C THR B 134 -31.31 -21.94 -45.20
N HIS B 135 -30.54 -20.96 -44.69
CA HIS B 135 -30.08 -20.91 -43.30
C HIS B 135 -30.48 -19.58 -42.64
N ASP B 136 -30.47 -19.54 -41.29
CA ASP B 136 -30.76 -18.34 -40.52
C ASP B 136 -29.41 -17.60 -40.37
N PRO B 137 -29.23 -16.43 -41.03
CA PRO B 137 -27.91 -15.75 -40.95
C PRO B 137 -27.52 -15.21 -39.58
N SER B 138 -28.49 -15.06 -38.66
CA SER B 138 -28.29 -14.56 -37.30
C SER B 138 -27.73 -15.61 -36.32
N GLU B 139 -27.56 -16.87 -36.78
CA GLU B 139 -27.06 -18.00 -35.98
C GLU B 139 -25.70 -18.53 -36.50
N PRO B 140 -24.86 -19.23 -35.67
CA PRO B 140 -23.57 -19.73 -36.17
C PRO B 140 -23.69 -20.75 -37.31
N ILE B 141 -22.70 -20.75 -38.22
CA ILE B 141 -22.67 -21.62 -39.41
C ILE B 141 -21.39 -22.45 -39.52
N VAL B 142 -21.53 -23.74 -39.91
CA VAL B 142 -20.43 -24.67 -40.18
C VAL B 142 -20.62 -25.19 -41.61
N THR B 143 -19.74 -24.75 -42.53
CA THR B 143 -19.78 -25.13 -43.94
C THR B 143 -19.10 -26.49 -44.13
N SER B 144 -19.81 -27.43 -44.78
CA SER B 144 -19.31 -28.78 -45.05
C SER B 144 -18.28 -28.80 -46.19
N GLN B 145 -17.59 -29.94 -46.36
CA GLN B 145 -16.56 -30.17 -47.38
C GLN B 145 -17.05 -30.04 -48.83
N LEU B 146 -18.35 -30.32 -49.10
CA LEU B 146 -18.97 -30.21 -50.42
C LEU B 146 -19.65 -28.85 -50.65
N GLY B 147 -19.46 -27.92 -49.70
CA GLY B 147 -20.02 -26.59 -49.75
C GLY B 147 -21.44 -26.44 -49.20
N THR B 148 -21.85 -27.39 -48.34
CA THR B 148 -23.18 -27.39 -47.73
C THR B 148 -23.13 -26.44 -46.53
N VAL B 149 -23.83 -25.30 -46.64
CA VAL B 149 -23.91 -24.28 -45.59
C VAL B 149 -25.19 -24.54 -44.75
N ASN B 150 -25.00 -24.80 -43.44
CA ASN B 150 -26.09 -25.07 -42.50
C ASN B 150 -25.74 -24.53 -41.12
N ASN B 151 -26.78 -24.14 -40.35
CA ASN B 151 -26.66 -23.61 -38.99
C ASN B 151 -26.25 -24.71 -38.02
N ILE B 152 -25.65 -24.30 -36.88
CA ILE B 152 -25.24 -25.20 -35.80
C ILE B 152 -25.54 -24.54 -34.45
N ILE B 153 -26.16 -25.28 -33.54
CA ILE B 153 -26.44 -24.75 -32.17
C ILE B 153 -25.94 -25.79 -31.16
N GLN B 154 -25.13 -25.35 -30.19
CA GLN B 154 -24.57 -26.30 -29.19
C GLN B 154 -25.42 -26.23 -27.92
N VAL B 155 -26.09 -27.32 -27.56
CA VAL B 155 -26.92 -27.36 -26.33
C VAL B 155 -25.97 -27.35 -25.14
N LYS B 156 -26.26 -26.54 -24.11
CA LYS B 156 -25.36 -26.43 -22.94
C LYS B 156 -26.16 -26.72 -21.66
N LYS B 157 -25.51 -27.36 -20.68
CA LYS B 157 -26.19 -27.64 -19.39
C LYS B 157 -26.66 -26.33 -18.75
N THR B 158 -25.91 -25.24 -18.97
CA THR B 158 -26.25 -23.96 -18.32
C THR B 158 -27.54 -23.36 -18.88
N ASP B 159 -27.86 -23.65 -20.16
CA ASP B 159 -29.03 -23.16 -20.90
C ASP B 159 -30.40 -23.56 -20.33
N PHE B 160 -30.46 -24.57 -19.43
CA PHE B 160 -31.73 -25.04 -18.88
C PHE B 160 -32.05 -24.50 -17.49
N GLU B 161 -31.03 -24.06 -16.75
CA GLU B 161 -31.26 -23.41 -15.43
C GLU B 161 -31.20 -21.91 -15.69
N VAL B 162 -32.23 -21.16 -15.29
CA VAL B 162 -32.28 -19.70 -15.66
C VAL B 162 -31.13 -18.92 -15.03
N PHE B 163 -30.83 -19.17 -13.77
CA PHE B 163 -29.78 -18.38 -13.09
C PHE B 163 -28.43 -18.69 -13.75
N ASP B 164 -28.18 -19.97 -14.06
CA ASP B 164 -26.92 -20.36 -14.75
C ASP B 164 -26.89 -19.72 -16.13
N ALA B 165 -28.03 -19.71 -16.83
CA ALA B 165 -28.10 -19.12 -18.19
C ALA B 165 -27.81 -17.62 -18.12
N LEU B 166 -28.36 -16.94 -17.12
CA LEU B 166 -28.15 -15.47 -16.97
C LEU B 166 -26.70 -15.23 -16.58
N MET B 167 -26.11 -16.15 -15.82
CA MET B 167 -24.71 -16.01 -15.38
C MET B 167 -23.79 -15.97 -16.61
N VAL B 168 -24.10 -16.78 -17.64
CA VAL B 168 -23.34 -16.88 -18.90
C VAL B 168 -23.53 -15.59 -19.72
N ASP B 169 -24.79 -15.09 -19.81
CA ASP B 169 -25.16 -13.88 -20.54
C ASP B 169 -24.47 -12.61 -20.02
N SER B 170 -24.12 -12.58 -18.72
CA SER B 170 -23.41 -11.46 -18.09
C SER B 170 -21.93 -11.50 -18.49
N GLN B 171 -21.31 -12.70 -18.44
CA GLN B 171 -19.91 -12.94 -18.79
C GLN B 171 -19.63 -12.79 -20.29
N LYS B 172 -20.59 -13.18 -21.14
CA LYS B 172 -20.48 -13.09 -22.61
C LYS B 172 -20.52 -11.66 -23.12
N CYS B 173 -21.21 -10.75 -22.40
CA CYS B 173 -21.37 -9.33 -22.74
C CYS B 173 -20.03 -8.61 -22.92
N SER B 174 -19.07 -8.85 -21.99
CA SER B 174 -17.70 -8.28 -21.97
C SER B 174 -17.66 -6.74 -22.12
N ASP B 175 -18.59 -6.04 -21.44
CA ASP B 175 -18.69 -4.58 -21.46
C ASP B 175 -18.80 -4.01 -20.05
N PRO B 184 -14.94 0.39 -12.12
CA PRO B 184 -14.38 0.60 -13.47
C PRO B 184 -12.91 0.21 -13.58
N GLY B 185 -12.12 0.51 -12.55
CA GLY B 185 -10.70 0.20 -12.48
C GLY B 185 -10.16 0.21 -11.06
N PRO B 186 -8.82 0.39 -10.86
CA PRO B 186 -8.29 0.39 -9.49
C PRO B 186 -8.31 1.78 -8.82
N TYR B 187 -8.05 1.82 -7.49
CA TYR B 187 -8.00 3.08 -6.73
C TYR B 187 -6.73 3.84 -7.06
N HIS B 188 -6.88 5.08 -7.55
CA HIS B 188 -5.77 5.95 -7.97
C HIS B 188 -5.81 7.34 -7.35
N GLN B 189 -4.63 7.99 -7.25
CA GLN B 189 -4.47 9.35 -6.73
C GLN B 189 -4.32 10.37 -7.88
N GLU B 190 -4.80 10.01 -9.09
CA GLU B 190 -4.74 10.85 -10.29
C GLU B 190 -6.07 11.55 -10.57
N PRO B 191 -6.07 12.90 -10.78
CA PRO B 191 -7.34 13.59 -11.06
C PRO B 191 -7.89 13.32 -12.46
N TYR B 192 -9.23 13.31 -12.59
CA TYR B 192 -9.91 13.06 -13.86
C TYR B 192 -9.83 14.27 -14.78
N VAL B 193 -9.49 14.04 -16.06
CA VAL B 193 -9.37 15.08 -17.09
C VAL B 193 -10.77 15.64 -17.45
N CYS B 194 -10.84 16.94 -17.80
CA CYS B 194 -12.07 17.65 -18.16
C CYS B 194 -12.76 16.99 -19.35
N LYS B 195 -14.10 16.85 -19.27
CA LYS B 195 -14.95 16.22 -20.29
C LYS B 195 -14.80 16.85 -21.69
N PRO B 196 -14.76 16.03 -22.78
CA PRO B 196 -14.62 16.60 -24.13
C PRO B 196 -15.85 17.39 -24.58
N GLU B 197 -17.06 17.00 -24.11
CA GLU B 197 -18.31 17.67 -24.42
C GLU B 197 -18.43 19.03 -23.72
N GLU B 198 -18.08 19.09 -22.40
CA GLU B 198 -18.09 20.29 -21.54
C GLU B 198 -19.42 21.05 -21.59
N ARG B 201 -21.65 18.08 -18.77
CA ARG B 201 -21.96 19.42 -19.28
C ARG B 201 -22.25 20.39 -18.14
N ALA B 202 -23.08 19.95 -17.17
CA ALA B 202 -23.48 20.71 -15.99
C ALA B 202 -23.83 19.74 -14.84
N PRO B 203 -23.55 20.08 -13.55
CA PRO B 203 -23.90 19.16 -12.45
C PRO B 203 -25.41 18.92 -12.31
N PRO B 204 -25.86 17.72 -11.87
CA PRO B 204 -27.31 17.46 -11.77
C PRO B 204 -28.01 18.35 -10.75
N ILE B 205 -29.28 18.72 -11.03
CA ILE B 205 -30.09 19.58 -10.15
C ILE B 205 -30.38 18.82 -8.85
N LEU B 206 -30.03 19.45 -7.70
CA LEU B 206 -30.18 18.91 -6.36
C LEU B 206 -31.62 18.43 -6.07
N PRO B 207 -31.81 17.14 -5.68
CA PRO B 207 -33.17 16.66 -5.38
C PRO B 207 -33.79 17.36 -4.16
N PRO B 208 -35.09 17.72 -4.21
CA PRO B 208 -35.71 18.43 -3.08
C PRO B 208 -35.77 17.65 -1.77
N HIS B 209 -35.78 16.31 -1.87
CA HIS B 209 -35.82 15.37 -0.74
C HIS B 209 -34.67 15.55 0.25
N LEU B 210 -33.47 15.89 -0.26
CA LEU B 210 -32.27 16.09 0.54
C LEU B 210 -32.28 17.35 1.43
N LEU B 211 -33.09 18.37 1.06
CA LEU B 211 -33.23 19.61 1.84
C LEU B 211 -34.18 19.46 3.04
N GLN B 212 -34.81 18.27 3.19
CA GLN B 212 -35.71 17.93 4.29
C GLN B 212 -34.82 17.50 5.46
N VAL B 213 -34.24 18.50 6.17
CA VAL B 213 -33.35 18.28 7.32
C VAL B 213 -34.16 17.81 8.53
N ILE B 214 -33.83 16.61 9.06
CA ILE B 214 -34.50 15.98 10.18
C ILE B 214 -34.28 16.74 11.52
N LEU B 215 -33.09 17.33 11.71
CA LEU B 215 -32.75 18.06 12.94
C LEU B 215 -33.31 19.49 13.01
N ASN B 216 -33.75 20.05 11.86
CA ASN B 216 -34.34 21.39 11.78
C ASN B 216 -35.86 21.37 12.04
N LYS B 217 -36.42 20.19 12.35
CA LYS B 217 -37.83 19.95 12.61
C LYS B 217 -38.13 19.83 14.10
N ASP B 218 -39.32 20.29 14.54
CA ASP B 218 -39.79 20.21 15.92
C ASP B 218 -40.53 18.88 16.14
N THR B 219 -40.34 18.28 17.33
CA THR B 219 -40.91 16.92 17.55
C THR B 219 -42.15 16.94 18.46
N GLY B 220 -42.45 18.08 19.09
CA GLY B 220 -43.61 18.16 20.00
C GLY B 220 -43.20 18.00 21.45
N ILE B 221 -43.84 18.74 22.36
CA ILE B 221 -43.45 18.74 23.80
C ILE B 221 -43.66 17.38 24.46
N SER B 222 -44.75 16.68 24.14
CA SER B 222 -45.08 15.41 24.84
C SER B 222 -44.02 14.32 24.60
N CYS B 223 -43.48 14.22 23.39
CA CYS B 223 -42.55 13.11 23.05
C CYS B 223 -41.20 13.24 23.74
N ASP B 224 -40.52 12.12 23.97
CA ASP B 224 -39.15 12.12 24.56
C ASP B 224 -38.22 12.92 23.63
N PRO B 225 -37.42 13.92 24.10
CA PRO B 225 -36.62 14.74 23.17
C PRO B 225 -35.59 13.98 22.32
N ALA B 226 -35.22 12.76 22.72
CA ALA B 226 -34.28 11.90 22.00
C ALA B 226 -34.88 11.37 20.70
N LEU B 227 -36.23 11.21 20.66
CA LEU B 227 -36.99 10.72 19.50
C LEU B 227 -36.97 11.68 18.31
N LEU B 228 -37.16 11.12 17.10
CA LEU B 228 -37.22 11.83 15.82
C LEU B 228 -38.26 11.18 14.89
N PRO B 229 -38.77 11.86 13.84
CA PRO B 229 -39.74 11.18 12.94
C PRO B 229 -39.03 10.20 12.00
N GLU B 230 -39.78 9.27 11.37
CA GLU B 230 -39.22 8.27 10.45
C GLU B 230 -38.59 8.93 9.21
N PRO B 231 -37.29 8.70 8.95
CA PRO B 231 -36.64 9.36 7.80
C PRO B 231 -36.88 8.68 6.46
N ASN B 232 -36.80 9.47 5.37
CA ASN B 232 -36.91 9.00 4.00
C ASN B 232 -35.61 8.24 3.68
N HIS B 233 -35.70 7.09 3.00
CA HIS B 233 -34.54 6.25 2.68
C HIS B 233 -33.46 6.96 1.84
N VAL B 234 -33.86 7.96 1.03
CA VAL B 234 -32.98 8.71 0.14
C VAL B 234 -32.04 9.68 0.87
N MET B 235 -32.36 10.06 2.11
CA MET B 235 -31.51 11.01 2.87
C MET B 235 -30.60 10.24 3.84
N LEU B 236 -30.72 8.92 3.85
CA LEU B 236 -29.88 8.07 4.75
C LEU B 236 -28.43 8.06 4.25
N ASN B 237 -27.46 8.04 5.15
CA ASN B 237 -26.02 7.94 4.80
C ASN B 237 -25.50 9.29 4.29
N HIS B 238 -26.32 10.34 4.33
CA HIS B 238 -25.93 11.66 3.78
C HIS B 238 -25.46 12.58 4.91
N LEU B 239 -24.42 13.37 4.66
CA LEU B 239 -23.89 14.29 5.67
C LEU B 239 -24.71 15.58 5.73
N TYR B 240 -24.78 16.19 6.92
CA TYR B 240 -25.47 17.44 7.25
C TYR B 240 -24.62 18.14 8.29
N ALA B 241 -24.32 19.43 8.09
CA ALA B 241 -23.45 20.17 8.99
C ALA B 241 -24.00 21.51 9.46
N LEU B 242 -23.46 22.00 10.60
CA LEU B 242 -23.77 23.30 11.19
C LEU B 242 -22.63 24.24 10.82
N SER B 243 -22.91 25.55 10.73
CA SER B 243 -21.90 26.56 10.42
C SER B 243 -20.87 26.65 11.56
N ILE B 244 -19.58 26.56 11.20
CA ILE B 244 -18.51 26.49 12.24
C ILE B 244 -18.54 27.71 13.16
N LYS B 245 -18.69 27.47 14.47
CA LYS B 245 -18.65 28.58 15.46
C LYS B 245 -17.50 28.37 16.45
N ASP B 246 -16.63 29.38 16.62
CA ASP B 246 -15.51 29.29 17.61
C ASP B 246 -14.66 28.03 17.37
N GLY B 247 -14.31 27.74 16.11
CA GLY B 247 -13.42 26.60 15.81
C GLY B 247 -13.91 25.20 16.11
N VAL B 248 -15.21 25.02 16.38
CA VAL B 248 -15.76 23.68 16.58
C VAL B 248 -16.71 23.31 15.43
N MET B 249 -16.47 22.14 14.81
CA MET B 249 -17.26 21.64 13.69
C MET B 249 -18.31 20.64 14.20
N VAL B 250 -19.56 20.83 13.76
CA VAL B 250 -20.68 19.96 14.14
C VAL B 250 -21.19 19.24 12.88
N LEU B 251 -21.06 17.91 12.86
CA LEU B 251 -21.48 17.05 11.75
C LEU B 251 -22.58 16.09 12.17
N SER B 252 -23.44 15.70 11.23
CA SER B 252 -24.55 14.77 11.45
C SER B 252 -24.94 14.00 10.20
N ALA B 253 -25.43 12.76 10.38
CA ALA B 253 -25.88 11.87 9.32
C ALA B 253 -26.85 10.84 9.89
N THR B 254 -27.87 10.45 9.12
CA THR B 254 -28.84 9.46 9.55
C THR B 254 -28.45 8.09 9.00
N HIS B 255 -28.12 7.15 9.89
CA HIS B 255 -27.71 5.78 9.54
C HIS B 255 -28.74 4.76 9.98
N ARG B 256 -28.81 3.63 9.28
CA ARG B 256 -29.88 2.63 9.55
C ARG B 256 -29.30 1.32 10.07
N TYR B 257 -29.70 0.89 11.26
CA TYR B 257 -29.27 -0.44 11.76
C TYR B 257 -30.52 -1.33 11.77
N LYS B 258 -30.54 -2.39 10.95
CA LYS B 258 -31.74 -3.25 10.83
C LYS B 258 -32.94 -2.38 10.43
N LYS B 259 -34.05 -2.45 11.17
CA LYS B 259 -35.27 -1.67 10.83
C LYS B 259 -35.27 -0.32 11.54
N LYS B 260 -34.27 -0.08 12.39
CA LYS B 260 -34.18 1.17 13.16
C LYS B 260 -33.15 2.16 12.57
N TYR B 261 -33.33 3.45 12.86
CA TYR B 261 -32.51 4.56 12.38
C TYR B 261 -31.91 5.38 13.52
N VAL B 262 -30.66 5.83 13.33
CA VAL B 262 -29.89 6.63 14.31
C VAL B 262 -29.37 7.90 13.61
N THR B 263 -29.66 9.08 14.21
CA THR B 263 -29.18 10.36 13.72
C THR B 263 -28.06 10.80 14.67
N THR B 264 -26.83 10.36 14.37
CA THR B 264 -25.64 10.64 15.17
C THR B 264 -25.16 12.06 14.86
N LEU B 265 -24.76 12.80 15.91
CA LEU B 265 -24.24 14.16 15.87
C LEU B 265 -22.83 14.12 16.45
N LEU B 266 -21.90 14.90 15.90
CA LEU B 266 -20.53 14.93 16.41
C LEU B 266 -19.96 16.34 16.53
N TYR B 267 -19.66 16.75 17.76
CA TYR B 267 -19.05 18.03 18.08
C TYR B 267 -17.54 17.78 18.14
N LYS B 268 -16.83 18.17 17.06
CA LYS B 268 -15.37 17.92 17.01
C LYS B 268 -14.65 19.24 16.71
N PRO B 269 -13.82 19.77 17.64
CA PRO B 269 -13.06 20.99 17.37
C PRO B 269 -12.06 20.77 16.23
N ILE B 270 -11.89 21.76 15.36
CA ILE B 270 -10.96 21.63 14.19
C ILE B 270 -9.52 21.81 14.69
N ASP C 21 12.41 47.29 -0.02
CA ASP C 21 13.07 47.25 -1.33
C ASP C 21 12.19 46.63 -2.41
N GLY C 22 11.50 45.55 -2.06
CA GLY C 22 10.63 44.83 -2.98
C GLY C 22 11.30 43.62 -3.60
N ARG C 23 12.60 43.78 -3.96
CA ARG C 23 13.43 42.73 -4.57
C ARG C 23 13.53 41.52 -3.64
N VAL C 24 13.49 40.31 -4.21
CA VAL C 24 13.58 39.07 -3.46
C VAL C 24 15.04 38.62 -3.51
N LYS C 25 15.78 38.86 -2.42
CA LYS C 25 17.21 38.53 -2.34
C LYS C 25 17.56 37.41 -1.39
N ILE C 26 18.48 36.54 -1.83
CA ILE C 26 19.03 35.43 -1.06
C ILE C 26 20.55 35.44 -1.23
N GLY C 27 21.26 35.65 -0.12
CA GLY C 27 22.71 35.81 -0.11
C GLY C 27 23.02 37.20 -0.60
N HIS C 28 23.72 37.30 -1.74
CA HIS C 28 24.06 38.57 -2.38
C HIS C 28 23.39 38.65 -3.76
N TYR C 29 22.50 37.67 -4.04
CA TYR C 29 21.80 37.53 -5.31
C TYR C 29 20.32 37.89 -5.26
N VAL C 30 19.86 38.58 -6.29
CA VAL C 30 18.47 39.00 -6.50
C VAL C 30 17.82 37.92 -7.38
N LEU C 31 16.77 37.26 -6.87
CA LEU C 31 16.07 36.21 -7.60
C LEU C 31 15.14 36.79 -8.64
N GLY C 32 15.16 36.19 -9.83
CA GLY C 32 14.34 36.63 -10.96
C GLY C 32 13.40 35.55 -11.49
N ASP C 33 13.26 35.52 -12.83
CA ASP C 33 12.38 34.60 -13.56
C ASP C 33 12.78 33.13 -13.40
N THR C 34 11.79 32.23 -13.44
CA THR C 34 11.98 30.78 -13.32
C THR C 34 12.63 30.24 -14.60
N LEU C 35 13.81 29.58 -14.45
CA LEU C 35 14.52 28.96 -15.58
C LEU C 35 13.80 27.69 -16.00
N GLY C 36 13.26 26.97 -15.01
CA GLY C 36 12.51 25.74 -15.21
C GLY C 36 12.20 25.01 -13.92
N VAL C 37 11.30 24.01 -14.02
CA VAL C 37 10.91 23.16 -12.91
C VAL C 37 11.56 21.79 -13.16
N GLY C 38 12.43 21.38 -12.25
CA GLY C 38 13.13 20.11 -12.34
C GLY C 38 12.29 18.93 -11.93
N THR C 39 12.93 17.76 -11.73
CA THR C 39 12.24 16.55 -11.28
C THR C 39 11.77 16.72 -9.84
N PHE C 40 12.55 17.50 -9.05
CA PHE C 40 12.25 17.85 -7.67
C PHE C 40 12.81 19.24 -7.39
N GLY C 41 11.91 20.21 -7.17
CA GLY C 41 12.26 21.59 -6.88
C GLY C 41 11.98 22.57 -8.01
N LYS C 42 12.32 23.86 -7.79
CA LYS C 42 12.13 24.94 -8.75
C LYS C 42 13.45 25.68 -8.96
N VAL C 43 13.83 25.94 -10.23
CA VAL C 43 15.08 26.64 -10.54
C VAL C 43 14.80 28.06 -11.05
N LYS C 44 15.39 29.06 -10.38
CA LYS C 44 15.25 30.50 -10.69
C LYS C 44 16.61 31.16 -10.94
N ILE C 45 16.64 32.19 -11.79
CA ILE C 45 17.85 32.96 -12.07
C ILE C 45 18.18 33.89 -10.88
N GLY C 46 19.47 33.99 -10.57
CA GLY C 46 19.97 34.84 -9.49
C GLY C 46 21.02 35.79 -10.01
N GLU C 47 20.83 37.10 -9.77
CA GLU C 47 21.76 38.12 -10.25
C GLU C 47 22.35 38.90 -9.07
N HIS C 48 23.71 38.99 -9.01
CA HIS C 48 24.44 39.68 -7.95
C HIS C 48 24.07 41.16 -7.91
N GLN C 49 23.72 41.67 -6.70
CA GLN C 49 23.30 43.06 -6.51
C GLN C 49 24.41 44.11 -6.72
N LEU C 50 25.69 43.68 -6.77
CA LEU C 50 26.80 44.60 -6.99
C LEU C 50 27.42 44.49 -8.38
N THR C 51 27.68 43.25 -8.85
CA THR C 51 28.34 42.99 -10.13
C THR C 51 27.43 42.58 -11.29
N GLY C 52 26.32 41.93 -10.96
CA GLY C 52 25.38 41.43 -11.96
C GLY C 52 25.68 40.01 -12.39
N HIS C 53 26.57 39.31 -11.64
CA HIS C 53 26.97 37.93 -11.87
C HIS C 53 25.75 37.01 -11.78
N LYS C 54 25.55 36.19 -12.82
CA LYS C 54 24.40 35.29 -12.93
C LYS C 54 24.66 33.88 -12.39
N VAL C 55 23.70 33.36 -11.60
CA VAL C 55 23.70 32.02 -11.02
C VAL C 55 22.31 31.39 -11.22
N ALA C 56 22.21 30.07 -11.02
CA ALA C 56 20.93 29.34 -11.10
C ALA C 56 20.64 28.79 -9.69
N VAL C 57 19.56 29.27 -9.07
CA VAL C 57 19.18 28.89 -7.71
C VAL C 57 18.07 27.83 -7.70
N LYS C 58 18.41 26.61 -7.27
CA LYS C 58 17.47 25.49 -7.15
C LYS C 58 16.87 25.55 -5.73
N ILE C 59 15.57 25.85 -5.65
CA ILE C 59 14.81 25.97 -4.39
C ILE C 59 14.11 24.65 -4.06
N LEU C 60 14.37 24.14 -2.84
CA LEU C 60 13.77 22.90 -2.35
C LEU C 60 13.00 23.20 -1.05
N ASN C 61 11.68 22.96 -1.06
CA ASN C 61 10.81 23.20 0.10
C ASN C 61 11.01 22.09 1.14
N ARG C 62 11.37 22.48 2.37
CA ARG C 62 11.65 21.60 3.50
C ARG C 62 10.48 20.69 3.91
N GLN C 63 9.23 21.22 3.86
CA GLN C 63 8.03 20.46 4.21
C GLN C 63 7.73 19.36 3.20
N LYS C 64 7.88 19.67 1.90
CA LYS C 64 7.66 18.73 0.79
C LYS C 64 8.65 17.55 0.87
N ILE C 65 9.90 17.82 1.33
CA ILE C 65 10.94 16.81 1.52
C ILE C 65 10.52 15.83 2.64
N ARG C 66 10.01 16.36 3.78
CA ARG C 66 9.54 15.59 4.93
C ARG C 66 8.30 14.77 4.60
N SER C 67 7.34 15.39 3.85
CA SER C 67 6.07 14.77 3.43
C SER C 67 6.30 13.55 2.54
N LEU C 68 7.24 13.66 1.58
CA LEU C 68 7.59 12.60 0.65
C LEU C 68 8.65 11.64 1.24
N ASP C 69 9.15 11.94 2.47
CA ASP C 69 10.15 11.18 3.21
C ASP C 69 11.43 10.92 2.36
N VAL C 70 11.92 11.98 1.70
CA VAL C 70 13.11 11.95 0.84
C VAL C 70 14.31 12.68 1.48
N VAL C 71 14.27 12.88 2.82
CA VAL C 71 15.31 13.55 3.61
C VAL C 71 16.70 12.93 3.38
N GLY C 72 16.77 11.60 3.42
CA GLY C 72 17.99 10.84 3.19
C GLY C 72 18.52 10.97 1.78
N LYS C 73 17.60 11.05 0.78
CA LYS C 73 17.94 11.19 -0.63
C LYS C 73 18.52 12.58 -0.91
N ILE C 74 17.84 13.65 -0.41
CA ILE C 74 18.25 15.05 -0.58
C ILE C 74 19.60 15.31 0.14
N LYS C 75 19.83 14.68 1.31
CA LYS C 75 21.09 14.79 2.06
C LYS C 75 22.24 14.24 1.22
N ARG C 76 22.05 13.05 0.61
CA ARG C 76 23.04 12.41 -0.26
C ARG C 76 23.24 13.21 -1.55
N GLU C 77 22.14 13.77 -2.11
CA GLU C 77 22.13 14.60 -3.33
C GLU C 77 23.01 15.84 -3.14
N ILE C 78 22.89 16.52 -1.99
CA ILE C 78 23.69 17.70 -1.62
C ILE C 78 25.14 17.30 -1.38
N GLN C 79 25.38 16.19 -0.65
CA GLN C 79 26.70 15.64 -0.35
C GLN C 79 27.47 15.27 -1.62
N ASN C 80 26.76 14.71 -2.63
CA ASN C 80 27.36 14.34 -3.91
C ASN C 80 27.79 15.52 -4.76
N LEU C 81 26.90 16.52 -4.95
CA LEU C 81 27.20 17.74 -5.73
C LEU C 81 28.25 18.66 -5.08
N LYS C 82 28.40 18.58 -3.74
CA LYS C 82 29.40 19.34 -2.98
C LYS C 82 30.76 18.68 -3.25
N LEU C 83 30.77 17.32 -3.33
CA LEU C 83 31.94 16.50 -3.61
C LEU C 83 32.36 16.59 -5.10
N PHE C 84 31.37 16.55 -6.02
CA PHE C 84 31.55 16.58 -7.49
C PHE C 84 32.33 17.79 -7.98
N ARG C 85 33.35 17.51 -8.80
CA ARG C 85 34.24 18.50 -9.40
C ARG C 85 34.62 17.99 -10.79
N HIS C 86 33.85 18.44 -11.80
CA HIS C 86 34.03 18.03 -13.20
C HIS C 86 33.68 19.18 -14.14
N PRO C 87 34.43 19.38 -15.25
CA PRO C 87 34.11 20.49 -16.17
C PRO C 87 32.82 20.31 -17.00
N HIS C 88 32.14 19.15 -16.90
CA HIS C 88 30.93 18.90 -17.68
C HIS C 88 29.71 18.47 -16.82
N ILE C 89 29.74 18.90 -15.55
CA ILE C 89 28.59 18.66 -14.62
C ILE C 89 28.33 20.03 -13.98
N ILE C 90 27.08 20.42 -13.74
CA ILE C 90 26.81 21.78 -13.21
C ILE C 90 27.48 21.93 -11.84
N LYS C 91 28.14 23.06 -11.58
CA LYS C 91 28.90 23.23 -10.31
C LYS C 91 28.01 23.84 -9.22
N LEU C 92 28.07 23.29 -8.01
CA LEU C 92 27.30 23.81 -6.87
C LEU C 92 28.25 24.69 -6.04
N TYR C 93 27.96 26.00 -5.98
CA TYR C 93 28.79 26.96 -5.24
C TYR C 93 28.51 26.95 -3.74
N GLN C 94 27.21 27.06 -3.34
CA GLN C 94 26.78 27.06 -1.93
C GLN C 94 25.31 26.64 -1.75
N VAL C 95 24.93 26.32 -0.50
CA VAL C 95 23.57 25.96 -0.11
C VAL C 95 23.16 26.90 1.03
N ILE C 96 22.15 27.76 0.79
CA ILE C 96 21.64 28.71 1.78
C ILE C 96 20.39 28.10 2.42
N SER C 97 20.49 27.74 3.71
CA SER C 97 19.41 27.13 4.47
C SER C 97 18.59 28.17 5.22
N THR C 98 17.25 28.09 5.08
CA THR C 98 16.27 28.98 5.72
C THR C 98 15.29 28.12 6.56
N PRO C 99 14.47 28.68 7.49
CA PRO C 99 13.55 27.83 8.27
C PRO C 99 12.46 27.10 7.48
N THR C 100 12.27 27.44 6.20
CA THR C 100 11.24 26.85 5.35
C THR C 100 11.78 26.22 4.06
N ASP C 101 12.92 26.72 3.53
CA ASP C 101 13.48 26.25 2.26
C ASP C 101 15.00 26.08 2.22
N PHE C 102 15.50 25.38 1.17
CA PHE C 102 16.92 25.17 0.88
C PHE C 102 17.20 25.83 -0.47
N PHE C 103 18.16 26.76 -0.51
CA PHE C 103 18.52 27.47 -1.74
C PHE C 103 19.88 27.01 -2.26
N MET C 104 19.87 26.23 -3.36
CA MET C 104 21.09 25.70 -3.97
C MET C 104 21.62 26.61 -5.09
N VAL C 105 22.62 27.45 -4.75
CA VAL C 105 23.25 28.40 -5.68
C VAL C 105 24.21 27.60 -6.58
N MET C 106 23.82 27.45 -7.86
CA MET C 106 24.58 26.67 -8.85
C MET C 106 25.10 27.51 -10.02
N GLU C 107 26.04 26.94 -10.79
CA GLU C 107 26.68 27.54 -11.97
C GLU C 107 25.66 27.76 -13.08
N TYR C 108 25.61 29.00 -13.63
CA TYR C 108 24.70 29.35 -14.72
C TYR C 108 25.36 29.20 -16.08
N VAL C 109 24.59 28.70 -17.07
CA VAL C 109 25.02 28.48 -18.45
C VAL C 109 24.02 29.12 -19.43
N SER C 110 24.46 30.19 -20.11
CA SER C 110 23.66 31.00 -21.03
C SER C 110 23.19 30.29 -22.32
N GLY C 111 23.92 29.26 -22.75
CA GLY C 111 23.62 28.51 -23.97
C GLY C 111 22.32 27.71 -23.99
N GLY C 112 21.77 27.43 -22.81
CA GLY C 112 20.52 26.68 -22.64
C GLY C 112 20.62 25.20 -22.94
N GLU C 113 19.44 24.55 -23.12
CA GLU C 113 19.30 23.12 -23.40
C GLU C 113 19.95 22.67 -24.70
N LEU C 114 20.43 21.41 -24.74
CA LEU C 114 20.99 20.79 -25.95
C LEU C 114 19.83 20.44 -26.89
N PHE C 115 18.64 20.13 -26.32
CA PHE C 115 17.40 19.80 -27.02
C PHE C 115 17.02 20.92 -27.99
N ASP C 116 17.05 22.18 -27.53
CA ASP C 116 16.73 23.36 -28.33
C ASP C 116 17.78 23.62 -29.42
N TYR C 117 19.04 23.21 -29.19
CA TYR C 117 20.12 23.36 -30.18
C TYR C 117 19.94 22.34 -31.32
N ILE C 118 19.50 21.13 -30.99
CA ILE C 118 19.21 20.11 -32.05
C ILE C 118 17.96 20.57 -32.81
N CYS C 119 17.04 21.27 -32.15
CA CYS C 119 15.87 21.81 -32.89
C CYS C 119 16.32 22.92 -33.86
N LYS C 120 17.18 23.84 -33.41
CA LYS C 120 17.63 24.97 -34.27
C LYS C 120 18.44 24.45 -35.45
N HIS C 121 19.37 23.53 -35.21
CA HIS C 121 20.15 22.91 -36.31
C HIS C 121 19.64 21.48 -36.41
N GLY C 122 19.06 21.09 -37.53
CA GLY C 122 18.40 19.77 -37.58
C GLY C 122 19.31 18.61 -37.26
N ARG C 123 20.53 18.59 -37.80
CA ARG C 123 21.49 17.52 -37.46
C ARG C 123 22.79 18.14 -36.97
N VAL C 124 23.36 17.60 -35.89
CA VAL C 124 24.68 18.11 -35.43
C VAL C 124 25.77 17.39 -36.23
N GLU C 125 26.66 18.15 -36.86
CA GLU C 125 27.76 17.59 -37.69
C GLU C 125 28.52 16.53 -36.91
N GLU C 126 29.07 15.52 -37.58
CA GLU C 126 29.73 14.39 -36.87
C GLU C 126 30.87 14.90 -35.99
N MET C 127 31.66 15.86 -36.49
CA MET C 127 32.84 16.33 -35.72
C MET C 127 32.40 16.96 -34.39
N GLU C 128 31.34 17.77 -34.40
CA GLU C 128 30.86 18.46 -33.17
C GLU C 128 29.99 17.48 -32.39
N ALA C 129 29.16 16.71 -33.08
CA ALA C 129 28.31 15.70 -32.45
C ALA C 129 29.12 14.71 -31.63
N ARG C 130 30.34 14.38 -32.09
CA ARG C 130 31.28 13.50 -31.40
C ARG C 130 31.87 14.25 -30.20
N ARG C 131 32.32 15.52 -30.44
CA ARG C 131 32.90 16.41 -29.44
C ARG C 131 31.98 16.60 -28.23
N LEU C 132 30.67 16.82 -28.48
CA LEU C 132 29.68 16.99 -27.41
C LEU C 132 29.47 15.68 -26.65
N PHE C 133 29.42 14.54 -27.38
CA PHE C 133 29.25 13.19 -26.84
C PHE C 133 30.41 12.79 -25.93
N GLN C 134 31.65 13.10 -26.36
CA GLN C 134 32.90 12.82 -25.62
C GLN C 134 32.87 13.52 -24.25
N GLN C 135 32.32 14.76 -24.23
CA GLN C 135 32.18 15.59 -23.03
C GLN C 135 31.09 15.02 -22.11
N ILE C 136 29.92 14.62 -22.68
CA ILE C 136 28.79 14.03 -21.94
C ILE C 136 29.20 12.71 -21.26
N LEU C 137 29.80 11.76 -22.02
CA LEU C 137 30.24 10.48 -21.48
C LEU C 137 31.34 10.61 -20.42
N SER C 138 32.17 11.67 -20.51
CA SER C 138 33.24 11.97 -19.54
C SER C 138 32.60 12.26 -18.16
N ALA C 139 31.50 13.03 -18.18
CA ALA C 139 30.72 13.41 -17.01
C ALA C 139 29.97 12.21 -16.45
N VAL C 140 29.40 11.36 -17.32
CA VAL C 140 28.66 10.15 -16.95
C VAL C 140 29.64 9.16 -16.29
N ASP C 141 30.86 9.04 -16.84
CA ASP C 141 31.91 8.17 -16.30
C ASP C 141 32.32 8.62 -14.90
N TYR C 142 32.48 9.96 -14.70
CA TYR C 142 32.84 10.56 -13.41
C TYR C 142 31.79 10.20 -12.35
N CYS C 143 30.49 10.26 -12.71
CA CYS C 143 29.36 9.91 -11.85
C CYS C 143 29.47 8.44 -11.43
N HIS C 144 29.68 7.54 -12.41
CA HIS C 144 29.78 6.09 -12.22
C HIS C 144 30.97 5.68 -11.36
N ARG C 145 32.09 6.42 -11.47
CA ARG C 145 33.31 6.21 -10.67
C ARG C 145 33.10 6.66 -9.22
N HIS C 146 32.08 7.51 -8.99
CA HIS C 146 31.71 8.04 -7.68
C HIS C 146 30.46 7.34 -7.13
N MET C 147 30.12 6.18 -7.72
CA MET C 147 28.99 5.31 -7.38
C MET C 147 27.62 6.02 -7.51
N VAL C 148 27.52 6.98 -8.45
CA VAL C 148 26.28 7.74 -8.69
C VAL C 148 25.75 7.49 -10.11
N VAL C 149 24.44 7.20 -10.23
CA VAL C 149 23.80 7.02 -11.52
C VAL C 149 22.74 8.11 -11.76
N HIS C 150 22.87 8.87 -12.85
CA HIS C 150 21.93 9.99 -13.14
C HIS C 150 20.50 9.48 -13.25
N ARG C 151 20.23 8.57 -14.20
CA ARG C 151 18.90 7.92 -14.36
C ARG C 151 17.90 8.84 -15.08
N ASP C 152 18.31 10.07 -15.44
CA ASP C 152 17.42 10.95 -16.23
C ASP C 152 18.29 11.69 -17.26
N LEU C 153 18.92 10.96 -18.17
CA LEU C 153 19.84 11.61 -19.13
C LEU C 153 19.08 11.89 -20.42
N LYS C 154 19.02 13.17 -20.81
CA LYS C 154 18.28 13.55 -22.04
C LYS C 154 18.84 14.88 -22.55
N PRO C 155 18.77 15.25 -23.84
CA PRO C 155 19.24 16.59 -24.28
C PRO C 155 18.60 17.77 -23.52
N GLU C 156 17.43 17.54 -22.90
CA GLU C 156 16.71 18.53 -22.09
C GLU C 156 17.47 18.78 -20.78
N ASN C 157 18.15 17.73 -20.26
CA ASN C 157 18.95 17.80 -19.02
C ASN C 157 20.43 18.09 -19.29
N VAL C 158 20.84 18.14 -20.57
CA VAL C 158 22.21 18.47 -20.98
C VAL C 158 22.19 19.93 -21.41
N LEU C 159 22.91 20.79 -20.68
CA LEU C 159 22.95 22.22 -20.94
C LEU C 159 24.26 22.64 -21.62
N LEU C 160 24.25 23.79 -22.32
CA LEU C 160 25.40 24.32 -23.04
C LEU C 160 25.80 25.68 -22.51
N ASP C 161 27.07 26.06 -22.73
CA ASP C 161 27.53 27.41 -22.31
C ASP C 161 27.83 28.27 -23.54
N ALA C 162 28.49 29.40 -23.33
CA ALA C 162 28.83 30.33 -24.41
C ALA C 162 29.86 29.75 -25.39
N HIS C 163 30.73 28.82 -24.91
CA HIS C 163 31.76 28.17 -25.71
C HIS C 163 31.34 26.77 -26.22
N MET C 164 30.02 26.48 -26.18
CA MET C 164 29.36 25.25 -26.62
C MET C 164 29.84 23.97 -25.90
N ASN C 165 30.08 24.06 -24.58
CA ASN C 165 30.51 22.92 -23.77
C ASN C 165 29.31 22.32 -23.04
N ALA C 166 29.19 20.98 -23.06
CA ALA C 166 28.09 20.24 -22.43
C ALA C 166 28.19 20.22 -20.90
N LYS C 167 27.05 20.34 -20.21
CA LYS C 167 26.94 20.34 -18.75
C LYS C 167 25.67 19.59 -18.30
N ILE C 168 25.82 18.39 -17.70
CA ILE C 168 24.66 17.62 -17.20
C ILE C 168 24.18 18.28 -15.89
N ALA C 169 22.84 18.28 -15.60
CA ALA C 169 22.35 19.05 -14.46
C ALA C 169 21.38 18.39 -13.45
N ASP C 170 20.22 17.86 -13.88
CA ASP C 170 19.19 17.38 -12.93
C ASP C 170 19.52 16.03 -12.25
N PHE C 171 19.97 16.11 -10.99
CA PHE C 171 20.30 14.92 -10.18
C PHE C 171 19.16 14.55 -9.21
N GLY C 172 17.93 14.93 -9.57
CA GLY C 172 16.74 14.64 -8.78
C GLY C 172 16.37 13.17 -8.79
N LEU C 173 16.44 12.52 -9.96
CA LEU C 173 16.15 11.09 -10.13
C LEU C 173 17.39 10.21 -9.93
N SER C 174 18.53 10.82 -9.58
CA SER C 174 19.79 10.10 -9.35
C SER C 174 19.76 9.24 -8.09
N ASN C 175 20.53 8.15 -8.08
CA ASN C 175 20.66 7.22 -6.95
C ASN C 175 22.06 6.65 -6.86
N MET C 176 22.42 6.12 -5.67
CA MET C 176 23.74 5.57 -5.41
C MET C 176 23.84 4.05 -5.58
N MET C 177 24.96 3.60 -6.15
CA MET C 177 25.30 2.20 -6.38
C MET C 177 25.88 1.62 -5.09
N SER C 178 25.24 0.58 -4.56
CA SER C 178 25.66 -0.09 -3.33
C SER C 178 26.00 -1.55 -3.61
N ASP C 179 26.99 -2.10 -2.87
CA ASP C 179 27.46 -3.47 -3.00
C ASP C 179 26.35 -4.49 -2.71
N GLY C 180 25.99 -5.25 -3.74
CA GLY C 180 24.95 -6.28 -3.68
C GLY C 180 23.53 -5.79 -3.90
N GLU C 181 23.31 -4.47 -3.95
CA GLU C 181 21.99 -3.85 -4.11
C GLU C 181 21.65 -3.56 -5.58
N PHE C 182 20.34 -3.60 -5.90
CA PHE C 182 19.79 -3.33 -7.23
C PHE C 182 18.82 -2.16 -7.20
N LEU C 183 18.57 -1.55 -8.37
CA LEU C 183 17.62 -0.40 -8.44
C LEU C 183 16.40 -0.79 -9.29
N ARG C 184 15.19 -0.65 -8.73
CA ARG C 184 13.94 -0.94 -9.49
C ARG C 184 13.14 0.37 -9.64
N TPO C 185 13.70 1.51 -9.24
CA TPO C 185 12.89 2.77 -9.23
CB TPO C 185 12.91 3.39 -7.82
CG2 TPO C 185 11.67 3.03 -7.04
OG1 TPO C 185 14.06 2.80 -7.13
P TPO C 185 14.83 3.55 -5.92
O1P TPO C 185 13.89 3.55 -4.74
O2P TPO C 185 15.13 4.94 -6.44
O3P TPO C 185 16.08 2.73 -5.68
C TPO C 185 13.36 3.78 -10.29
O TPO C 185 14.14 4.67 -9.93
N SER C 186 12.87 3.65 -11.53
CA SER C 186 13.17 4.66 -12.57
C SER C 186 11.87 5.11 -13.24
N CYS C 187 11.55 6.41 -13.19
CA CYS C 187 10.34 6.96 -13.87
C CYS C 187 10.78 7.98 -14.92
N GLY C 188 12.02 7.91 -15.40
CA GLY C 188 12.54 8.88 -16.37
C GLY C 188 11.77 8.88 -17.69
N SER C 189 12.17 9.73 -18.62
CA SER C 189 11.41 9.84 -19.89
C SER C 189 11.41 8.49 -20.59
N PRO C 190 10.26 8.03 -21.14
CA PRO C 190 10.17 6.70 -21.75
C PRO C 190 11.10 6.55 -22.97
N ASN C 191 11.24 7.61 -23.76
CA ASN C 191 12.10 7.56 -24.98
C ASN C 191 13.55 7.26 -24.58
N TYR C 192 14.01 7.82 -23.47
CA TYR C 192 15.42 7.65 -23.05
C TYR C 192 15.55 6.51 -22.03
N ALA C 193 14.45 5.82 -21.74
CA ALA C 193 14.45 4.71 -20.79
C ALA C 193 14.79 3.38 -21.45
N ALA C 194 15.63 2.59 -20.76
CA ALA C 194 16.10 1.26 -21.18
C ALA C 194 14.97 0.22 -21.14
N PRO C 195 15.04 -0.91 -21.89
CA PRO C 195 13.95 -1.91 -21.83
C PRO C 195 13.67 -2.44 -20.43
N GLU C 196 14.72 -2.58 -19.58
CA GLU C 196 14.61 -3.05 -18.19
C GLU C 196 13.88 -2.05 -17.29
N VAL C 197 13.93 -0.74 -17.63
CA VAL C 197 13.28 0.34 -16.88
C VAL C 197 11.77 0.33 -17.15
N ILE C 198 11.37 0.32 -18.45
CA ILE C 198 9.96 0.33 -18.87
C ILE C 198 9.26 -1.04 -18.60
N SER C 199 10.03 -2.09 -18.26
CA SER C 199 9.50 -3.42 -17.93
C SER C 199 9.38 -3.59 -16.40
N GLY C 200 9.77 -2.55 -15.66
CA GLY C 200 9.73 -2.51 -14.19
C GLY C 200 10.61 -3.54 -13.53
N ARG C 201 11.77 -3.82 -14.13
CA ARG C 201 12.75 -4.82 -13.68
C ARG C 201 13.88 -4.22 -12.84
N LEU C 202 14.49 -5.06 -11.98
CA LEU C 202 15.64 -4.69 -11.15
C LEU C 202 16.88 -4.67 -12.04
N TYR C 203 17.72 -3.64 -11.88
CA TYR C 203 18.92 -3.46 -12.69
C TYR C 203 20.11 -2.92 -11.90
N ALA C 204 21.30 -2.99 -12.51
CA ALA C 204 22.53 -2.40 -11.99
C ALA C 204 22.54 -1.02 -12.64
N GLY C 205 22.92 0.01 -11.89
CA GLY C 205 22.84 1.41 -12.36
C GLY C 205 23.50 1.78 -13.68
N PRO C 206 24.77 1.40 -13.98
CA PRO C 206 25.45 1.91 -15.18
C PRO C 206 24.84 1.64 -16.57
N GLU C 207 24.34 0.43 -16.82
CA GLU C 207 23.85 0.10 -18.19
C GLU C 207 22.64 0.97 -18.57
N VAL C 208 21.89 1.48 -17.57
CA VAL C 208 20.72 2.30 -17.85
C VAL C 208 21.15 3.67 -18.39
N ASP C 209 22.21 4.26 -17.80
CA ASP C 209 22.79 5.54 -18.20
C ASP C 209 23.45 5.48 -19.58
N ILE C 210 24.03 4.33 -19.94
CA ILE C 210 24.69 4.10 -21.24
C ILE C 210 23.64 4.09 -22.38
N TRP C 211 22.48 3.42 -22.15
CA TRP C 211 21.38 3.35 -23.10
C TRP C 211 20.91 4.77 -23.44
N SER C 212 20.65 5.59 -22.39
CA SER C 212 20.22 6.99 -22.51
C SER C 212 21.21 7.83 -23.32
N CYS C 213 22.53 7.58 -23.14
CA CYS C 213 23.61 8.24 -23.86
C CYS C 213 23.57 7.87 -25.35
N GLY C 214 23.19 6.62 -25.64
CA GLY C 214 23.03 6.10 -26.99
C GLY C 214 21.91 6.81 -27.74
N VAL C 215 20.82 7.12 -27.02
CA VAL C 215 19.65 7.84 -27.54
C VAL C 215 20.09 9.29 -27.82
N ILE C 216 20.89 9.91 -26.91
CA ILE C 216 21.45 11.27 -27.03
C ILE C 216 22.35 11.33 -28.28
N LEU C 217 23.24 10.32 -28.45
CA LEU C 217 24.15 10.21 -29.60
C LEU C 217 23.36 10.15 -30.92
N TYR C 218 22.26 9.36 -30.94
CA TYR C 218 21.38 9.24 -32.11
C TYR C 218 20.68 10.56 -32.37
N ALA C 219 20.14 11.21 -31.31
CA ALA C 219 19.42 12.49 -31.37
C ALA C 219 20.30 13.61 -31.93
N LEU C 220 21.60 13.66 -31.55
CA LEU C 220 22.56 14.65 -32.04
C LEU C 220 22.83 14.45 -33.54
N LEU C 221 23.20 13.22 -33.93
CA LEU C 221 23.55 12.86 -35.30
C LEU C 221 22.41 12.81 -36.30
N CYS C 222 21.18 12.44 -35.87
CA CYS C 222 20.04 12.30 -36.78
C CYS C 222 19.01 13.43 -36.70
N GLY C 223 18.87 14.05 -35.53
CA GLY C 223 17.90 15.11 -35.30
C GLY C 223 16.54 14.58 -34.85
N THR C 224 16.38 13.25 -34.88
CA THR C 224 15.18 12.50 -34.48
C THR C 224 15.52 11.48 -33.38
N LEU C 225 14.50 10.90 -32.75
CA LEU C 225 14.67 9.88 -31.71
C LEU C 225 14.68 8.49 -32.35
N PRO C 226 15.48 7.51 -31.82
CA PRO C 226 15.48 6.17 -32.45
C PRO C 226 14.18 5.39 -32.26
N PHE C 227 13.47 5.65 -31.14
CA PHE C 227 12.21 5.02 -30.81
C PHE C 227 11.20 6.10 -30.45
N ASP C 228 10.22 6.33 -31.34
CA ASP C 228 9.18 7.33 -31.14
C ASP C 228 7.86 6.92 -31.77
N ASP C 229 6.76 7.03 -30.99
CA ASP C 229 5.41 6.69 -31.39
C ASP C 229 4.41 7.52 -30.58
N GLU C 230 3.29 7.92 -31.22
CA GLU C 230 2.23 8.71 -30.58
C GLU C 230 1.51 7.87 -29.50
N HIS C 231 1.31 6.57 -29.79
CA HIS C 231 0.68 5.61 -28.89
C HIS C 231 1.75 5.05 -27.95
N VAL C 232 1.62 5.34 -26.65
CA VAL C 232 2.55 4.94 -25.57
C VAL C 232 2.80 3.40 -25.54
N PRO C 233 1.77 2.50 -25.56
CA PRO C 233 2.07 1.05 -25.55
C PRO C 233 2.89 0.55 -26.75
N THR C 234 2.75 1.19 -27.92
CA THR C 234 3.49 0.87 -29.15
C THR C 234 4.97 1.27 -28.99
N LEU C 235 5.22 2.43 -28.34
CA LEU C 235 6.56 2.96 -28.06
C LEU C 235 7.47 2.02 -27.23
N PHE C 236 6.90 1.42 -26.16
CA PHE C 236 7.56 0.44 -25.28
C PHE C 236 7.83 -0.95 -25.94
N LYS C 237 7.01 -1.28 -26.96
CA LYS C 237 7.13 -2.50 -27.75
C LYS C 237 8.36 -2.30 -28.65
N LYS C 238 8.53 -1.07 -29.18
CA LYS C 238 9.66 -0.67 -30.03
C LYS C 238 10.97 -0.69 -29.24
N ILE C 239 10.94 -0.16 -27.98
CA ILE C 239 12.07 -0.12 -27.05
C ILE C 239 12.61 -1.53 -26.72
N ARG C 240 11.70 -2.44 -26.28
CA ARG C 240 12.00 -3.83 -25.94
C ARG C 240 12.45 -4.69 -27.13
N GLY C 241 12.01 -4.32 -28.33
CA GLY C 241 12.39 -4.96 -29.58
C GLY C 241 13.79 -4.50 -29.94
N GLY C 242 14.06 -3.23 -29.71
CA GLY C 242 15.34 -2.58 -29.97
C GLY C 242 15.71 -2.42 -31.43
N VAL C 243 14.69 -2.37 -32.31
CA VAL C 243 14.88 -2.20 -33.75
C VAL C 243 14.67 -0.72 -34.08
N PHE C 244 15.76 -0.04 -34.48
CA PHE C 244 15.76 1.38 -34.82
C PHE C 244 16.38 1.61 -36.20
N TYR C 245 15.89 2.63 -36.92
CA TYR C 245 16.37 2.97 -38.26
C TYR C 245 17.75 3.60 -38.24
N ILE C 246 18.72 2.97 -38.93
CA ILE C 246 20.07 3.50 -39.05
C ILE C 246 20.21 4.13 -40.44
N PRO C 247 20.17 5.47 -40.55
CA PRO C 247 20.23 6.11 -41.88
C PRO C 247 21.56 5.92 -42.62
N GLU C 248 21.52 6.09 -43.96
CA GLU C 248 22.67 5.91 -44.85
C GLU C 248 23.72 7.03 -44.76
N TYR C 249 23.36 8.24 -44.24
CA TYR C 249 24.32 9.34 -44.10
C TYR C 249 25.35 9.09 -42.99
N LEU C 250 25.05 8.14 -42.07
CA LEU C 250 25.95 7.74 -40.99
C LEU C 250 26.85 6.61 -41.45
N ASN C 251 28.17 6.70 -41.17
CA ASN C 251 29.14 5.68 -41.53
C ASN C 251 29.01 4.44 -40.64
N ARG C 252 29.47 3.27 -41.13
CA ARG C 252 29.42 1.97 -40.46
C ARG C 252 29.97 1.88 -39.03
N SER C 253 30.91 2.78 -38.66
CA SER C 253 31.50 2.84 -37.32
C SER C 253 30.52 3.45 -36.29
N VAL C 254 29.80 4.53 -36.68
CA VAL C 254 28.78 5.21 -35.88
C VAL C 254 27.72 4.14 -35.58
N ALA C 255 27.23 3.46 -36.63
CA ALA C 255 26.22 2.41 -36.59
C ALA C 255 26.55 1.32 -35.58
N THR C 256 27.79 0.79 -35.59
CA THR C 256 28.26 -0.26 -34.67
C THR C 256 28.27 0.23 -33.22
N LEU C 257 28.69 1.48 -32.98
CA LEU C 257 28.70 2.07 -31.64
C LEU C 257 27.28 2.29 -31.13
N LEU C 258 26.36 2.78 -31.99
CA LEU C 258 24.94 2.97 -31.64
C LEU C 258 24.27 1.64 -31.31
N MET C 259 24.51 0.60 -32.14
CA MET C 259 23.96 -0.76 -31.98
C MET C 259 24.41 -1.44 -30.70
N HIS C 260 25.67 -1.20 -30.27
CA HIS C 260 26.24 -1.78 -29.05
C HIS C 260 25.71 -1.07 -27.80
N MET C 261 25.47 0.25 -27.89
CA MET C 261 24.94 1.07 -26.79
C MET C 261 23.43 0.86 -26.62
N LEU C 262 22.70 0.61 -27.73
CA LEU C 262 21.26 0.38 -27.72
C LEU C 262 20.89 -1.11 -27.78
N GLN C 263 21.77 -1.95 -27.25
CA GLN C 263 21.51 -3.41 -27.21
C GLN C 263 20.47 -3.68 -26.11
N VAL C 264 19.44 -4.47 -26.42
CA VAL C 264 18.34 -4.73 -25.44
C VAL C 264 18.91 -5.45 -24.21
N ASP C 265 19.80 -6.41 -24.42
CA ASP C 265 20.33 -7.21 -23.27
C ASP C 265 21.27 -6.31 -22.46
N PRO C 266 21.06 -6.17 -21.13
CA PRO C 266 21.94 -5.37 -20.29
C PRO C 266 23.36 -5.93 -20.24
N LEU C 267 23.49 -7.25 -20.27
CA LEU C 267 24.81 -7.89 -20.18
C LEU C 267 25.59 -7.76 -21.50
N LYS C 268 24.88 -7.72 -22.64
CA LYS C 268 25.48 -7.57 -23.96
C LYS C 268 25.65 -6.09 -24.37
N ARG C 269 25.00 -5.17 -23.63
CA ARG C 269 25.08 -3.72 -23.87
C ARG C 269 26.49 -3.20 -23.60
N ALA C 270 26.93 -2.20 -24.38
CA ALA C 270 28.25 -1.58 -24.28
C ALA C 270 28.52 -0.91 -22.92
N THR C 271 29.80 -0.82 -22.56
CA THR C 271 30.28 -0.20 -21.32
C THR C 271 31.11 1.03 -21.70
N ILE C 272 31.46 1.89 -20.72
CA ILE C 272 32.28 3.09 -20.96
C ILE C 272 33.64 2.65 -21.57
N LYS C 273 34.17 1.49 -21.13
CA LYS C 273 35.41 0.90 -21.64
C LYS C 273 35.27 0.49 -23.12
N ASP C 274 34.11 -0.11 -23.48
CA ASP C 274 33.79 -0.52 -24.86
C ASP C 274 33.71 0.69 -25.79
N ILE C 275 33.06 1.79 -25.32
CA ILE C 275 32.90 3.04 -26.06
C ILE C 275 34.26 3.73 -26.26
N ARG C 276 35.09 3.76 -25.20
CA ARG C 276 36.43 4.36 -25.24
C ARG C 276 37.38 3.64 -26.19
N GLU C 277 37.21 2.31 -26.35
CA GLU C 277 38.03 1.48 -27.25
C GLU C 277 37.56 1.56 -28.71
N HIS C 278 36.33 2.07 -28.95
CA HIS C 278 35.75 2.22 -30.28
C HIS C 278 36.51 3.25 -31.10
N GLU C 279 36.86 2.89 -32.35
CA GLU C 279 37.62 3.73 -33.29
C GLU C 279 36.98 5.08 -33.64
N TRP C 280 35.63 5.15 -33.66
CA TRP C 280 34.92 6.41 -33.94
C TRP C 280 35.01 7.37 -32.76
N PHE C 281 34.91 6.87 -31.53
CA PHE C 281 34.98 7.67 -30.31
C PHE C 281 36.39 8.19 -30.04
N LYS C 282 37.42 7.39 -30.38
CA LYS C 282 38.85 7.72 -30.22
C LYS C 282 39.26 8.97 -31.00
N GLN C 283 38.62 9.21 -32.17
CA GLN C 283 38.90 10.33 -33.08
C GLN C 283 38.71 11.71 -32.42
N GLY C 284 39.77 12.51 -32.45
CA GLY C 284 39.81 13.86 -31.87
C GLY C 284 39.49 13.95 -30.39
N LEU C 285 39.67 12.84 -29.65
CA LEU C 285 39.38 12.78 -28.22
C LEU C 285 40.49 13.43 -27.38
N PRO C 286 40.18 14.52 -26.64
CA PRO C 286 41.20 15.13 -25.76
C PRO C 286 41.77 14.22 -24.68
N SER C 287 43.09 14.33 -24.46
CA SER C 287 43.86 13.50 -23.52
C SER C 287 43.53 13.62 -21.98
N TYR C 288 42.69 14.61 -21.62
CA TYR C 288 42.32 14.86 -20.22
C TYR C 288 40.93 14.46 -19.70
N LEU C 289 39.99 14.12 -20.60
CA LEU C 289 38.60 13.79 -20.27
C LEU C 289 38.40 12.52 -19.43
N PHE C 290 39.16 11.45 -19.72
CA PHE C 290 39.00 10.17 -19.01
C PHE C 290 40.24 9.73 -18.23
N PRO C 291 40.10 8.98 -17.09
CA PRO C 291 41.28 8.53 -16.35
C PRO C 291 42.18 7.56 -17.11
N GLU C 292 43.46 7.47 -16.71
CA GLU C 292 44.53 6.63 -17.30
C GLU C 292 44.96 7.10 -18.71
N ASP C 293 44.45 8.24 -19.19
CA ASP C 293 44.75 8.82 -20.51
C ASP C 293 46.04 9.68 -20.49
N PRO C 294 46.67 9.98 -21.67
CA PRO C 294 47.96 10.71 -21.67
C PRO C 294 48.04 12.09 -21.01
N SER C 295 46.93 12.80 -20.77
CA SER C 295 46.99 14.13 -20.16
C SER C 295 46.13 14.28 -18.89
N TYR C 296 45.52 13.17 -18.41
CA TYR C 296 44.67 13.14 -17.23
C TYR C 296 45.39 13.43 -15.92
N ASP C 297 46.52 12.73 -15.65
CA ASP C 297 47.29 12.85 -14.41
C ASP C 297 47.91 14.25 -14.18
N ALA C 298 48.20 14.99 -15.27
CA ALA C 298 48.80 16.33 -15.19
C ALA C 298 47.77 17.46 -15.09
N ASN C 299 46.50 17.21 -15.52
CA ASN C 299 45.45 18.22 -15.51
C ASN C 299 44.33 18.00 -14.50
N VAL C 300 43.97 16.74 -14.22
CA VAL C 300 42.89 16.37 -13.30
C VAL C 300 43.41 15.93 -11.92
N ILE C 301 42.75 16.41 -10.86
CA ILE C 301 43.05 16.11 -9.46
C ILE C 301 42.26 14.89 -8.94
N ASP C 302 42.97 13.88 -8.42
CA ASP C 302 42.36 12.66 -7.88
C ASP C 302 41.92 12.86 -6.42
N ASP C 303 40.60 12.73 -6.16
CA ASP C 303 39.97 12.90 -4.85
C ASP C 303 40.58 11.98 -3.77
N GLU C 304 40.71 10.68 -4.08
CA GLU C 304 41.26 9.66 -3.19
C GLU C 304 42.74 9.89 -2.82
N ALA C 305 43.52 10.43 -3.78
CA ALA C 305 44.94 10.74 -3.60
C ALA C 305 45.16 11.91 -2.63
N VAL C 306 44.21 12.89 -2.60
CA VAL C 306 44.24 14.05 -1.70
C VAL C 306 44.08 13.57 -0.26
N LYS C 307 43.08 12.70 -0.01
CA LYS C 307 42.78 12.09 1.29
C LYS C 307 43.97 11.32 1.90
N GLU C 308 44.78 10.68 1.03
CA GLU C 308 45.97 9.92 1.43
C GLU C 308 47.07 10.85 1.94
N VAL C 309 47.20 12.05 1.33
CA VAL C 309 48.19 13.06 1.73
C VAL C 309 47.77 13.69 3.07
N CYS C 310 46.44 13.89 3.26
CA CYS C 310 45.84 14.44 4.47
C CYS C 310 46.22 13.64 5.71
N GLU C 311 45.86 12.34 5.74
CA GLU C 311 46.14 11.40 6.84
C GLU C 311 47.65 11.19 7.11
N LYS C 312 48.49 11.31 6.06
CA LYS C 312 49.94 11.12 6.14
C LYS C 312 50.67 12.32 6.76
N PHE C 313 50.09 13.55 6.64
CA PHE C 313 50.69 14.78 7.15
C PHE C 313 50.00 15.38 8.38
N GLU C 314 48.67 15.15 8.56
CA GLU C 314 47.91 15.67 9.71
C GLU C 314 48.29 14.96 11.00
CA THR C 316 48.18 19.51 9.20
C THR C 316 47.92 19.93 7.76
N GLU C 317 47.79 18.95 6.85
CA GLU C 317 47.53 19.19 5.43
C GLU C 317 46.06 18.98 5.05
N SER C 318 45.29 20.08 5.05
CA SER C 318 43.88 20.09 4.67
C SER C 318 43.74 20.49 3.20
N GLU C 319 44.49 21.54 2.79
CA GLU C 319 44.49 22.04 1.42
C GLU C 319 45.78 21.63 0.69
N VAL C 320 45.78 20.38 0.20
CA VAL C 320 46.88 19.78 -0.56
C VAL C 320 46.85 20.38 -1.98
N MET C 321 45.63 20.66 -2.48
CA MET C 321 45.36 21.25 -3.80
C MET C 321 46.04 22.61 -3.96
N ASN C 322 46.07 23.43 -2.89
CA ASN C 322 46.69 24.76 -2.85
C ASN C 322 48.20 24.73 -3.09
N SER C 323 48.90 23.69 -2.58
CA SER C 323 50.34 23.52 -2.73
C SER C 323 50.77 23.02 -4.12
N LEU C 324 49.80 22.57 -4.95
CA LEU C 324 50.05 22.06 -6.31
C LEU C 324 50.12 23.18 -7.36
N TYR C 325 49.82 24.44 -6.96
CA TYR C 325 49.88 25.62 -7.81
C TYR C 325 51.07 26.49 -7.35
N SER C 326 52.30 26.00 -7.62
CA SER C 326 53.55 26.68 -7.23
C SER C 326 54.61 26.58 -8.34
N PRO C 329 60.17 25.15 -6.43
CA PRO C 329 58.71 25.17 -6.65
C PRO C 329 58.02 23.84 -6.33
N GLN C 330 58.72 22.94 -5.59
CA GLN C 330 58.17 21.62 -5.22
C GLN C 330 57.96 21.49 -3.70
N ASP C 331 56.68 21.54 -3.29
CA ASP C 331 56.23 21.43 -1.89
C ASP C 331 56.22 19.97 -1.45
N GLN C 332 56.45 19.73 -0.14
CA GLN C 332 56.48 18.40 0.50
C GLN C 332 55.19 17.58 0.23
N LEU C 333 54.01 18.23 0.32
CA LEU C 333 52.72 17.60 0.07
C LEU C 333 52.49 17.37 -1.43
N ALA C 334 53.00 18.29 -2.28
CA ALA C 334 52.91 18.22 -3.74
C ALA C 334 53.73 17.05 -4.29
N VAL C 335 54.95 16.83 -3.72
CA VAL C 335 55.87 15.74 -4.07
C VAL C 335 55.22 14.41 -3.65
N ALA C 336 54.58 14.40 -2.45
CA ALA C 336 53.88 13.25 -1.90
C ALA C 336 52.65 12.88 -2.73
N TYR C 337 51.95 13.90 -3.31
CA TYR C 337 50.77 13.69 -4.17
C TYR C 337 51.17 13.00 -5.47
N HIS C 338 52.15 13.57 -6.20
CA HIS C 338 52.64 13.04 -7.47
C HIS C 338 53.24 11.64 -7.34
N LEU C 339 53.81 11.31 -6.16
CA LEU C 339 54.38 9.99 -5.86
C LEU C 339 53.26 8.93 -5.86
N ILE C 340 52.12 9.23 -5.21
CA ILE C 340 50.94 8.34 -5.16
C ILE C 340 50.42 8.09 -6.59
N ILE C 341 50.37 9.14 -7.43
CA ILE C 341 49.94 9.10 -8.83
C ILE C 341 50.91 8.24 -9.68
N ASP C 342 52.23 8.45 -9.53
CA ASP C 342 53.27 7.71 -10.25
C ASP C 342 53.29 6.22 -9.88
N ASN C 343 53.12 5.90 -8.58
CA ASN C 343 53.07 4.53 -8.06
C ASN C 343 51.83 3.81 -8.57
N ARG C 344 50.70 4.56 -8.69
CA ARG C 344 49.41 4.08 -9.19
C ARG C 344 49.51 3.68 -10.66
N ARG C 345 50.30 4.45 -11.46
CA ARG C 345 50.53 4.21 -12.88
C ARG C 345 51.25 2.88 -13.09
N ILE C 346 52.29 2.61 -12.28
CA ILE C 346 53.10 1.38 -12.30
C ILE C 346 52.19 0.16 -12.03
N MET C 347 51.27 0.30 -11.07
CA MET C 347 50.31 -0.75 -10.68
C MET C 347 49.24 -0.94 -11.76
N ASN C 348 48.70 0.16 -12.33
CA ASN C 348 47.68 0.13 -13.38
C ASN C 348 48.20 -0.49 -14.68
N GLN C 349 49.47 -0.23 -14.99
CA GLN C 349 50.10 -0.80 -16.22
C GLN C 349 50.19 -2.32 -16.05
N ALA C 350 50.43 -2.79 -14.82
CA ALA C 350 50.50 -4.24 -14.56
C ALA C 350 49.08 -4.77 -14.34
N SER C 351 48.25 -4.77 -15.39
CA SER C 351 46.85 -5.26 -15.28
C SER C 351 46.85 -6.74 -14.94
N GLU C 352 47.76 -7.51 -15.56
CA GLU C 352 47.83 -8.98 -15.33
C GLU C 352 48.17 -9.27 -13.87
N PHE C 353 49.07 -8.48 -13.27
CA PHE C 353 49.52 -8.72 -11.87
C PHE C 353 48.34 -8.56 -10.91
N TYR C 354 47.32 -7.80 -11.29
CA TYR C 354 46.20 -7.49 -10.40
C TYR C 354 44.87 -8.12 -10.81
N LEU C 355 44.66 -8.33 -12.12
CA LEU C 355 43.45 -8.95 -12.66
C LEU C 355 43.77 -10.06 -13.64
N ALA C 356 42.87 -11.05 -13.77
CA ALA C 356 43.04 -12.18 -14.67
C ALA C 356 42.61 -11.85 -16.10
N SER C 357 43.41 -12.31 -17.07
CA SER C 357 43.15 -12.12 -18.50
C SER C 357 42.15 -13.19 -18.97
N SER C 358 41.16 -12.78 -19.78
CA SER C 358 40.14 -13.67 -20.34
C SER C 358 40.75 -14.66 -21.37
N PRO C 359 40.18 -15.87 -21.56
CA PRO C 359 40.78 -16.79 -22.55
C PRO C 359 40.46 -16.40 -23.99
N PRO C 360 41.43 -16.53 -24.94
CA PRO C 360 41.16 -16.13 -26.34
C PRO C 360 40.10 -16.99 -27.01
N SER C 361 39.11 -16.34 -27.65
CA SER C 361 38.00 -16.99 -28.34
C SER C 361 36.97 -17.53 -27.35
N ASP C 366 33.71 -18.37 -32.52
CA ASP C 366 32.94 -17.62 -33.50
C ASP C 366 33.23 -18.09 -34.92
N ASP C 367 33.70 -17.17 -35.77
CA ASP C 367 33.97 -17.50 -37.19
C ASP C 367 35.09 -18.53 -37.28
N SER C 368 34.92 -19.54 -38.14
CA SER C 368 35.99 -20.56 -38.31
C SER C 368 36.78 -20.25 -39.58
N ALA C 369 38.09 -19.99 -39.44
CA ALA C 369 38.96 -19.71 -40.59
C ALA C 369 40.29 -20.40 -40.34
N MET C 370 41.08 -20.68 -41.37
CA MET C 370 42.33 -21.43 -41.12
C MET C 370 43.17 -20.60 -40.15
N HIS C 371 43.65 -21.21 -39.07
CA HIS C 371 44.39 -20.43 -38.04
C HIS C 371 45.49 -21.30 -37.43
N ILE C 372 46.53 -20.66 -36.90
CA ILE C 372 47.60 -21.43 -36.20
C ILE C 372 47.21 -21.53 -34.71
N PRO C 373 47.54 -22.61 -33.95
CA PRO C 373 47.21 -22.62 -32.51
C PRO C 373 47.99 -21.56 -31.72
N PRO C 374 47.34 -20.82 -30.78
CA PRO C 374 48.08 -19.79 -30.02
C PRO C 374 49.13 -20.40 -29.09
N GLY C 375 50.38 -19.95 -29.27
CA GLY C 375 51.51 -20.43 -28.50
C GLY C 375 51.74 -19.71 -27.19
N LEU C 376 50.66 -19.47 -26.43
CA LEU C 376 50.72 -18.81 -25.13
C LEU C 376 51.21 -19.80 -24.09
N LYS C 377 52.37 -19.51 -23.48
CA LYS C 377 53.00 -20.37 -22.47
C LYS C 377 52.19 -20.36 -21.16
N PRO C 378 51.86 -21.55 -20.60
CA PRO C 378 51.08 -21.57 -19.34
C PRO C 378 51.90 -21.18 -18.13
N HIS C 379 51.22 -20.73 -17.06
CA HIS C 379 51.84 -20.34 -15.80
C HIS C 379 52.39 -21.61 -15.11
N PRO C 380 53.62 -21.59 -14.53
CA PRO C 380 54.16 -22.83 -13.92
C PRO C 380 53.37 -23.39 -12.72
N GLU C 381 52.42 -22.61 -12.17
CA GLU C 381 51.59 -23.02 -11.04
C GLU C 381 50.18 -23.49 -11.44
N ARG C 382 49.89 -23.58 -12.77
CA ARG C 382 48.59 -24.04 -13.26
C ARG C 382 48.40 -25.53 -12.96
N MET C 383 47.30 -25.84 -12.26
CA MET C 383 46.97 -27.20 -11.84
C MET C 383 46.48 -28.07 -13.00
N PRO C 384 47.01 -29.31 -13.14
CA PRO C 384 46.53 -30.20 -14.22
C PRO C 384 45.12 -30.73 -13.91
N PRO C 385 44.34 -31.23 -14.90
CA PRO C 385 42.98 -31.72 -14.59
C PRO C 385 42.95 -32.90 -13.62
N LEU C 386 41.92 -32.93 -12.75
CA LEU C 386 41.72 -34.02 -11.79
C LEU C 386 41.11 -35.18 -12.57
N ILE C 387 41.80 -36.32 -12.58
CA ILE C 387 41.33 -37.51 -13.34
C ILE C 387 40.36 -38.29 -12.45
N ALA C 388 39.14 -38.52 -12.93
CA ALA C 388 38.12 -39.28 -12.15
C ALA C 388 38.57 -40.74 -12.02
N ASP C 389 38.23 -41.38 -10.89
CA ASP C 389 38.64 -42.79 -10.66
C ASP C 389 38.03 -43.65 -11.77
N SER C 390 38.83 -44.50 -12.40
CA SER C 390 38.34 -45.33 -13.54
C SER C 390 39.26 -46.53 -13.76
N ALA C 409 39.63 -35.22 -16.77
CA ALA C 409 38.67 -36.31 -16.94
C ALA C 409 37.42 -36.08 -16.08
N VAL C 410 37.54 -35.27 -15.02
CA VAL C 410 36.40 -35.07 -14.05
C VAL C 410 35.25 -34.23 -14.62
N LYS C 411 34.07 -34.30 -14.01
CA LYS C 411 32.86 -33.56 -14.48
C LYS C 411 33.06 -32.05 -14.33
N LYS C 412 33.69 -31.59 -13.23
CA LYS C 412 33.85 -30.12 -12.97
C LYS C 412 32.49 -29.42 -12.99
N ALA C 413 31.54 -29.84 -12.14
CA ALA C 413 30.17 -29.28 -12.12
C ALA C 413 30.18 -27.77 -11.82
N LYS C 414 29.27 -27.01 -12.44
CA LYS C 414 29.23 -25.53 -12.29
C LYS C 414 28.58 -25.07 -10.98
N TRP C 415 28.88 -23.84 -10.53
CA TRP C 415 28.29 -23.26 -9.30
C TRP C 415 26.89 -22.69 -9.59
N HIS C 416 26.11 -22.39 -8.54
CA HIS C 416 24.76 -21.78 -8.72
C HIS C 416 24.52 -20.66 -7.69
N LEU C 417 23.63 -19.70 -8.00
CA LEU C 417 23.33 -18.59 -7.10
C LEU C 417 22.68 -19.01 -5.77
N GLY C 418 21.99 -20.14 -5.74
CA GLY C 418 21.38 -20.61 -4.52
C GLY C 418 20.37 -21.72 -4.68
N ILE C 419 19.40 -21.77 -3.74
CA ILE C 419 18.35 -22.78 -3.70
C ILE C 419 17.28 -22.48 -4.75
N ARG C 420 17.09 -23.43 -5.69
CA ARG C 420 16.07 -23.34 -6.73
C ARG C 420 14.94 -24.32 -6.38
N SER C 421 13.76 -23.78 -6.07
CA SER C 421 12.59 -24.57 -5.67
C SER C 421 11.46 -24.50 -6.70
N GLN C 422 10.89 -25.67 -7.04
CA GLN C 422 9.79 -25.81 -7.99
C GLN C 422 8.42 -25.56 -7.32
N SER C 423 8.37 -25.64 -5.98
CA SER C 423 7.15 -25.44 -5.18
C SER C 423 6.65 -23.99 -5.20
N LYS C 424 5.39 -23.77 -4.75
CA LYS C 424 4.72 -22.48 -4.69
C LYS C 424 5.50 -21.43 -3.85
N PRO C 425 5.51 -20.13 -4.24
CA PRO C 425 6.26 -19.13 -3.45
C PRO C 425 5.82 -18.97 -1.99
N TYR C 426 4.51 -19.14 -1.72
CA TYR C 426 3.93 -19.06 -0.37
C TYR C 426 4.41 -20.23 0.48
N ASP C 427 4.60 -21.41 -0.15
CA ASP C 427 5.07 -22.64 0.48
C ASP C 427 6.56 -22.56 0.83
N ILE C 428 7.38 -21.89 -0.03
CA ILE C 428 8.82 -21.72 0.18
C ILE C 428 9.04 -20.87 1.44
N MET C 429 8.42 -19.67 1.49
CA MET C 429 8.51 -18.72 2.62
C MET C 429 8.10 -19.36 3.94
N ALA C 430 6.98 -20.10 3.95
CA ALA C 430 6.46 -20.82 5.12
C ALA C 430 7.48 -21.86 5.62
N GLU C 431 8.17 -22.55 4.68
CA GLU C 431 9.19 -23.54 4.99
C GLU C 431 10.45 -22.85 5.54
N VAL C 432 10.76 -21.63 5.04
CA VAL C 432 11.89 -20.81 5.48
C VAL C 432 11.62 -20.31 6.92
N TYR C 433 10.37 -19.85 7.20
CA TYR C 433 9.94 -19.39 8.52
C TYR C 433 10.02 -20.51 9.57
N ARG C 434 9.75 -21.76 9.16
CA ARG C 434 9.81 -22.94 10.02
C ARG C 434 11.26 -23.35 10.29
N ALA C 435 12.13 -23.25 9.27
CA ALA C 435 13.56 -23.60 9.35
C ALA C 435 14.32 -22.64 10.25
N MET C 436 14.01 -21.32 10.17
CA MET C 436 14.62 -20.27 10.99
C MET C 436 14.31 -20.45 12.47
N LYS C 437 13.06 -20.87 12.79
CA LYS C 437 12.58 -21.12 14.15
C LYS C 437 13.35 -22.26 14.83
N GLN C 438 13.67 -23.33 14.06
CA GLN C 438 14.41 -24.50 14.52
C GLN C 438 15.85 -24.13 14.92
N LEU C 439 16.48 -23.25 14.13
CA LEU C 439 17.85 -22.77 14.34
C LEU C 439 17.90 -21.54 15.27
N ASP C 440 16.72 -21.10 15.76
CA ASP C 440 16.49 -19.95 16.64
C ASP C 440 17.06 -18.65 16.04
N PHE C 441 16.50 -18.31 14.86
CA PHE C 441 16.92 -17.09 14.16
C PHE C 441 15.88 -15.99 14.43
N GLU C 442 16.34 -14.76 14.57
CA GLU C 442 15.49 -13.58 14.80
C GLU C 442 15.44 -12.78 13.50
N TRP C 443 14.26 -12.70 12.85
CA TRP C 443 14.13 -12.01 11.57
C TRP C 443 13.19 -10.80 11.58
N LYS C 444 13.45 -9.85 10.66
CA LYS C 444 12.66 -8.65 10.42
C LYS C 444 11.98 -8.81 9.06
N VAL C 445 10.65 -8.61 9.01
CA VAL C 445 9.89 -8.75 7.77
C VAL C 445 9.87 -7.41 7.02
N VAL C 446 10.66 -7.31 5.94
CA VAL C 446 10.75 -6.11 5.09
C VAL C 446 9.50 -6.11 4.20
N ASN C 447 9.21 -7.26 3.57
CA ASN C 447 8.04 -7.54 2.73
C ASN C 447 7.80 -9.06 2.67
N ALA C 448 6.77 -9.50 1.91
CA ALA C 448 6.40 -10.92 1.78
C ALA C 448 7.51 -11.83 1.23
N TYR C 449 8.47 -11.28 0.47
CA TYR C 449 9.56 -12.07 -0.11
C TYR C 449 10.98 -11.62 0.31
N HIS C 450 11.10 -10.48 1.03
CA HIS C 450 12.40 -9.96 1.49
C HIS C 450 12.47 -9.97 3.02
N LEU C 451 13.51 -10.62 3.58
CA LEU C 451 13.73 -10.76 5.02
C LEU C 451 15.12 -10.34 5.46
N ARG C 452 15.24 -9.91 6.74
CA ARG C 452 16.49 -9.51 7.38
C ARG C 452 16.68 -10.38 8.63
N VAL C 453 17.39 -11.51 8.45
CA VAL C 453 17.65 -12.54 9.46
C VAL C 453 18.86 -12.21 10.34
N ARG C 454 18.83 -12.63 11.63
CA ARG C 454 19.90 -12.41 12.61
C ARG C 454 20.03 -13.54 13.63
N ARG C 455 21.28 -13.81 14.08
CA ARG C 455 21.64 -14.83 15.09
C ARG C 455 22.99 -14.45 15.72
N LYS C 456 23.06 -14.55 17.06
CA LYS C 456 24.28 -14.25 17.83
C LYS C 456 25.17 -15.49 17.88
N ASN C 457 26.46 -15.33 17.52
CA ASN C 457 27.45 -16.40 17.54
C ASN C 457 27.84 -16.69 19.00
N PRO C 458 27.76 -17.95 19.46
CA PRO C 458 28.06 -18.24 20.89
C PRO C 458 29.51 -18.01 21.33
N VAL C 459 30.49 -18.19 20.42
CA VAL C 459 31.91 -18.03 20.72
C VAL C 459 32.31 -16.56 20.82
N THR C 460 32.05 -15.78 19.76
CA THR C 460 32.42 -14.35 19.69
C THR C 460 31.51 -13.45 20.52
N GLY C 461 30.21 -13.69 20.45
CA GLY C 461 29.19 -12.89 21.12
C GLY C 461 28.62 -11.82 20.21
N ASN C 462 29.14 -11.76 18.97
CA ASN C 462 28.73 -10.80 17.93
C ASN C 462 27.51 -11.32 17.17
N TYR C 463 26.69 -10.39 16.64
CA TYR C 463 25.50 -10.73 15.87
C TYR C 463 25.83 -10.90 14.40
N VAL C 464 25.32 -11.98 13.79
CA VAL C 464 25.51 -12.32 12.37
C VAL C 464 24.20 -11.98 11.65
N LYS C 465 24.27 -11.13 10.60
CA LYS C 465 23.08 -10.70 9.86
C LYS C 465 23.15 -10.97 8.36
N MET C 466 22.05 -11.50 7.77
CA MET C 466 21.95 -11.78 6.35
C MET C 466 20.58 -11.41 5.77
N SER C 467 20.55 -11.04 4.48
CA SER C 467 19.34 -10.65 3.75
C SER C 467 18.87 -11.76 2.81
N LEU C 468 17.62 -12.23 3.03
CA LEU C 468 16.98 -13.27 2.21
C LEU C 468 15.97 -12.67 1.25
N GLN C 469 16.03 -13.06 -0.03
CA GLN C 469 15.12 -12.57 -1.07
C GLN C 469 14.76 -13.66 -2.07
N LEU C 470 13.45 -13.89 -2.27
CA LEU C 470 12.95 -14.88 -3.23
C LEU C 470 12.75 -14.20 -4.59
N TYR C 471 13.26 -14.85 -5.64
CA TYR C 471 13.20 -14.37 -7.03
C TYR C 471 12.41 -15.33 -7.94
N LEU C 472 12.15 -14.89 -9.18
CA LEU C 472 11.44 -15.66 -10.20
C LEU C 472 12.37 -15.88 -11.39
N VAL C 473 12.96 -17.08 -11.50
CA VAL C 473 13.88 -17.45 -12.59
C VAL C 473 13.06 -17.68 -13.87
N ASP C 474 12.09 -18.59 -13.79
CA ASP C 474 11.20 -18.87 -14.95
C ASP C 474 9.80 -19.06 -14.38
N ASN C 475 8.85 -19.52 -15.20
CA ASN C 475 7.45 -19.63 -14.72
C ASN C 475 7.36 -20.63 -13.57
N ARG C 476 8.05 -21.77 -13.68
CA ARG C 476 7.93 -22.82 -12.64
C ARG C 476 9.12 -22.81 -11.68
N SER C 477 10.10 -21.92 -11.88
CA SER C 477 11.32 -21.97 -11.04
C SER C 477 11.47 -20.73 -10.17
N TYR C 478 11.80 -20.92 -8.89
CA TYR C 478 12.00 -19.80 -7.96
C TYR C 478 13.34 -19.98 -7.24
N LEU C 479 14.12 -18.89 -7.09
CA LEU C 479 15.42 -18.94 -6.41
C LEU C 479 15.41 -18.18 -5.09
N LEU C 480 16.10 -18.70 -4.08
CA LEU C 480 16.23 -18.08 -2.76
C LEU C 480 17.64 -17.50 -2.63
N ASP C 481 17.76 -16.15 -2.68
CA ASP C 481 19.03 -15.44 -2.61
C ASP C 481 19.46 -15.13 -1.18
N PHE C 482 20.75 -15.38 -0.89
CA PHE C 482 21.38 -15.14 0.41
C PHE C 482 22.41 -14.01 0.22
N LYS C 483 22.17 -12.86 0.86
CA LYS C 483 23.03 -11.68 0.77
C LYS C 483 23.66 -11.35 2.12
N SER C 484 24.96 -11.00 2.12
CA SER C 484 25.72 -10.67 3.33
C SER C 484 25.58 -9.19 3.71
N ILE C 485 25.30 -8.93 5.00
CA ILE C 485 25.17 -7.56 5.55
C ILE C 485 26.38 -7.30 6.44
N ASP C 486 27.20 -6.30 6.07
CA ASP C 486 28.39 -5.93 6.84
C ASP C 486 28.04 -5.27 8.17
N ASP C 487 28.91 -5.44 9.20
CA ASP C 487 28.74 -4.92 10.55
C ASP C 487 28.41 -3.42 10.59
N GLU C 488 27.33 -3.05 11.31
CA GLU C 488 26.86 -1.69 11.44
C GLU C 488 25.99 -1.29 10.25
N PRO C 543 33.36 -8.81 12.51
CA PRO C 543 33.72 -9.60 13.70
C PRO C 543 35.23 -9.70 13.89
N ARG C 544 35.75 -9.16 15.01
CA ARG C 544 37.18 -9.16 15.32
C ARG C 544 37.71 -10.52 15.76
N LEU C 545 37.04 -11.18 16.72
CA LEU C 545 37.44 -12.50 17.25
C LEU C 545 37.24 -13.63 16.23
N GLY C 546 36.20 -13.52 15.41
CA GLY C 546 35.89 -14.49 14.36
C GLY C 546 36.26 -14.00 12.99
N SER C 547 35.35 -14.18 12.02
CA SER C 547 35.49 -13.76 10.63
C SER C 547 34.10 -13.53 10.04
N HIS C 548 33.87 -12.32 9.51
CA HIS C 548 32.59 -11.89 8.91
C HIS C 548 32.11 -12.80 7.78
N THR C 549 33.01 -13.14 6.83
CA THR C 549 32.72 -14.00 5.67
C THR C 549 32.43 -15.43 6.13
N MET C 550 33.18 -15.93 7.12
CA MET C 550 33.00 -17.27 7.69
C MET C 550 31.70 -17.37 8.48
N ASP C 551 31.29 -16.25 9.12
CA ASP C 551 30.04 -16.16 9.89
C ASP C 551 28.84 -16.23 8.96
N PHE C 552 28.95 -15.60 7.77
CA PHE C 552 27.92 -15.59 6.73
C PHE C 552 27.71 -17.00 6.17
N PHE C 553 28.82 -17.69 5.82
CA PHE C 553 28.79 -19.06 5.28
C PHE C 553 28.18 -20.06 6.25
N GLU C 554 28.55 -19.97 7.55
CA GLU C 554 28.06 -20.87 8.61
C GLU C 554 26.56 -20.69 8.85
N MET C 555 26.05 -19.44 8.74
CA MET C 555 24.62 -19.12 8.90
C MET C 555 23.84 -19.70 7.72
N CYS C 556 24.38 -19.53 6.49
CA CYS C 556 23.80 -20.05 5.25
C CYS C 556 23.81 -21.58 5.26
N ALA C 557 24.90 -22.19 5.79
CA ALA C 557 25.09 -23.63 5.92
C ALA C 557 24.02 -24.27 6.80
N SER C 558 23.67 -23.59 7.91
CA SER C 558 22.65 -24.03 8.86
C SER C 558 21.26 -23.99 8.25
N LEU C 559 20.94 -22.91 7.49
CA LEU C 559 19.65 -22.72 6.83
C LEU C 559 19.43 -23.67 5.66
N ILE C 560 20.48 -23.97 4.87
CA ILE C 560 20.42 -24.87 3.72
C ILE C 560 20.20 -26.33 4.17
N THR C 561 21.01 -26.82 5.13
CA THR C 561 20.93 -28.18 5.67
C THR C 561 19.59 -28.51 6.32
N THR C 562 18.99 -27.53 7.05
CA THR C 562 17.69 -27.66 7.72
C THR C 562 16.56 -27.78 6.69
N LEU C 563 16.57 -26.91 5.65
CA LEU C 563 15.58 -26.89 4.57
C LEU C 563 15.63 -28.15 3.69
N ALA C 564 16.84 -28.77 3.56
CA ALA C 564 17.05 -29.97 2.76
C ALA C 564 16.76 -31.23 3.59
N ALA D 75 26.89 36.33 7.21
CA ALA D 75 26.94 35.06 7.94
C ALA D 75 25.89 34.90 9.06
N GLN D 76 25.51 35.99 9.70
CA GLN D 76 24.47 35.96 10.76
C GLN D 76 23.22 36.74 10.29
N ALA D 77 22.97 36.69 8.96
CA ALA D 77 21.84 37.43 8.35
C ALA D 77 20.56 36.74 8.86
N ARG D 78 20.58 35.42 8.99
CA ARG D 78 19.37 34.65 9.42
C ARG D 78 18.15 34.92 8.52
N PRO D 79 18.21 34.72 7.18
CA PRO D 79 17.09 35.02 6.28
C PRO D 79 15.86 34.12 6.47
N THR D 80 14.65 34.68 6.29
CA THR D 80 13.40 33.90 6.51
C THR D 80 12.42 34.13 5.35
N VAL D 81 11.82 33.06 4.83
CA VAL D 81 10.89 33.14 3.68
C VAL D 81 9.43 33.22 4.14
N PHE D 82 8.70 34.22 3.61
CA PHE D 82 7.27 34.42 3.83
C PHE D 82 6.58 34.34 2.47
N ARG D 83 6.06 33.16 2.14
CA ARG D 83 5.44 32.85 0.85
C ARG D 83 3.94 32.58 0.98
N TRP D 84 3.12 33.38 0.26
CA TRP D 84 1.67 33.21 0.21
C TRP D 84 1.34 32.47 -1.07
N THR D 85 0.92 31.19 -0.94
CA THR D 85 0.59 30.31 -2.07
C THR D 85 -0.88 30.41 -2.48
N GLY D 86 -1.67 31.16 -1.70
CA GLY D 86 -3.09 31.38 -1.98
C GLY D 86 -3.34 32.37 -3.10
N GLY D 87 -4.60 32.76 -3.26
CA GLY D 87 -5.02 33.71 -4.29
C GLY D 87 -4.91 35.15 -3.86
N GLY D 88 -5.53 36.02 -4.65
CA GLY D 88 -5.57 37.46 -4.40
C GLY D 88 -4.77 38.31 -5.36
N LYS D 89 -5.09 39.61 -5.40
CA LYS D 89 -4.41 40.60 -6.25
C LYS D 89 -3.36 41.36 -5.45
N GLU D 90 -3.69 41.71 -4.18
CA GLU D 90 -2.81 42.44 -3.28
C GLU D 90 -2.63 41.68 -1.97
N VAL D 91 -1.38 41.30 -1.66
CA VAL D 91 -1.03 40.57 -0.44
C VAL D 91 0.02 41.34 0.36
N TYR D 92 -0.27 41.58 1.66
CA TYR D 92 0.61 42.28 2.58
C TYR D 92 1.04 41.35 3.73
N LEU D 93 2.19 41.63 4.34
CA LEU D 93 2.69 40.86 5.48
C LEU D 93 2.79 41.75 6.72
N SER D 94 2.12 41.34 7.81
CA SER D 94 2.13 42.03 9.10
C SER D 94 2.51 41.04 10.19
N GLY D 95 3.32 41.50 11.13
CA GLY D 95 3.78 40.67 12.24
C GLY D 95 4.39 41.43 13.40
N SER D 96 4.77 40.69 14.45
CA SER D 96 5.41 41.22 15.67
C SER D 96 6.75 41.87 15.31
N PHE D 97 7.38 41.37 14.23
CA PHE D 97 8.69 41.90 13.78
C PHE D 97 8.51 43.30 13.19
N ASN D 98 7.44 43.50 12.40
CA ASN D 98 7.22 44.81 11.72
C ASN D 98 6.20 45.68 12.46
N ASN D 99 5.85 45.33 13.70
CA ASN D 99 4.82 46.07 14.48
C ASN D 99 3.47 46.03 13.75
N TRP D 100 3.15 44.90 13.11
CA TRP D 100 1.84 44.71 12.43
C TRP D 100 1.62 45.74 11.32
N SER D 101 2.70 46.34 10.80
CA SER D 101 2.57 47.24 9.66
C SER D 101 2.47 46.42 8.37
N LYS D 102 1.89 46.99 7.30
CA LYS D 102 1.69 46.29 6.03
C LYS D 102 2.94 46.33 5.13
N LEU D 103 3.56 45.16 4.92
CA LEU D 103 4.73 45.01 4.07
C LEU D 103 4.25 44.39 2.75
N PRO D 104 4.20 45.16 1.63
CA PRO D 104 3.69 44.60 0.37
C PRO D 104 4.58 43.52 -0.24
N LEU D 105 3.98 42.36 -0.57
CA LEU D 105 4.70 41.23 -1.15
C LEU D 105 4.69 41.31 -2.68
N THR D 106 5.83 40.94 -3.30
CA THR D 106 5.93 40.95 -4.78
C THR D 106 5.44 39.60 -5.31
N ARG D 107 4.79 39.58 -6.47
CA ARG D 107 4.18 38.33 -6.97
C ARG D 107 4.81 37.90 -8.30
N SEP D 108 5.00 36.58 -8.50
CA SEP D 108 5.49 36.08 -9.80
CB SEP D 108 6.58 35.06 -9.58
OG SEP D 108 6.06 34.02 -8.72
C SEP D 108 4.28 35.48 -10.54
O SEP D 108 3.72 36.17 -11.40
P SEP D 108 6.53 32.50 -8.99
O1P SEP D 108 5.31 31.63 -8.75
O2P SEP D 108 7.00 32.46 -10.42
O3P SEP D 108 7.65 32.22 -7.99
N HIS D 109 3.89 34.26 -10.15
CA HIS D 109 2.70 33.59 -10.74
C HIS D 109 1.94 32.91 -9.60
N ASN D 110 1.14 33.65 -8.82
CA ASN D 110 0.35 33.11 -7.68
C ASN D 110 1.24 32.87 -6.45
N ASN D 111 2.48 33.39 -6.46
CA ASN D 111 3.37 33.27 -5.28
C ASN D 111 3.83 34.66 -4.83
N PHE D 112 3.38 35.11 -3.66
CA PHE D 112 3.75 36.46 -3.14
C PHE D 112 4.85 36.18 -2.13
N VAL D 113 5.98 36.92 -2.18
CA VAL D 113 7.08 36.56 -1.25
C VAL D 113 7.87 37.74 -0.70
N ALA D 114 8.60 37.53 0.39
CA ALA D 114 9.48 38.48 1.05
C ALA D 114 10.46 37.64 1.87
N ILE D 115 11.76 37.94 1.74
CA ILE D 115 12.80 37.26 2.51
C ILE D 115 13.37 38.28 3.49
N LEU D 116 13.00 38.14 4.77
CA LEU D 116 13.40 39.05 5.85
C LEU D 116 14.47 38.45 6.74
N ASP D 117 15.38 39.31 7.25
CA ASP D 117 16.44 38.90 8.17
C ASP D 117 15.84 38.98 9.58
N LEU D 118 15.53 37.80 10.18
CA LEU D 118 14.89 37.71 11.49
C LEU D 118 15.76 37.09 12.58
N PRO D 119 15.72 37.62 13.83
CA PRO D 119 16.52 37.01 14.90
C PRO D 119 15.90 35.69 15.39
N GLU D 120 16.73 34.87 16.08
CA GLU D 120 16.35 33.58 16.65
C GLU D 120 15.23 33.75 17.67
N GLY D 121 14.25 32.85 17.64
CA GLY D 121 13.13 32.87 18.56
C GLY D 121 11.75 32.85 17.95
N GLU D 122 10.73 33.00 18.81
CA GLU D 122 9.31 33.01 18.46
C GLU D 122 8.91 34.30 17.75
N HIS D 123 8.15 34.16 16.66
CA HIS D 123 7.64 35.26 15.85
C HIS D 123 6.21 34.97 15.40
N GLN D 124 5.33 35.98 15.50
CA GLN D 124 3.92 35.88 15.11
C GLN D 124 3.64 36.79 13.91
N TYR D 125 2.87 36.29 12.93
CA TYR D 125 2.54 37.02 11.70
C TYR D 125 1.14 36.71 11.14
N LYS D 126 0.71 37.51 10.16
CA LYS D 126 -0.57 37.41 9.46
C LYS D 126 -0.41 37.89 8.02
N PHE D 127 -1.46 37.76 7.21
CA PHE D 127 -1.50 38.22 5.83
C PHE D 127 -2.74 39.07 5.60
N PHE D 128 -2.60 40.12 4.79
CA PHE D 128 -3.69 41.02 4.44
C PHE D 128 -3.96 40.88 2.95
N VAL D 129 -4.90 39.99 2.59
CA VAL D 129 -5.26 39.69 1.20
C VAL D 129 -6.57 40.37 0.81
N ASP D 130 -6.48 41.43 -0.02
CA ASP D 130 -7.59 42.22 -0.58
C ASP D 130 -8.57 42.72 0.50
N GLY D 131 -8.05 43.52 1.42
CA GLY D 131 -8.83 44.12 2.50
C GLY D 131 -9.21 43.21 3.66
N GLN D 132 -8.83 41.92 3.59
CA GLN D 132 -9.18 40.94 4.62
C GLN D 132 -7.97 40.32 5.31
N TRP D 133 -8.05 40.20 6.65
CA TRP D 133 -7.03 39.57 7.48
C TRP D 133 -7.14 38.05 7.32
N THR D 134 -6.05 37.39 6.93
CA THR D 134 -6.00 35.95 6.72
C THR D 134 -4.67 35.33 7.17
N HIS D 135 -4.66 33.99 7.37
CA HIS D 135 -3.49 33.22 7.80
C HIS D 135 -3.32 31.98 6.92
N ASP D 136 -2.08 31.44 6.87
CA ASP D 136 -1.77 30.22 6.13
C ASP D 136 -2.22 29.03 7.01
N PRO D 137 -3.22 28.22 6.57
CA PRO D 137 -3.71 27.12 7.43
C PRO D 137 -2.74 25.94 7.57
N SER D 138 -1.78 25.80 6.64
CA SER D 138 -0.77 24.74 6.67
C SER D 138 0.23 24.93 7.81
N GLU D 139 0.53 26.20 8.15
CA GLU D 139 1.46 26.58 9.22
C GLU D 139 0.75 26.71 10.59
N PRO D 140 1.44 26.46 11.74
CA PRO D 140 0.74 26.56 13.04
C PRO D 140 0.20 27.95 13.38
N ILE D 141 -0.94 27.97 14.11
CA ILE D 141 -1.64 29.20 14.50
C ILE D 141 -1.69 29.47 16.02
N VAL D 142 -1.97 30.71 16.38
CA VAL D 142 -2.11 31.12 17.80
C VAL D 142 -3.38 31.97 17.94
N THR D 143 -4.26 31.62 18.88
CA THR D 143 -5.54 32.36 19.06
C THR D 143 -5.44 33.19 20.34
N SER D 144 -5.63 34.52 20.23
CA SER D 144 -5.52 35.43 21.40
C SER D 144 -6.81 35.43 22.22
N GLN D 145 -6.79 36.07 23.39
CA GLN D 145 -8.01 36.19 24.22
C GLN D 145 -9.06 36.97 23.43
N LEU D 146 -8.64 37.99 22.67
CA LEU D 146 -9.57 38.80 21.84
C LEU D 146 -10.04 37.99 20.63
N GLY D 147 -9.43 36.83 20.38
CA GLY D 147 -9.84 35.96 19.26
C GLY D 147 -9.05 36.22 18.00
N THR D 148 -8.00 37.03 18.06
CA THR D 148 -7.13 37.31 16.88
C THR D 148 -6.27 36.08 16.57
N VAL D 149 -6.33 35.57 15.33
CA VAL D 149 -5.57 34.33 14.97
C VAL D 149 -4.30 34.76 14.21
N ASN D 150 -3.13 34.39 14.74
CA ASN D 150 -1.85 34.77 14.12
C ASN D 150 -1.02 33.50 13.87
N ASN D 151 -0.43 33.37 12.69
CA ASN D 151 0.43 32.21 12.40
C ASN D 151 1.67 32.36 13.28
N ILE D 152 2.32 31.23 13.62
CA ILE D 152 3.51 31.24 14.47
C ILE D 152 4.70 30.52 13.84
N ILE D 153 5.89 31.14 13.90
CA ILE D 153 7.15 30.56 13.41
C ILE D 153 8.27 30.62 14.43
N GLN D 154 8.95 29.48 14.62
CA GLN D 154 10.07 29.38 15.55
C GLN D 154 11.38 29.37 14.77
N VAL D 155 12.03 30.54 14.69
CA VAL D 155 13.31 30.72 14.01
C VAL D 155 14.39 30.10 14.90
N LYS D 156 14.93 28.96 14.48
CA LYS D 156 15.95 28.19 15.21
C LYS D 156 17.35 28.37 14.60
N LYS D 157 18.39 28.03 15.37
CA LYS D 157 19.79 28.10 14.94
C LYS D 157 20.10 27.03 13.89
N THR D 158 19.48 25.84 14.04
CA THR D 158 19.65 24.67 13.15
C THR D 158 19.11 24.93 11.73
N ASP D 159 18.19 25.90 11.61
CA ASP D 159 17.54 26.16 10.30
C ASP D 159 18.50 26.85 9.34
N PHE D 160 19.64 27.35 9.84
CA PHE D 160 20.57 28.12 8.97
C PHE D 160 21.82 27.43 8.42
N GLU D 161 21.92 26.11 8.68
CA GLU D 161 23.00 25.26 8.11
C GLU D 161 22.25 24.08 7.50
N VAL D 162 22.56 23.66 6.27
CA VAL D 162 21.76 22.61 5.57
C VAL D 162 21.79 21.25 6.28
N PHE D 163 22.94 20.81 6.78
CA PHE D 163 23.01 19.44 7.36
C PHE D 163 22.32 19.41 8.71
N ASP D 164 22.48 20.45 9.53
CA ASP D 164 21.78 20.54 10.84
C ASP D 164 20.27 20.56 10.59
N ALA D 165 19.83 21.29 9.57
CA ALA D 165 18.38 21.38 9.26
C ALA D 165 17.88 20.01 8.80
N LEU D 166 18.64 19.33 7.95
CA LEU D 166 18.23 18.00 7.47
C LEU D 166 18.18 16.96 8.59
N MET D 167 19.03 17.14 9.62
CA MET D 167 19.08 16.27 10.80
C MET D 167 17.82 16.47 11.64
N VAL D 168 17.34 17.73 11.74
CA VAL D 168 16.12 18.10 12.46
C VAL D 168 14.90 17.60 11.65
N ASP D 169 14.99 17.64 10.31
CA ASP D 169 13.94 17.16 9.41
C ASP D 169 13.81 15.63 9.45
N SER D 170 14.96 14.92 9.57
CA SER D 170 15.01 13.45 9.62
C SER D 170 14.41 12.91 10.93
N GLN D 171 14.71 13.56 12.07
CA GLN D 171 14.18 13.15 13.38
C GLN D 171 12.67 13.44 13.50
N LYS D 172 12.15 14.40 12.71
CA LYS D 172 10.72 14.75 12.66
C LYS D 172 9.93 13.62 12.00
N CYS D 173 10.51 13.02 10.92
CA CYS D 173 9.92 11.90 10.18
C CYS D 173 9.97 10.62 11.02
N SER D 174 11.07 10.43 11.79
CA SER D 174 11.29 9.29 12.68
C SER D 174 10.39 9.34 13.91
N ASP D 175 10.16 10.54 14.49
CA ASP D 175 9.31 10.77 15.66
C ASP D 175 7.86 10.42 15.38
N VAL D 176 7.34 10.79 14.18
CA VAL D 176 5.96 10.49 13.79
C VAL D 176 5.86 9.01 13.37
N SER D 177 5.27 8.19 14.27
CA SER D 177 5.12 6.75 14.07
C SER D 177 3.82 6.21 14.70
N GLU D 178 3.44 4.97 14.32
CA GLU D 178 2.24 4.28 14.81
C GLU D 178 2.57 3.46 16.05
N PRO D 184 12.35 -0.83 11.47
CA PRO D 184 10.90 -0.67 11.60
C PRO D 184 10.36 -1.20 12.92
N GLY D 185 10.80 -2.40 13.29
CA GLY D 185 10.42 -3.10 14.51
C GLY D 185 11.51 -4.06 14.96
N PRO D 186 11.66 -4.34 16.27
CA PRO D 186 12.74 -5.26 16.71
C PRO D 186 12.67 -6.68 16.14
N TYR D 187 13.83 -7.37 16.07
CA TYR D 187 14.00 -8.73 15.57
C TYR D 187 13.06 -9.69 16.30
N HIS D 188 12.19 -10.38 15.54
CA HIS D 188 11.17 -11.30 16.08
C HIS D 188 11.16 -12.68 15.41
N GLN D 189 10.38 -13.61 15.99
CA GLN D 189 10.21 -14.98 15.49
C GLN D 189 8.75 -15.20 15.01
N GLU D 190 8.09 -14.10 14.57
CA GLU D 190 6.72 -14.10 14.09
C GLU D 190 6.68 -14.15 12.54
N PRO D 191 6.17 -15.24 11.90
CA PRO D 191 6.06 -15.29 10.45
C PRO D 191 5.04 -14.27 9.91
N TYR D 192 5.27 -13.77 8.70
CA TYR D 192 4.33 -12.80 8.08
C TYR D 192 2.99 -13.49 7.82
N VAL D 193 1.89 -12.80 8.15
CA VAL D 193 0.52 -13.37 7.92
C VAL D 193 0.23 -13.36 6.41
N CYS D 194 -0.87 -13.99 5.99
CA CYS D 194 -1.16 -14.08 4.53
C CYS D 194 -1.33 -12.67 3.96
N LYS D 195 -0.73 -12.42 2.79
CA LYS D 195 -0.83 -11.08 2.15
C LYS D 195 -2.28 -10.86 1.68
N ARG D 199 -3.49 -9.42 -2.85
CA ARG D 199 -2.06 -9.55 -3.21
C ARG D 199 -1.54 -10.93 -2.80
N PHE D 200 -1.29 -11.81 -3.77
CA PHE D 200 -0.78 -13.17 -3.50
C PHE D 200 -0.23 -13.77 -4.79
N ALA D 202 3.42 -11.86 -6.17
CA ALA D 202 4.42 -12.64 -6.85
C ALA D 202 5.85 -12.08 -6.65
N PRO D 203 6.88 -12.95 -6.45
CA PRO D 203 8.24 -12.43 -6.23
C PRO D 203 8.86 -11.72 -7.44
N PRO D 204 9.82 -10.77 -7.25
CA PRO D 204 10.40 -10.07 -8.41
C PRO D 204 11.29 -10.97 -9.28
N ILE D 205 11.27 -10.72 -10.60
CA ILE D 205 12.04 -11.48 -11.59
C ILE D 205 13.54 -11.18 -11.44
N LEU D 206 14.34 -12.27 -11.29
CA LEU D 206 15.80 -12.30 -11.08
C LEU D 206 16.62 -11.48 -12.10
N PRO D 207 17.52 -10.59 -11.62
CA PRO D 207 18.38 -9.83 -12.55
C PRO D 207 19.43 -10.71 -13.23
N PRO D 208 19.75 -10.47 -14.52
CA PRO D 208 20.73 -11.33 -15.22
C PRO D 208 22.18 -11.21 -14.75
N HIS D 209 22.51 -10.09 -14.04
CA HIS D 209 23.84 -9.81 -13.48
C HIS D 209 24.26 -10.86 -12.46
N LEU D 210 23.29 -11.38 -11.68
CA LEU D 210 23.49 -12.40 -10.66
C LEU D 210 23.87 -13.80 -11.16
N LEU D 211 23.45 -14.16 -12.39
CA LEU D 211 23.76 -15.46 -13.01
C LEU D 211 25.12 -15.45 -13.78
N GLN D 212 25.91 -14.37 -13.57
CA GLN D 212 27.23 -14.18 -14.15
C GLN D 212 28.16 -14.74 -13.06
N VAL D 213 28.19 -16.07 -12.94
CA VAL D 213 29.00 -16.78 -11.93
C VAL D 213 30.49 -16.63 -12.24
N ILE D 214 31.24 -15.99 -11.33
CA ILE D 214 32.67 -15.68 -11.48
C ILE D 214 33.56 -16.95 -11.42
N LEU D 215 33.13 -18.01 -10.71
CA LEU D 215 33.92 -19.23 -10.56
C LEU D 215 33.69 -20.25 -11.70
N ASN D 216 32.71 -19.99 -12.57
CA ASN D 216 32.41 -20.84 -13.73
C ASN D 216 33.17 -20.37 -14.98
N LYS D 217 33.73 -19.15 -14.92
CA LYS D 217 34.51 -18.54 -15.99
C LYS D 217 35.96 -18.97 -15.88
N ASP D 218 36.50 -19.56 -16.96
CA ASP D 218 37.89 -20.00 -17.02
C ASP D 218 38.78 -18.80 -17.32
N THR D 219 39.98 -18.76 -16.71
CA THR D 219 40.94 -17.67 -16.90
C THR D 219 42.06 -18.09 -17.87
N GLY D 220 42.83 -17.11 -18.34
CA GLY D 220 43.95 -17.33 -19.24
C GLY D 220 45.02 -18.18 -18.57
N ILE D 221 45.48 -19.24 -19.25
CA ILE D 221 46.49 -20.17 -18.74
C ILE D 221 47.84 -19.49 -18.43
N SER D 222 48.14 -18.36 -19.08
CA SER D 222 49.38 -17.59 -18.91
C SER D 222 49.47 -16.88 -17.55
N CYS D 223 48.32 -16.57 -16.94
CA CYS D 223 48.32 -15.81 -15.66
C CYS D 223 48.12 -16.78 -14.48
N ASP D 224 48.21 -16.27 -13.25
CA ASP D 224 48.06 -17.11 -12.04
C ASP D 224 46.64 -17.69 -12.00
N PRO D 225 46.45 -18.96 -11.58
CA PRO D 225 45.12 -19.56 -11.47
C PRO D 225 44.20 -18.84 -10.46
N ALA D 226 44.77 -18.40 -9.33
CA ALA D 226 43.97 -17.72 -8.28
C ALA D 226 43.37 -16.43 -8.85
N LEU D 227 44.14 -15.70 -9.67
CA LEU D 227 43.67 -14.41 -10.25
C LEU D 227 42.27 -14.57 -10.85
N LEU D 228 41.39 -13.58 -10.62
CA LEU D 228 40.03 -13.60 -11.16
C LEU D 228 39.64 -12.29 -11.88
N PRO D 229 38.61 -12.24 -12.78
CA PRO D 229 38.18 -10.99 -13.39
C PRO D 229 37.51 -10.01 -12.41
N GLU D 230 37.43 -8.73 -12.78
CA GLU D 230 36.83 -7.69 -11.94
C GLU D 230 35.32 -7.97 -11.84
N PRO D 231 34.76 -8.08 -10.62
CA PRO D 231 33.33 -8.35 -10.49
C PRO D 231 32.45 -7.10 -10.49
N ASN D 232 31.18 -7.26 -10.89
CA ASN D 232 30.19 -6.19 -10.88
C ASN D 232 29.77 -6.00 -9.41
N HIS D 233 29.69 -4.73 -8.94
CA HIS D 233 29.34 -4.38 -7.56
C HIS D 233 28.03 -5.03 -7.06
N VAL D 234 27.12 -5.36 -7.99
CA VAL D 234 25.83 -5.98 -7.70
C VAL D 234 25.94 -7.46 -7.32
N MET D 235 26.99 -8.14 -7.79
CA MET D 235 27.17 -9.59 -7.48
C MET D 235 27.97 -9.73 -6.18
N LEU D 236 28.41 -8.61 -5.60
CA LEU D 236 29.20 -8.66 -4.33
C LEU D 236 28.26 -9.02 -3.18
N ASN D 237 28.79 -9.67 -2.14
CA ASN D 237 27.99 -10.02 -0.94
C ASN D 237 26.83 -10.96 -1.31
N HIS D 238 27.05 -11.87 -2.27
CA HIS D 238 26.00 -12.85 -2.64
C HIS D 238 26.51 -14.30 -2.52
N LEU D 239 25.72 -15.19 -1.91
CA LEU D 239 26.16 -16.56 -1.73
C LEU D 239 26.00 -17.36 -3.03
N TYR D 240 26.97 -18.23 -3.31
CA TYR D 240 27.03 -19.11 -4.47
C TYR D 240 27.44 -20.49 -3.96
N ALA D 241 26.89 -21.57 -4.53
CA ALA D 241 27.20 -22.91 -4.04
C ALA D 241 27.33 -23.99 -5.12
N LEU D 242 27.97 -25.09 -4.74
CA LEU D 242 28.08 -26.26 -5.65
C LEU D 242 27.06 -27.28 -5.15
N SER D 243 26.60 -28.19 -6.00
CA SER D 243 25.67 -29.25 -5.53
C SER D 243 26.41 -30.09 -4.48
N ILE D 244 25.73 -30.44 -3.38
CA ILE D 244 26.42 -31.19 -2.29
C ILE D 244 26.85 -32.55 -2.83
N LYS D 245 28.11 -32.94 -2.60
CA LYS D 245 28.61 -34.26 -3.05
C LYS D 245 29.56 -34.80 -1.99
N ASP D 246 29.60 -36.12 -1.77
CA ASP D 246 30.53 -36.74 -0.80
C ASP D 246 30.33 -36.15 0.59
N GLY D 247 29.09 -35.83 0.96
CA GLY D 247 28.80 -35.32 2.32
C GLY D 247 29.45 -33.99 2.61
N VAL D 248 29.99 -33.31 1.60
CA VAL D 248 30.57 -31.99 1.80
C VAL D 248 29.89 -30.94 0.91
N MET D 249 29.43 -29.84 1.53
CA MET D 249 28.80 -28.71 0.86
C MET D 249 29.84 -27.60 0.83
N VAL D 250 30.03 -26.99 -0.35
CA VAL D 250 30.99 -25.90 -0.55
C VAL D 250 30.22 -24.62 -0.87
N LEU D 251 30.60 -23.49 -0.24
CA LEU D 251 29.95 -22.20 -0.40
C LEU D 251 30.97 -21.15 -0.83
N SER D 252 30.52 -20.09 -1.52
CA SER D 252 31.38 -19.01 -2.02
C SER D 252 30.66 -17.66 -2.12
N ALA D 253 31.41 -16.56 -1.95
CA ALA D 253 30.91 -15.19 -2.04
C ALA D 253 32.06 -14.20 -2.28
N THR D 254 31.81 -13.18 -3.11
CA THR D 254 32.80 -12.14 -3.41
C THR D 254 32.57 -10.95 -2.47
N HIS D 255 33.59 -10.60 -1.68
CA HIS D 255 33.54 -9.48 -0.73
C HIS D 255 34.58 -8.43 -1.04
N ARG D 256 34.25 -7.16 -0.76
CA ARG D 256 35.16 -6.05 -1.13
C ARG D 256 35.91 -5.50 0.08
N TYR D 257 37.24 -5.54 0.06
CA TYR D 257 38.02 -4.86 1.13
C TYR D 257 38.69 -3.66 0.47
N LYS D 258 38.31 -2.45 0.89
CA LYS D 258 38.85 -1.23 0.22
C LYS D 258 38.52 -1.32 -1.29
N LYS D 259 39.53 -1.20 -2.15
CA LYS D 259 39.29 -1.24 -3.63
C LYS D 259 39.55 -2.64 -4.17
N LYS D 260 39.82 -3.61 -3.30
CA LYS D 260 40.16 -4.99 -3.75
C LYS D 260 38.98 -5.93 -3.46
N TYR D 261 38.83 -6.99 -4.25
CA TYR D 261 37.69 -7.93 -4.09
C TYR D 261 38.23 -9.33 -3.78
N VAL D 262 37.55 -10.07 -2.89
CA VAL D 262 38.02 -11.44 -2.50
C VAL D 262 36.89 -12.45 -2.66
N THR D 263 37.05 -13.44 -3.54
CA THR D 263 36.05 -14.51 -3.71
C THR D 263 36.51 -15.66 -2.81
N THR D 264 35.92 -15.74 -1.61
CA THR D 264 36.26 -16.76 -0.63
C THR D 264 35.42 -18.01 -0.92
N LEU D 265 36.02 -19.19 -0.70
CA LEU D 265 35.41 -20.51 -0.90
C LEU D 265 35.50 -21.26 0.43
N LEU D 266 34.46 -22.04 0.80
CA LEU D 266 34.49 -22.79 2.04
C LEU D 266 33.98 -24.23 1.89
N TYR D 267 34.88 -25.19 2.13
CA TYR D 267 34.59 -26.62 2.09
C TYR D 267 34.30 -27.06 3.52
N LYS D 268 33.06 -27.50 3.77
CA LYS D 268 32.64 -27.95 5.09
C LYS D 268 31.72 -29.17 5.03
N PRO D 269 31.98 -30.22 5.84
CA PRO D 269 31.10 -31.41 5.83
C PRO D 269 29.71 -31.10 6.38
N ILE D 270 28.68 -31.73 5.79
CA ILE D 270 27.28 -31.56 6.18
C ILE D 270 26.63 -32.91 6.45
N SER E 29 -47.47 -21.78 39.92
CA SER E 29 -47.21 -20.34 40.06
C SER E 29 -45.74 -20.01 39.83
N ASN E 30 -45.47 -18.92 39.10
CA ASN E 30 -44.12 -18.45 38.79
C ASN E 30 -43.97 -16.93 38.96
N ASN E 31 -43.10 -16.53 39.91
CA ASN E 31 -42.80 -15.13 40.20
C ASN E 31 -41.65 -14.61 39.33
N SER E 32 -40.98 -15.52 38.61
CA SER E 32 -39.86 -15.22 37.72
C SER E 32 -40.30 -15.02 36.26
N VAL E 33 -41.56 -14.57 36.04
CA VAL E 33 -42.12 -14.33 34.70
C VAL E 33 -41.49 -13.08 34.06
N TYR E 34 -41.23 -12.02 34.85
CA TYR E 34 -40.60 -10.79 34.36
C TYR E 34 -39.12 -11.02 34.10
N THR E 35 -38.49 -11.91 34.91
CA THR E 35 -37.09 -12.32 34.80
C THR E 35 -36.89 -13.08 33.47
N SER E 36 -37.84 -13.98 33.13
CA SER E 36 -37.85 -14.77 31.90
C SER E 36 -38.10 -13.88 30.68
N PHE E 37 -38.93 -12.82 30.86
CA PHE E 37 -39.26 -11.84 29.82
C PHE E 37 -38.00 -11.04 29.46
N MET E 38 -37.27 -10.54 30.47
CA MET E 38 -36.03 -9.78 30.34
C MET E 38 -34.93 -10.61 29.67
N LYS E 39 -34.89 -11.93 29.99
CA LYS E 39 -33.92 -12.88 29.43
C LYS E 39 -34.22 -13.21 27.96
N SER E 40 -35.51 -13.14 27.55
CA SER E 40 -35.96 -13.46 26.19
C SER E 40 -35.87 -12.30 25.19
N HIS E 41 -36.04 -11.05 25.67
CA HIS E 41 -36.00 -9.85 24.82
C HIS E 41 -34.61 -9.22 24.74
N ARG E 42 -34.18 -8.90 23.50
CA ARG E 42 -32.89 -8.24 23.21
C ARG E 42 -32.99 -6.75 23.54
N CYS E 43 -31.84 -6.05 23.58
CA CYS E 43 -31.79 -4.60 23.81
C CYS E 43 -32.31 -3.84 22.58
N TYR E 44 -32.22 -4.47 21.39
CA TYR E 44 -32.67 -3.94 20.10
C TYR E 44 -34.15 -3.56 20.12
N ASP E 45 -34.99 -4.40 20.77
CA ASP E 45 -36.45 -4.21 20.88
C ASP E 45 -36.85 -2.88 21.56
N LEU E 46 -35.97 -2.31 22.40
CA LEU E 46 -36.20 -1.06 23.14
C LEU E 46 -35.79 0.18 22.35
N ILE E 47 -34.77 0.05 21.48
CA ILE E 47 -34.24 1.12 20.65
C ILE E 47 -35.38 1.71 19.80
N PRO E 48 -35.57 3.06 19.75
CA PRO E 48 -36.67 3.62 18.96
C PRO E 48 -36.43 3.50 17.46
N THR E 49 -37.51 3.56 16.66
CA THR E 49 -37.44 3.49 15.19
C THR E 49 -36.56 4.63 14.66
N SER E 50 -36.74 5.86 15.16
CA SER E 50 -35.93 7.00 14.76
C SER E 50 -35.63 7.85 15.99
N SER E 51 -34.33 7.98 16.32
CA SER E 51 -33.83 8.74 17.48
C SER E 51 -32.48 9.41 17.18
N LYS E 52 -32.11 10.41 17.99
CA LYS E 52 -30.84 11.13 17.82
C LYS E 52 -29.85 10.87 18.96
N LEU E 53 -28.56 10.76 18.58
CA LEU E 53 -27.45 10.54 19.48
C LEU E 53 -26.44 11.69 19.33
N VAL E 54 -26.05 12.30 20.44
CA VAL E 54 -25.09 13.42 20.44
C VAL E 54 -23.76 12.88 20.97
N VAL E 55 -22.68 13.00 20.17
CA VAL E 55 -21.35 12.52 20.53
C VAL E 55 -20.39 13.70 20.63
N PHE E 56 -19.51 13.69 21.66
CA PHE E 56 -18.52 14.73 21.87
C PHE E 56 -17.10 14.18 21.75
N ASP E 57 -16.22 14.96 21.11
CA ASP E 57 -14.80 14.62 21.01
C ASP E 57 -14.20 15.01 22.37
N THR E 58 -13.26 14.19 22.90
CA THR E 58 -12.64 14.44 24.20
C THR E 58 -11.86 15.75 24.27
N SER E 59 -11.47 16.32 23.10
CA SER E 59 -10.74 17.59 23.00
C SER E 59 -11.67 18.82 23.01
N LEU E 60 -13.00 18.61 23.06
CA LEU E 60 -13.99 19.68 23.09
C LEU E 60 -14.07 20.30 24.50
N GLN E 61 -14.24 21.63 24.58
CA GLN E 61 -14.36 22.36 25.85
C GLN E 61 -15.69 21.95 26.49
N VAL E 62 -15.67 21.63 27.81
CA VAL E 62 -16.83 21.17 28.58
C VAL E 62 -18.01 22.16 28.60
N LYS E 63 -17.73 23.48 28.68
CA LYS E 63 -18.75 24.54 28.68
C LYS E 63 -19.56 24.45 27.37
N LYS E 64 -18.86 24.23 26.23
CA LYS E 64 -19.47 24.08 24.91
C LYS E 64 -20.30 22.80 24.87
N ALA E 65 -19.79 21.72 25.49
CA ALA E 65 -20.46 20.41 25.56
C ALA E 65 -21.73 20.48 26.41
N PHE E 66 -21.71 21.18 27.57
CA PHE E 66 -22.87 21.34 28.43
C PHE E 66 -23.95 22.21 27.77
N PHE E 67 -23.53 23.19 26.94
CA PHE E 67 -24.43 24.06 26.19
C PHE E 67 -25.05 23.30 25.03
N ALA E 68 -24.27 22.37 24.43
CA ALA E 68 -24.69 21.52 23.32
C ALA E 68 -25.74 20.51 23.75
N LEU E 69 -25.69 20.08 25.04
CA LEU E 69 -26.66 19.16 25.63
C LEU E 69 -28.03 19.83 25.73
N VAL E 70 -28.05 21.15 26.00
CA VAL E 70 -29.25 21.98 26.14
C VAL E 70 -29.89 22.25 24.76
N THR E 71 -29.09 22.71 23.77
CA THR E 71 -29.55 23.03 22.42
C THR E 71 -30.08 21.80 21.65
N ASN E 72 -29.59 20.60 22.02
CA ASN E 72 -30.01 19.33 21.42
C ASN E 72 -31.02 18.58 22.29
N GLY E 73 -31.30 19.11 23.48
CA GLY E 73 -32.25 18.56 24.45
C GLY E 73 -31.94 17.17 24.96
N VAL E 74 -30.67 16.88 25.23
CA VAL E 74 -30.22 15.58 25.73
C VAL E 74 -29.49 15.72 27.07
N ARG E 75 -29.66 14.75 27.97
CA ARG E 75 -29.04 14.74 29.30
C ARG E 75 -27.63 14.20 29.25
N ALA E 76 -27.42 13.10 28.51
CA ALA E 76 -26.14 12.41 28.39
C ALA E 76 -25.64 12.32 26.95
N ALA E 77 -24.31 12.14 26.79
CA ALA E 77 -23.67 12.04 25.47
C ALA E 77 -22.41 11.16 25.50
N PRO E 78 -22.30 10.12 24.64
CA PRO E 78 -21.07 9.29 24.65
C PRO E 78 -19.83 10.09 24.25
N LEU E 79 -18.68 9.74 24.83
CA LEU E 79 -17.41 10.44 24.55
C LEU E 79 -16.55 9.66 23.59
N TRP E 80 -16.07 10.33 22.52
CA TRP E 80 -15.23 9.73 21.50
C TRP E 80 -13.80 10.27 21.56
N ASP E 81 -12.84 9.37 21.81
CA ASP E 81 -11.41 9.69 21.85
C ASP E 81 -10.87 9.39 20.46
N SER E 82 -10.61 10.45 19.67
CA SER E 82 -10.12 10.34 18.28
C SER E 82 -8.72 9.75 18.16
N LYS E 83 -7.86 9.93 19.19
CA LYS E 83 -6.50 9.40 19.22
C LYS E 83 -6.50 7.87 19.39
N LYS E 84 -7.29 7.36 20.35
CA LYS E 84 -7.42 5.92 20.63
C LYS E 84 -8.40 5.25 19.67
N GLN E 85 -9.26 6.05 18.98
CA GLN E 85 -10.30 5.62 18.04
C GLN E 85 -11.30 4.66 18.72
N SER E 86 -11.78 5.06 19.92
CA SER E 86 -12.71 4.28 20.73
C SER E 86 -13.56 5.17 21.65
N PHE E 87 -14.77 4.69 22.00
CA PHE E 87 -15.66 5.38 22.94
C PHE E 87 -15.11 5.17 24.35
N VAL E 88 -14.77 6.27 25.05
CA VAL E 88 -14.14 6.22 26.37
C VAL E 88 -15.11 6.26 27.56
N GLY E 89 -16.16 7.09 27.47
CA GLY E 89 -17.12 7.23 28.55
C GLY E 89 -18.40 7.93 28.18
N MET E 90 -18.96 8.66 29.16
CA MET E 90 -20.23 9.39 29.05
C MET E 90 -20.12 10.74 29.75
N LEU E 91 -20.73 11.77 29.15
CA LEU E 91 -20.80 13.11 29.76
C LEU E 91 -22.26 13.40 30.10
N THR E 92 -22.58 13.34 31.40
CA THR E 92 -23.92 13.56 31.95
C THR E 92 -23.96 14.88 32.73
N ILE E 93 -25.14 15.25 33.25
CA ILE E 93 -25.33 16.46 34.05
C ILE E 93 -24.60 16.32 35.41
N THR E 94 -24.25 15.06 35.80
CA THR E 94 -23.49 14.75 37.02
C THR E 94 -22.07 15.34 36.91
N ASP E 95 -21.50 15.36 35.69
CA ASP E 95 -20.20 15.96 35.40
C ASP E 95 -20.26 17.49 35.63
N PHE E 96 -21.39 18.12 35.28
CA PHE E 96 -21.64 19.56 35.46
C PHE E 96 -21.73 19.91 36.96
N ILE E 97 -22.45 19.08 37.75
CA ILE E 97 -22.60 19.22 39.20
C ILE E 97 -21.21 19.13 39.85
N ASN E 98 -20.42 18.10 39.46
CA ASN E 98 -19.07 17.85 39.94
C ASN E 98 -18.09 18.97 39.59
N ILE E 99 -18.26 19.62 38.42
CA ILE E 99 -17.41 20.74 37.98
C ILE E 99 -17.75 21.99 38.80
N LEU E 100 -19.05 22.30 38.94
CA LEU E 100 -19.53 23.47 39.69
C LEU E 100 -19.13 23.43 41.16
N HIS E 101 -19.42 22.31 41.88
CA HIS E 101 -19.10 22.17 43.30
C HIS E 101 -17.60 22.18 43.61
N ARG E 102 -16.78 21.60 42.72
CA ARG E 102 -15.33 21.51 42.92
C ARG E 102 -14.62 22.83 42.62
N TYR E 103 -15.13 23.63 41.67
CA TYR E 103 -14.44 24.84 41.23
C TYR E 103 -15.11 26.19 41.57
N TYR E 104 -16.42 26.21 41.94
CA TYR E 104 -17.11 27.46 42.30
C TYR E 104 -16.44 28.11 43.50
N LYS E 105 -16.19 29.42 43.40
CA LYS E 105 -15.54 30.20 44.45
C LYS E 105 -16.47 31.33 44.94
N SER E 106 -17.02 32.11 44.00
CA SER E 106 -17.90 33.25 44.30
C SER E 106 -18.71 33.67 43.07
N ALA E 107 -19.76 34.48 43.29
CA ALA E 107 -20.58 35.03 42.21
C ALA E 107 -19.85 36.25 41.63
N LEU E 108 -18.78 36.68 42.32
CA LEU E 108 -17.91 37.82 42.03
C LEU E 108 -16.72 37.42 41.14
N VAL E 109 -16.44 36.11 41.07
CA VAL E 109 -15.30 35.59 40.25
C VAL E 109 -15.68 34.50 39.24
N GLN E 110 -15.16 34.59 38.01
CA GLN E 110 -15.42 33.52 36.98
C GLN E 110 -14.87 32.15 37.29
N ILE E 111 -15.56 31.07 36.89
CA ILE E 111 -15.09 29.71 37.25
C ILE E 111 -14.17 29.41 36.06
N TYR E 112 -12.86 29.62 36.22
CA TYR E 112 -11.89 29.47 35.10
C TYR E 112 -11.90 28.03 34.55
N GLU E 113 -11.99 27.03 35.42
CA GLU E 113 -11.91 25.64 34.98
C GLU E 113 -13.05 25.25 34.06
N LEU E 114 -14.31 25.65 34.38
CA LEU E 114 -15.48 25.40 33.53
C LEU E 114 -15.35 26.20 32.21
N GLU E 115 -14.79 27.40 32.30
CA GLU E 115 -14.60 28.31 31.17
C GLU E 115 -13.48 27.90 30.20
N GLU E 116 -12.45 27.17 30.68
CA GLU E 116 -11.30 26.83 29.83
C GLU E 116 -10.94 25.32 29.69
N HIS E 117 -11.38 24.44 30.61
CA HIS E 117 -11.08 23.00 30.54
C HIS E 117 -11.71 22.28 29.36
N LYS E 118 -11.00 21.27 28.84
CA LYS E 118 -11.47 20.39 27.77
C LYS E 118 -12.04 19.15 28.47
N ILE E 119 -12.82 18.31 27.76
CA ILE E 119 -13.41 17.10 28.35
C ILE E 119 -12.30 16.18 28.90
N GLU E 120 -11.24 15.94 28.10
CA GLU E 120 -10.09 15.11 28.45
C GLU E 120 -9.35 15.59 29.72
N THR E 121 -9.21 16.91 29.91
CA THR E 121 -8.54 17.49 31.08
C THR E 121 -9.37 17.29 32.34
N TRP E 122 -10.71 17.37 32.23
CA TRP E 122 -11.65 17.17 33.32
C TRP E 122 -11.72 15.69 33.72
N ARG E 123 -11.72 14.79 32.71
CA ARG E 123 -11.75 13.34 32.93
C ARG E 123 -10.51 12.87 33.69
N GLU E 124 -9.35 13.57 33.49
CA GLU E 124 -8.08 13.28 34.16
C GLU E 124 -8.12 13.61 35.66
N VAL E 125 -8.74 14.73 36.05
CA VAL E 125 -8.84 15.16 37.45
C VAL E 125 -9.96 14.41 38.20
N TYR E 126 -11.04 14.01 37.51
CA TYR E 126 -12.15 13.26 38.11
C TYR E 126 -11.76 11.79 38.33
N LEU E 127 -11.16 11.15 37.30
CA LEU E 127 -10.72 9.75 37.36
C LEU E 127 -9.35 9.57 38.05
N GLN E 128 -8.84 10.65 38.70
CA GLN E 128 -7.59 10.63 39.45
C GLN E 128 -7.84 9.84 40.74
N ASP E 129 -7.11 8.72 40.91
CA ASP E 129 -7.22 7.75 42.02
C ASP E 129 -8.57 6.98 42.00
N SER E 130 -9.37 7.16 40.92
CA SER E 130 -10.67 6.51 40.70
C SER E 130 -11.00 6.42 39.20
N PHE E 131 -10.11 5.78 38.41
CA PHE E 131 -10.24 5.56 36.96
C PHE E 131 -11.44 4.65 36.68
N LYS E 132 -12.14 4.84 35.55
CA LYS E 132 -13.31 4.04 35.19
C LYS E 132 -13.37 3.67 33.70
N PRO E 133 -13.47 2.37 33.34
CA PRO E 133 -13.59 2.01 31.92
C PRO E 133 -15.02 2.18 31.40
N LEU E 134 -15.24 2.04 30.08
CA LEU E 134 -16.55 2.18 29.47
C LEU E 134 -17.48 0.99 29.77
N VAL E 135 -18.63 1.29 30.39
CA VAL E 135 -19.68 0.32 30.73
C VAL E 135 -20.71 0.42 29.60
N CYS E 136 -20.84 -0.64 28.79
CA CYS E 136 -21.77 -0.66 27.65
C CYS E 136 -22.46 -2.02 27.44
N ILE E 137 -23.46 -2.04 26.54
CA ILE E 137 -24.24 -3.22 26.19
C ILE E 137 -24.37 -3.37 24.65
N SER E 138 -24.56 -4.60 24.16
CA SER E 138 -24.73 -4.91 22.75
C SER E 138 -26.24 -4.95 22.42
N PRO E 139 -26.68 -4.55 21.19
CA PRO E 139 -28.12 -4.63 20.87
C PRO E 139 -28.67 -6.06 20.82
N ASN E 140 -27.78 -7.06 20.67
CA ASN E 140 -28.12 -8.48 20.63
C ASN E 140 -28.19 -9.09 22.04
N ALA E 141 -27.62 -8.39 23.05
CA ALA E 141 -27.64 -8.82 24.45
C ALA E 141 -29.04 -8.65 25.04
N SER E 142 -29.41 -9.54 25.99
CA SER E 142 -30.71 -9.55 26.64
C SER E 142 -30.84 -8.28 27.50
N LEU E 143 -32.08 -7.93 27.84
CA LEU E 143 -32.41 -6.80 28.72
C LEU E 143 -32.09 -7.10 30.20
N PHE E 144 -32.06 -8.41 30.54
CA PHE E 144 -31.73 -8.94 31.86
C PHE E 144 -30.29 -8.51 32.11
N ASP E 145 -29.42 -8.61 31.09
CA ASP E 145 -28.01 -8.23 31.16
C ASP E 145 -27.85 -6.71 31.32
N ALA E 146 -28.71 -5.93 30.63
CA ALA E 146 -28.71 -4.46 30.69
C ALA E 146 -29.17 -3.94 32.05
N VAL E 147 -30.24 -4.56 32.63
CA VAL E 147 -30.77 -4.20 33.95
C VAL E 147 -29.73 -4.54 35.02
N SER E 148 -29.11 -5.74 34.93
CA SER E 148 -28.07 -6.19 35.83
C SER E 148 -26.86 -5.23 35.81
N SER E 149 -26.45 -4.79 34.60
CA SER E 149 -25.34 -3.86 34.39
C SER E 149 -25.58 -2.51 35.06
N LEU E 150 -26.82 -1.97 34.96
CA LEU E 150 -27.22 -0.69 35.57
C LEU E 150 -27.17 -0.74 37.10
N ILE E 151 -27.65 -1.84 37.71
CA ILE E 151 -27.69 -2.04 39.16
C ILE E 151 -26.27 -2.26 39.72
N ARG E 152 -25.50 -3.21 39.15
CA ARG E 152 -24.13 -3.55 39.56
C ARG E 152 -23.20 -2.33 39.59
N ASN E 153 -23.21 -1.54 38.48
CA ASN E 153 -22.37 -0.36 38.29
C ASN E 153 -22.98 0.92 38.86
N LYS E 154 -24.21 0.84 39.42
CA LYS E 154 -24.97 1.94 40.03
C LYS E 154 -25.07 3.16 39.09
N ILE E 155 -25.47 2.90 37.84
CA ILE E 155 -25.60 3.90 36.76
C ILE E 155 -27.04 4.06 36.28
N HIS E 156 -27.31 5.17 35.55
CA HIS E 156 -28.63 5.49 35.01
C HIS E 156 -28.65 5.37 33.48
N ARG E 157 -27.50 5.61 32.83
CA ARG E 157 -27.35 5.56 31.38
C ARG E 157 -26.46 4.38 30.97
N LEU E 158 -26.81 3.73 29.86
CA LEU E 158 -26.03 2.55 29.38
C LEU E 158 -25.98 2.56 27.85
N PRO E 159 -24.87 2.98 27.21
CA PRO E 159 -24.78 3.05 25.75
C PRO E 159 -24.92 1.69 25.05
N VAL E 160 -25.80 1.60 24.04
CA VAL E 160 -25.96 0.36 23.28
C VAL E 160 -25.03 0.48 22.06
N ILE E 161 -23.95 -0.31 22.04
CA ILE E 161 -22.97 -0.27 20.95
C ILE E 161 -22.97 -1.56 20.15
N ASP E 162 -23.13 -1.44 18.82
CA ASP E 162 -23.12 -2.58 17.89
C ASP E 162 -21.67 -3.07 17.76
N PRO E 163 -21.38 -4.36 18.07
CA PRO E 163 -19.98 -4.84 17.97
C PRO E 163 -19.46 -4.96 16.54
N GLU E 164 -20.37 -5.03 15.55
CA GLU E 164 -20.05 -5.15 14.12
C GLU E 164 -19.47 -3.85 13.55
N SER E 165 -20.25 -2.74 13.63
CA SER E 165 -19.85 -1.43 13.12
C SER E 165 -19.11 -0.56 14.12
N GLY E 166 -19.28 -0.86 15.41
CA GLY E 166 -18.67 -0.09 16.51
C GLY E 166 -19.40 1.20 16.82
N ASN E 167 -20.60 1.37 16.23
CA ASN E 167 -21.43 2.56 16.40
C ASN E 167 -22.30 2.50 17.64
N THR E 168 -22.39 3.63 18.37
CA THR E 168 -23.27 3.78 19.53
C THR E 168 -24.64 4.09 18.95
N LEU E 169 -25.62 3.23 19.25
CA LEU E 169 -26.97 3.31 18.70
C LEU E 169 -27.97 4.09 19.55
N TYR E 170 -28.02 3.80 20.87
CA TYR E 170 -28.97 4.41 21.80
C TYR E 170 -28.44 4.41 23.23
N ILE E 171 -28.89 5.39 24.05
CA ILE E 171 -28.52 5.50 25.45
C ILE E 171 -29.69 4.90 26.26
N LEU E 172 -29.50 3.66 26.74
CA LEU E 172 -30.52 2.91 27.47
C LEU E 172 -30.60 3.36 28.92
N THR E 173 -31.84 3.61 29.40
CA THR E 173 -32.13 4.08 30.76
C THR E 173 -33.16 3.19 31.48
N HIS E 174 -33.32 3.40 32.81
CA HIS E 174 -34.29 2.69 33.66
C HIS E 174 -35.74 3.02 33.21
N LYS E 175 -35.97 4.30 32.82
CA LYS E 175 -37.26 4.82 32.34
C LYS E 175 -37.75 4.05 31.12
N ARG E 176 -36.84 3.78 30.17
CA ARG E 176 -37.10 3.06 28.92
C ARG E 176 -37.44 1.58 29.18
N ILE E 177 -36.68 0.92 30.09
CA ILE E 177 -36.88 -0.49 30.44
C ILE E 177 -38.25 -0.73 31.09
N LEU E 178 -38.61 0.08 32.10
CA LEU E 178 -39.90 -0.04 32.79
C LEU E 178 -41.10 0.28 31.88
N LYS E 179 -40.96 1.29 30.98
CA LYS E 179 -42.03 1.65 30.04
C LYS E 179 -42.25 0.55 29.00
N PHE E 180 -41.18 -0.18 28.61
CA PHE E 180 -41.24 -1.30 27.67
C PHE E 180 -41.94 -2.49 28.33
N LEU E 181 -41.56 -2.80 29.59
CA LEU E 181 -42.13 -3.86 30.43
C LEU E 181 -43.62 -3.60 30.71
N LYS E 182 -44.01 -2.31 30.87
CA LYS E 182 -45.39 -1.88 31.12
C LYS E 182 -46.32 -2.24 29.96
N LEU E 183 -45.80 -2.25 28.72
CA LEU E 183 -46.56 -2.57 27.51
C LEU E 183 -46.90 -4.08 27.45
N PHE E 184 -46.09 -4.92 28.13
CA PHE E 184 -46.21 -6.38 28.12
C PHE E 184 -46.77 -7.01 29.42
N ILE E 185 -47.22 -6.20 30.41
CA ILE E 185 -47.77 -6.74 31.68
C ILE E 185 -49.06 -7.54 31.47
N THR E 186 -49.84 -7.22 30.41
CA THR E 186 -51.09 -7.90 30.04
C THR E 186 -50.85 -9.17 29.22
N GLU E 187 -49.59 -9.39 28.77
CA GLU E 187 -49.19 -10.53 27.94
C GLU E 187 -48.83 -11.79 28.74
N PHE E 188 -48.51 -11.63 30.03
CA PHE E 188 -48.11 -12.72 30.92
C PHE E 188 -48.89 -12.60 32.24
N PRO E 189 -49.14 -13.71 32.99
CA PRO E 189 -49.88 -13.58 34.26
C PRO E 189 -49.13 -12.74 35.29
N LYS E 190 -49.83 -11.81 35.95
CA LYS E 190 -49.27 -10.93 36.97
C LYS E 190 -48.90 -11.74 38.21
N PRO E 191 -47.66 -11.67 38.76
CA PRO E 191 -47.30 -12.40 39.97
C PRO E 191 -47.97 -11.87 41.25
N GLU E 192 -47.83 -12.60 42.36
CA GLU E 192 -48.50 -12.21 43.64
C GLU E 192 -47.95 -10.88 44.16
N PHE E 193 -46.67 -10.57 43.87
CA PHE E 193 -46.06 -9.34 44.43
C PHE E 193 -46.77 -8.08 43.94
N MET E 194 -47.21 -8.08 42.67
CA MET E 194 -47.90 -6.89 42.09
C MET E 194 -49.09 -6.49 42.97
N SER E 195 -49.81 -7.47 43.53
CA SER E 195 -51.04 -7.16 44.32
C SER E 195 -50.68 -6.87 45.78
N LYS E 196 -49.39 -6.87 46.11
CA LYS E 196 -48.92 -6.59 47.48
C LYS E 196 -48.46 -5.15 47.64
N SER E 197 -48.67 -4.59 48.84
CA SER E 197 -48.30 -3.21 49.20
C SER E 197 -46.79 -3.00 49.28
N LEU E 198 -46.35 -1.73 49.18
CA LEU E 198 -44.95 -1.32 49.23
C LEU E 198 -44.33 -1.56 50.62
N GLU E 199 -45.15 -1.50 51.69
CA GLU E 199 -44.75 -1.73 53.07
C GLU E 199 -44.41 -3.22 53.31
N GLU E 200 -45.21 -4.13 52.72
CA GLU E 200 -45.03 -5.58 52.83
C GLU E 200 -43.81 -6.06 52.03
N LEU E 201 -43.60 -5.47 50.84
CA LEU E 201 -42.49 -5.81 49.95
C LEU E 201 -41.16 -5.17 50.34
N GLN E 202 -41.22 -3.99 51.02
CA GLN E 202 -40.08 -3.20 51.49
C GLN E 202 -39.16 -2.76 50.34
N ILE E 203 -39.74 -2.06 49.34
CA ILE E 203 -39.00 -1.57 48.17
C ILE E 203 -38.69 -0.08 48.37
N GLY E 204 -37.41 0.26 48.23
CA GLY E 204 -36.92 1.62 48.38
C GLY E 204 -36.17 1.86 49.67
N THR E 205 -35.56 3.05 49.79
CA THR E 205 -34.82 3.45 50.99
C THR E 205 -35.74 4.22 51.94
N TYR E 206 -35.68 3.91 53.24
CA TYR E 206 -36.53 4.53 54.26
C TYR E 206 -35.74 5.12 55.44
N ALA E 207 -34.41 5.24 55.28
CA ALA E 207 -33.49 5.79 56.29
C ALA E 207 -32.44 6.67 55.62
N ASN E 208 -32.00 7.72 56.35
CA ASN E 208 -30.99 8.71 55.94
C ASN E 208 -31.34 9.38 54.59
N ILE E 209 -32.59 9.89 54.48
CA ILE E 209 -33.09 10.55 53.27
C ILE E 209 -32.44 11.93 53.12
N ALA E 210 -31.71 12.11 52.01
CA ALA E 210 -31.02 13.36 51.68
C ALA E 210 -32.02 14.38 51.14
N MET E 211 -32.22 15.48 51.90
CA MET E 211 -33.17 16.54 51.56
C MET E 211 -32.55 17.94 51.65
N VAL E 212 -33.26 18.95 51.10
CA VAL E 212 -32.86 20.36 51.11
C VAL E 212 -33.99 21.25 51.65
N ARG E 213 -33.63 22.35 52.33
CA ARG E 213 -34.62 23.31 52.84
C ARG E 213 -35.00 24.25 51.68
N THR E 214 -36.10 25.01 51.83
CA THR E 214 -36.57 25.95 50.81
C THR E 214 -35.55 27.08 50.55
N THR E 215 -34.77 27.45 51.59
CA THR E 215 -33.75 28.50 51.56
C THR E 215 -32.32 27.98 51.35
N THR E 216 -32.16 26.65 51.11
CA THR E 216 -30.85 26.00 50.90
C THR E 216 -30.17 26.53 49.63
N PRO E 217 -28.91 27.04 49.73
CA PRO E 217 -28.20 27.51 48.52
C PRO E 217 -27.94 26.39 47.53
N VAL E 218 -27.90 26.71 46.22
CA VAL E 218 -27.68 25.74 45.14
C VAL E 218 -26.36 24.97 45.33
N TYR E 219 -25.26 25.68 45.70
CA TYR E 219 -23.94 25.09 45.97
C TYR E 219 -23.99 23.98 47.03
N VAL E 220 -24.81 24.17 48.09
CA VAL E 220 -25.01 23.20 49.17
C VAL E 220 -25.70 21.95 48.60
N ALA E 221 -26.79 22.14 47.82
CA ALA E 221 -27.57 21.08 47.17
C ALA E 221 -26.71 20.25 46.23
N LEU E 222 -25.75 20.90 45.53
CA LEU E 222 -24.79 20.24 44.64
C LEU E 222 -23.84 19.36 45.45
N GLY E 223 -23.43 19.84 46.63
CA GLY E 223 -22.55 19.12 47.55
C GLY E 223 -23.16 17.84 48.08
N ILE E 224 -24.49 17.86 48.26
CA ILE E 224 -25.22 16.65 48.74
C ILE E 224 -25.37 15.58 47.64
N PHE E 225 -25.57 16.00 46.40
CA PHE E 225 -25.69 15.03 45.27
C PHE E 225 -24.37 14.30 45.00
N VAL E 226 -23.25 14.98 45.27
CA VAL E 226 -21.90 14.38 45.08
C VAL E 226 -21.73 13.41 46.24
N GLN E 227 -21.74 13.93 47.49
CA GLN E 227 -21.52 13.10 48.67
C GLN E 227 -22.44 11.88 48.80
N HIS E 228 -23.67 11.95 48.26
CA HIS E 228 -24.64 10.85 48.38
C HIS E 228 -24.93 10.08 47.08
N ARG E 229 -24.55 10.65 45.91
CA ARG E 229 -24.75 10.07 44.57
C ARG E 229 -26.25 9.84 44.21
N VAL E 230 -27.16 10.49 44.96
CA VAL E 230 -28.61 10.43 44.74
C VAL E 230 -29.01 11.33 43.57
N SER E 231 -30.09 11.00 42.84
CA SER E 231 -30.52 11.78 41.67
C SER E 231 -31.46 12.95 41.98
N ALA E 232 -32.20 12.93 43.11
CA ALA E 232 -33.09 14.02 43.48
C ALA E 232 -33.18 14.28 44.97
N LEU E 233 -33.38 15.56 45.34
CA LEU E 233 -33.49 16.03 46.72
C LEU E 233 -34.83 16.72 46.97
N PRO E 234 -35.71 16.15 47.83
CA PRO E 234 -37.01 16.81 48.10
C PRO E 234 -36.82 18.13 48.85
N VAL E 235 -37.51 19.20 48.36
CA VAL E 235 -37.46 20.55 48.95
C VAL E 235 -38.50 20.62 50.08
N VAL E 236 -38.03 20.89 51.30
CA VAL E 236 -38.94 20.92 52.48
C VAL E 236 -38.97 22.32 53.07
N ASP E 237 -40.17 22.87 53.30
CA ASP E 237 -40.28 24.22 53.94
C ASP E 237 -40.01 24.09 55.45
N GLU E 238 -39.80 25.22 56.12
CA GLU E 238 -39.43 25.18 57.56
C GLU E 238 -40.54 24.47 58.35
N LYS E 239 -41.81 24.67 57.97
CA LYS E 239 -42.94 24.06 58.73
C LYS E 239 -42.82 22.54 58.71
N GLY E 240 -42.43 21.95 57.57
CA GLY E 240 -42.24 20.49 57.49
C GLY E 240 -42.88 19.89 56.26
N ARG E 241 -43.42 20.73 55.38
CA ARG E 241 -44.07 20.26 54.15
C ARG E 241 -43.15 20.24 52.93
N VAL E 242 -43.33 19.24 52.05
CA VAL E 242 -42.46 19.09 50.84
C VAL E 242 -43.05 19.88 49.67
N VAL E 243 -42.68 21.15 49.53
CA VAL E 243 -43.21 22.04 48.44
C VAL E 243 -42.70 21.65 47.04
N ASP E 244 -41.44 21.23 46.91
CA ASP E 244 -40.86 21.00 45.55
C ASP E 244 -39.81 19.88 45.59
N ILE E 245 -39.29 19.48 44.42
CA ILE E 245 -38.20 18.46 44.36
C ILE E 245 -37.04 19.01 43.51
N TYR E 246 -35.79 18.76 43.92
CA TYR E 246 -34.61 19.23 43.16
C TYR E 246 -33.87 18.03 42.57
N SER E 247 -34.05 17.77 41.27
CA SER E 247 -33.41 16.66 40.58
C SER E 247 -32.11 17.11 39.91
N LYS E 248 -31.24 16.13 39.55
CA LYS E 248 -29.99 16.35 38.84
C LYS E 248 -30.25 17.02 37.49
N PHE E 249 -31.42 16.72 36.88
CA PHE E 249 -31.87 17.29 35.61
C PHE E 249 -32.09 18.81 35.73
N ASP E 250 -32.67 19.27 36.86
CA ASP E 250 -32.95 20.69 37.12
C ASP E 250 -31.69 21.55 37.15
N VAL E 251 -30.53 20.93 37.43
CA VAL E 251 -29.22 21.61 37.50
C VAL E 251 -28.76 22.13 36.13
N ILE E 252 -29.14 21.44 35.02
CA ILE E 252 -28.74 21.83 33.66
C ILE E 252 -29.37 23.19 33.23
N ASN E 253 -30.44 23.63 33.94
CA ASN E 253 -31.10 24.92 33.69
C ASN E 253 -30.13 26.10 33.99
N LEU E 254 -29.10 25.85 34.84
CA LEU E 254 -28.07 26.83 35.18
C LEU E 254 -27.20 27.15 33.96
N ALA E 255 -27.05 26.17 33.04
CA ALA E 255 -26.31 26.35 31.79
C ALA E 255 -27.22 27.03 30.76
N ALA E 256 -28.51 26.61 30.70
CA ALA E 256 -29.54 27.13 29.80
C ALA E 256 -29.81 28.61 30.02
N GLU E 257 -29.97 29.02 31.28
CA GLU E 257 -30.23 30.40 31.67
C GLU E 257 -28.93 31.18 31.91
N LYS E 258 -27.77 30.46 31.84
CA LYS E 258 -26.41 30.98 32.06
C LYS E 258 -26.27 31.64 33.45
N THR E 259 -26.90 31.00 34.46
CA THR E 259 -26.93 31.43 35.87
C THR E 259 -26.03 30.54 36.76
N TYR E 260 -25.15 29.74 36.14
CA TYR E 260 -24.18 28.84 36.80
C TYR E 260 -23.11 29.54 37.67
N ASN E 261 -22.81 30.82 37.38
CA ASN E 261 -21.82 31.61 38.10
C ASN E 261 -22.28 32.11 39.47
N ASN E 262 -23.60 32.09 39.73
CA ASN E 262 -24.19 32.51 41.01
C ASN E 262 -24.87 31.28 41.65
N LEU E 263 -24.14 30.58 42.54
CA LEU E 263 -24.64 29.39 43.23
C LEU E 263 -25.04 29.67 44.69
N ASP E 264 -25.05 30.96 45.07
CA ASP E 264 -25.43 31.44 46.41
C ASP E 264 -26.96 31.48 46.56
N VAL E 265 -27.69 31.56 45.42
CA VAL E 265 -29.16 31.60 45.36
C VAL E 265 -29.80 30.34 45.93
N SER E 266 -31.02 30.47 46.49
CA SER E 266 -31.77 29.34 47.06
C SER E 266 -32.30 28.41 45.97
N VAL E 267 -32.57 27.13 46.32
CA VAL E 267 -33.11 26.12 45.39
C VAL E 267 -34.51 26.52 44.88
N THR E 268 -35.26 27.32 45.66
CA THR E 268 -36.58 27.85 45.33
C THR E 268 -36.44 28.84 44.16
N LYS E 269 -35.38 29.69 44.20
CA LYS E 269 -35.07 30.67 43.16
C LYS E 269 -34.60 29.95 41.88
N ALA E 270 -33.91 28.82 42.04
CA ALA E 270 -33.40 28.00 40.94
C ALA E 270 -34.53 27.24 40.23
N LEU E 271 -35.61 26.89 40.97
CA LEU E 271 -36.78 26.17 40.45
C LEU E 271 -37.94 27.11 40.07
N GLN E 272 -37.73 28.44 40.15
CA GLN E 272 -38.71 29.48 39.84
C GLN E 272 -39.14 29.47 38.36
N HIS E 273 -38.27 28.97 37.46
CA HIS E 273 -38.50 28.89 36.02
C HIS E 273 -39.62 27.92 35.62
N ARG E 274 -39.87 26.88 36.44
CA ARG E 274 -40.88 25.86 36.15
C ARG E 274 -42.16 25.99 37.00
N SER E 275 -42.42 27.20 37.55
CA SER E 275 -43.61 27.52 38.36
C SER E 275 -44.92 27.18 37.60
N HIS E 276 -44.94 27.46 36.28
CA HIS E 276 -46.04 27.15 35.37
C HIS E 276 -45.86 25.73 34.84
N TYR E 277 -46.99 25.00 34.64
CA TYR E 277 -47.04 23.61 34.17
C TYR E 277 -46.31 22.63 35.13
N PHE E 278 -46.65 22.73 36.43
CA PHE E 278 -46.11 21.90 37.52
C PHE E 278 -47.20 21.67 38.56
N GLU E 279 -47.69 20.42 38.67
CA GLU E 279 -48.75 20.01 39.59
C GLU E 279 -48.28 19.93 41.05
N GLY E 280 -47.07 19.41 41.25
CA GLY E 280 -46.47 19.24 42.57
C GLY E 280 -45.59 18.00 42.63
N VAL E 281 -45.12 17.66 43.85
CA VAL E 281 -44.27 16.50 44.07
C VAL E 281 -45.13 15.24 44.00
N LEU E 282 -44.85 14.36 43.03
CA LEU E 282 -45.58 13.11 42.83
C LEU E 282 -45.21 12.12 43.93
N LYS E 283 -46.19 11.82 44.80
CA LYS E 283 -46.02 10.94 45.95
C LYS E 283 -46.77 9.61 45.83
N CYS E 284 -46.44 8.67 46.71
CA CYS E 284 -47.05 7.34 46.80
C CYS E 284 -47.19 6.92 48.26
N TYR E 285 -48.14 6.02 48.55
CA TYR E 285 -48.40 5.53 49.90
C TYR E 285 -47.86 4.12 50.13
N LEU E 286 -47.53 3.79 51.39
CA LEU E 286 -47.02 2.46 51.78
C LEU E 286 -48.06 1.37 51.59
N HIS E 287 -49.36 1.71 51.79
CA HIS E 287 -50.48 0.78 51.62
C HIS E 287 -50.81 0.49 50.15
N GLU E 288 -50.38 1.36 49.23
CA GLU E 288 -50.60 1.22 47.78
C GLU E 288 -49.81 0.06 47.19
N THR E 289 -50.45 -0.72 46.30
CA THR E 289 -49.87 -1.89 45.63
C THR E 289 -48.71 -1.52 44.70
N LEU E 290 -47.76 -2.45 44.49
CA LEU E 290 -46.58 -2.27 43.63
C LEU E 290 -46.97 -1.94 42.18
N GLU E 291 -48.06 -2.56 41.67
CA GLU E 291 -48.59 -2.36 40.33
C GLU E 291 -48.97 -0.90 40.08
N THR E 292 -49.65 -0.25 41.06
CA THR E 292 -50.06 1.15 40.96
C THR E 292 -48.87 2.11 41.00
N ILE E 293 -47.79 1.74 41.73
CA ILE E 293 -46.55 2.53 41.84
C ILE E 293 -45.86 2.55 40.47
N ILE E 294 -45.75 1.38 39.82
CA ILE E 294 -45.15 1.20 38.49
C ILE E 294 -45.92 2.02 37.44
N ASN E 295 -47.27 1.90 37.44
CA ASN E 295 -48.15 2.63 36.52
C ASN E 295 -48.02 4.15 36.67
N ARG E 296 -47.91 4.65 37.91
CA ARG E 296 -47.75 6.07 38.21
C ARG E 296 -46.38 6.59 37.75
N LEU E 297 -45.32 5.78 37.91
CA LEU E 297 -43.96 6.12 37.50
C LEU E 297 -43.82 6.14 35.97
N VAL E 298 -44.52 5.22 35.28
CA VAL E 298 -44.51 5.10 33.82
C VAL E 298 -45.33 6.24 33.19
N GLU E 299 -46.52 6.55 33.75
CA GLU E 299 -47.40 7.63 33.27
C GLU E 299 -46.78 9.02 33.43
N ALA E 300 -46.11 9.27 34.57
CA ALA E 300 -45.46 10.54 34.87
C ALA E 300 -44.11 10.71 34.17
N GLU E 301 -43.48 9.59 33.75
CA GLU E 301 -42.17 9.52 33.07
C GLU E 301 -41.02 10.08 33.93
N VAL E 302 -41.17 10.01 35.28
CA VAL E 302 -40.18 10.47 36.26
C VAL E 302 -39.39 9.28 36.83
N HIS E 303 -38.25 9.55 37.48
CA HIS E 303 -37.38 8.51 38.04
C HIS E 303 -37.76 8.04 39.45
N ARG E 304 -38.37 8.90 40.30
CA ARG E 304 -38.75 8.49 41.66
C ARG E 304 -39.99 9.20 42.23
N LEU E 305 -40.57 8.60 43.28
CA LEU E 305 -41.73 9.12 44.02
C LEU E 305 -41.39 9.18 45.52
N VAL E 306 -41.99 10.13 46.25
CA VAL E 306 -41.78 10.26 47.69
C VAL E 306 -42.79 9.34 48.40
N VAL E 307 -42.29 8.46 49.28
CA VAL E 307 -43.13 7.51 50.03
C VAL E 307 -43.63 8.16 51.32
N VAL E 308 -44.95 8.11 51.53
CA VAL E 308 -45.55 8.67 52.78
C VAL E 308 -46.51 7.62 53.36
N ASP E 309 -46.75 7.66 54.67
CA ASP E 309 -47.71 6.72 55.31
C ASP E 309 -49.12 7.31 55.25
N GLU E 310 -50.10 6.65 55.89
CA GLU E 310 -51.48 7.20 55.94
C GLU E 310 -51.42 8.56 56.63
N ASN E 311 -50.55 8.69 57.64
CA ASN E 311 -50.43 9.97 58.40
C ASN E 311 -49.79 11.05 57.53
N ASP E 312 -49.30 10.68 56.33
CA ASP E 312 -48.70 11.65 55.37
C ASP E 312 -47.31 12.10 55.84
N VAL E 313 -46.73 11.43 56.83
CA VAL E 313 -45.33 11.75 57.27
C VAL E 313 -44.40 11.09 56.26
N VAL E 314 -43.32 11.77 55.83
CA VAL E 314 -42.49 11.17 54.75
C VAL E 314 -41.86 9.89 55.29
N LYS E 315 -42.01 8.78 54.56
CA LYS E 315 -41.40 7.49 54.97
C LYS E 315 -40.07 7.32 54.24
N GLY E 316 -40.00 7.73 52.97
CA GLY E 316 -38.75 7.53 52.19
C GLY E 316 -38.87 7.81 50.71
N ILE E 317 -38.09 7.09 49.89
CA ILE E 317 -38.01 7.30 48.44
C ILE E 317 -38.04 5.95 47.72
N VAL E 318 -38.78 5.87 46.59
CA VAL E 318 -38.84 4.67 45.75
C VAL E 318 -38.53 5.04 44.28
N SER E 319 -37.30 4.71 43.83
CA SER E 319 -36.83 4.99 42.47
C SER E 319 -36.93 3.76 41.57
N LEU E 320 -36.77 3.94 40.24
CA LEU E 320 -36.82 2.86 39.25
C LEU E 320 -35.72 1.84 39.47
N SER E 321 -34.61 2.27 40.13
CA SER E 321 -33.47 1.44 40.51
C SER E 321 -33.96 0.38 41.49
N ASP E 322 -34.79 0.79 42.48
CA ASP E 322 -35.39 -0.10 43.49
C ASP E 322 -36.44 -1.01 42.85
N ILE E 323 -37.21 -0.47 41.89
CA ILE E 323 -38.27 -1.18 41.16
C ILE E 323 -37.67 -2.31 40.29
N LEU E 324 -36.71 -1.98 39.40
CA LEU E 324 -36.08 -2.94 38.51
C LEU E 324 -35.24 -4.00 39.22
N GLN E 325 -34.60 -3.64 40.36
CA GLN E 325 -33.79 -4.56 41.17
C GLN E 325 -34.69 -5.63 41.80
N ALA E 326 -35.93 -5.26 42.16
CA ALA E 326 -36.93 -6.12 42.78
C ALA E 326 -37.75 -6.99 41.83
N LEU E 327 -38.02 -6.50 40.61
CA LEU E 327 -38.80 -7.19 39.59
C LEU E 327 -38.00 -8.06 38.64
N VAL E 328 -36.71 -7.72 38.42
CA VAL E 328 -35.85 -8.41 37.46
C VAL E 328 -34.83 -9.35 38.14
N LEU E 329 -33.95 -8.82 39.02
CA LEU E 329 -32.87 -9.57 39.66
C LEU E 329 -33.26 -10.46 40.85
N THR E 330 -34.25 -10.06 41.68
CA THR E 330 -34.65 -10.85 42.85
C THR E 330 -35.69 -11.95 42.51
N GLY E 331 -36.09 -12.02 41.23
CA GLY E 331 -37.06 -12.99 40.74
C GLY E 331 -38.30 -12.37 40.18
N SER F 29 73.16 7.33 -1.22
CA SER F 29 74.07 6.19 -0.97
C SER F 29 73.72 5.02 -1.90
N ASN F 30 72.59 5.12 -2.61
CA ASN F 30 72.13 4.07 -3.57
C ASN F 30 71.67 2.81 -2.83
N ASN F 31 72.48 2.28 -1.92
CA ASN F 31 72.14 0.99 -1.25
C ASN F 31 70.99 1.18 -0.26
N SER F 32 70.20 0.13 -0.02
CA SER F 32 69.08 0.17 0.97
C SER F 32 67.89 1.01 0.47
N VAL F 33 67.83 1.33 -0.82
CA VAL F 33 66.63 2.05 -1.34
C VAL F 33 65.50 1.03 -1.48
N TYR F 34 65.85 -0.27 -1.58
CA TYR F 34 64.83 -1.30 -1.66
C TYR F 34 64.23 -1.56 -0.28
N THR F 35 65.06 -1.51 0.78
CA THR F 35 64.65 -1.68 2.18
C THR F 35 63.68 -0.55 2.59
N SER F 36 63.98 0.70 2.18
CA SER F 36 63.16 1.89 2.43
C SER F 36 61.81 1.79 1.71
N PHE F 37 61.82 1.19 0.50
CA PHE F 37 60.63 0.97 -0.33
C PHE F 37 59.69 -0.05 0.34
N MET F 38 60.26 -1.12 0.92
CA MET F 38 59.55 -2.19 1.65
C MET F 38 58.86 -1.61 2.88
N LYS F 39 59.56 -0.69 3.59
CA LYS F 39 59.08 -0.02 4.81
C LYS F 39 58.01 1.04 4.52
N SER F 40 57.99 1.58 3.29
CA SER F 40 57.03 2.62 2.88
C SER F 40 55.75 2.05 2.26
N HIS F 41 55.81 0.82 1.73
CA HIS F 41 54.66 0.15 1.09
C HIS F 41 53.98 -0.85 2.01
N ARG F 42 52.65 -0.75 2.11
CA ARG F 42 51.82 -1.64 2.92
C ARG F 42 51.60 -2.95 2.14
N CYS F 43 51.25 -4.04 2.85
CA CYS F 43 50.99 -5.36 2.25
C CYS F 43 49.83 -5.31 1.24
N TYR F 44 48.85 -4.43 1.51
CA TYR F 44 47.64 -4.18 0.71
C TYR F 44 47.94 -3.92 -0.78
N ASP F 45 48.99 -3.13 -1.09
CA ASP F 45 49.40 -2.77 -2.45
C ASP F 45 49.75 -3.96 -3.36
N LEU F 46 50.11 -5.12 -2.77
CA LEU F 46 50.46 -6.34 -3.48
C LEU F 46 49.26 -7.23 -3.76
N ILE F 47 48.19 -7.13 -2.92
CA ILE F 47 46.95 -7.90 -3.04
C ILE F 47 46.34 -7.62 -4.43
N PRO F 48 45.95 -8.65 -5.21
CA PRO F 48 45.33 -8.40 -6.52
C PRO F 48 43.98 -7.69 -6.40
N THR F 49 43.51 -7.08 -7.52
CA THR F 49 42.22 -6.39 -7.57
C THR F 49 41.09 -7.40 -7.34
N SER F 50 41.22 -8.62 -7.90
CA SER F 50 40.26 -9.71 -7.71
C SER F 50 41.00 -11.04 -7.74
N SER F 51 40.81 -11.86 -6.68
CA SER F 51 41.46 -13.18 -6.51
C SER F 51 40.59 -14.16 -5.70
N LYS F 52 40.83 -15.48 -5.87
CA LYS F 52 40.08 -16.51 -5.12
C LYS F 52 40.90 -17.14 -3.99
N LEU F 53 40.22 -17.38 -2.86
CA LEU F 53 40.79 -17.96 -1.65
C LEU F 53 39.95 -19.16 -1.21
N VAL F 54 40.57 -20.33 -1.13
CA VAL F 54 39.90 -21.57 -0.74
C VAL F 54 40.19 -21.84 0.74
N VAL F 55 39.13 -21.94 1.56
CA VAL F 55 39.22 -22.19 3.01
C VAL F 55 38.63 -23.56 3.33
N PHE F 56 39.30 -24.32 4.22
CA PHE F 56 38.84 -25.64 4.64
C PHE F 56 38.56 -25.69 6.13
N ASP F 57 37.44 -26.35 6.50
CA ASP F 57 37.10 -26.58 7.90
C ASP F 57 37.95 -27.77 8.34
N THR F 58 38.47 -27.72 9.58
CA THR F 58 39.34 -28.76 10.16
C THR F 58 38.70 -30.16 10.18
N SER F 59 37.35 -30.26 10.18
CA SER F 59 36.61 -31.52 10.19
C SER F 59 36.57 -32.24 8.83
N LEU F 60 36.95 -31.54 7.74
CA LEU F 60 36.99 -32.06 6.37
C LEU F 60 38.07 -33.14 6.19
N GLN F 61 37.75 -34.18 5.37
CA GLN F 61 38.65 -35.28 5.01
C GLN F 61 39.84 -34.64 4.27
N VAL F 62 41.07 -34.93 4.71
CA VAL F 62 42.30 -34.37 4.16
C VAL F 62 42.56 -34.81 2.68
N LYS F 63 42.04 -35.98 2.26
CA LYS F 63 42.16 -36.50 0.89
C LYS F 63 41.29 -35.59 0.01
N LYS F 64 40.05 -35.29 0.46
CA LYS F 64 39.10 -34.41 -0.23
C LYS F 64 39.61 -32.97 -0.28
N ALA F 65 40.50 -32.59 0.65
CA ALA F 65 41.11 -31.27 0.73
C ALA F 65 42.22 -31.12 -0.33
N PHE F 66 43.04 -32.17 -0.53
CA PHE F 66 44.12 -32.18 -1.53
C PHE F 66 43.58 -32.20 -2.95
N PHE F 67 42.41 -32.85 -3.16
CA PHE F 67 41.73 -32.92 -4.46
C PHE F 67 41.06 -31.58 -4.75
N ALA F 68 40.59 -30.89 -3.68
CA ALA F 68 39.95 -29.57 -3.78
C ALA F 68 40.95 -28.50 -4.22
N LEU F 69 42.24 -28.66 -3.83
CA LEU F 69 43.33 -27.77 -4.22
C LEU F 69 43.59 -27.89 -5.72
N VAL F 70 43.42 -29.11 -6.27
CA VAL F 70 43.59 -29.42 -7.70
C VAL F 70 42.44 -28.81 -8.53
N THR F 71 41.17 -29.04 -8.11
CA THR F 71 39.98 -28.53 -8.80
C THR F 71 39.88 -27.01 -8.80
N ASN F 72 40.33 -26.36 -7.71
CA ASN F 72 40.29 -24.90 -7.56
C ASN F 72 41.57 -24.20 -8.06
N GLY F 73 42.57 -24.98 -8.43
CA GLY F 73 43.83 -24.48 -8.97
C GLY F 73 44.78 -23.77 -8.01
N VAL F 74 44.55 -23.92 -6.69
CA VAL F 74 45.40 -23.27 -5.67
C VAL F 74 46.35 -24.27 -5.00
N ARG F 75 47.47 -23.77 -4.45
CA ARG F 75 48.51 -24.55 -3.77
C ARG F 75 48.26 -24.63 -2.25
N ALA F 76 47.95 -23.49 -1.63
CA ALA F 76 47.72 -23.36 -0.19
C ALA F 76 46.29 -23.00 0.14
N ALA F 77 45.85 -23.29 1.37
CA ALA F 77 44.49 -23.00 1.85
C ALA F 77 44.45 -22.75 3.36
N PRO F 78 44.00 -21.55 3.82
CA PRO F 78 43.91 -21.32 5.28
C PRO F 78 42.89 -22.24 5.94
N LEU F 79 43.20 -22.73 7.16
CA LEU F 79 42.33 -23.67 7.87
C LEU F 79 41.52 -23.01 8.97
N TRP F 80 40.19 -23.15 8.89
CA TRP F 80 39.22 -22.58 9.83
C TRP F 80 38.72 -23.63 10.82
N ASP F 81 38.79 -23.30 12.13
CA ASP F 81 38.31 -24.14 13.21
C ASP F 81 36.98 -23.56 13.67
N SER F 82 35.87 -24.27 13.37
CA SER F 82 34.51 -23.83 13.70
C SER F 82 34.22 -23.84 15.21
N LYS F 83 34.82 -24.78 15.95
CA LYS F 83 34.65 -24.90 17.40
C LYS F 83 35.35 -23.79 18.17
N LYS F 84 36.46 -23.25 17.60
CA LYS F 84 37.25 -22.17 18.18
C LYS F 84 36.91 -20.80 17.58
N GLN F 85 36.31 -20.79 16.37
CA GLN F 85 35.93 -19.60 15.59
C GLN F 85 37.15 -18.71 15.28
N SER F 86 38.22 -19.33 14.73
CA SER F 86 39.48 -18.68 14.38
C SER F 86 40.28 -19.51 13.37
N PHE F 87 41.13 -18.84 12.57
CA PHE F 87 42.02 -19.51 11.60
C PHE F 87 43.18 -20.15 12.36
N VAL F 88 43.29 -21.49 12.29
CA VAL F 88 44.29 -22.26 13.03
C VAL F 88 45.64 -22.41 12.30
N GLY F 89 45.62 -22.62 10.99
CA GLY F 89 46.84 -22.80 10.22
C GLY F 89 46.66 -22.71 8.71
N MET F 90 47.50 -23.47 7.98
CA MET F 90 47.53 -23.53 6.53
C MET F 90 47.77 -24.94 6.03
N LEU F 91 47.08 -25.34 4.95
CA LEU F 91 47.26 -26.65 4.34
C LEU F 91 47.88 -26.46 2.96
N THR F 92 49.15 -26.86 2.82
CA THR F 92 49.93 -26.73 1.59
C THR F 92 50.23 -28.13 1.02
N ILE F 93 51.03 -28.20 -0.06
CA ILE F 93 51.43 -29.47 -0.69
C ILE F 93 52.45 -30.21 0.21
N THR F 94 53.08 -29.48 1.16
CA THR F 94 54.03 -30.01 2.16
C THR F 94 53.31 -31.03 3.05
N ASP F 95 52.01 -30.77 3.36
CA ASP F 95 51.15 -31.66 4.15
C ASP F 95 50.92 -32.97 3.39
N PHE F 96 50.76 -32.89 2.04
CA PHE F 96 50.58 -34.05 1.16
C PHE F 96 51.85 -34.89 1.10
N ILE F 97 53.04 -34.23 1.06
CA ILE F 97 54.35 -34.87 1.07
C ILE F 97 54.55 -35.64 2.39
N ASN F 98 54.31 -34.95 3.52
CA ASN F 98 54.43 -35.49 4.87
C ASN F 98 53.49 -36.66 5.14
N ILE F 99 52.23 -36.62 4.65
CA ILE F 99 51.27 -37.71 4.80
C ILE F 99 51.75 -38.94 4.04
N LEU F 100 52.17 -38.75 2.77
CA LEU F 100 52.66 -39.80 1.88
C LEU F 100 53.89 -40.52 2.43
N HIS F 101 54.97 -39.78 2.78
CA HIS F 101 56.21 -40.36 3.29
C HIS F 101 56.06 -41.08 4.65
N ARG F 102 55.18 -40.57 5.52
CA ARG F 102 54.96 -41.14 6.85
C ARG F 102 54.15 -42.43 6.84
N TYR F 103 53.08 -42.50 6.03
CA TYR F 103 52.17 -43.64 6.03
C TYR F 103 52.25 -44.59 4.82
N TYR F 104 53.10 -44.30 3.81
CA TYR F 104 53.24 -45.20 2.66
C TYR F 104 53.96 -46.47 3.07
N LYS F 105 53.41 -47.63 2.68
CA LYS F 105 53.98 -48.93 2.97
C LYS F 105 54.28 -49.68 1.68
N SER F 106 53.31 -49.71 0.74
CA SER F 106 53.44 -50.39 -0.55
C SER F 106 52.39 -49.91 -1.57
N ALA F 107 52.54 -50.35 -2.83
CA ALA F 107 51.60 -50.06 -3.92
C ALA F 107 50.46 -51.09 -3.89
N LEU F 108 50.66 -52.18 -3.13
CA LEU F 108 49.61 -53.23 -3.02
C LEU F 108 48.79 -52.94 -1.76
N VAL F 109 49.31 -52.08 -0.87
CA VAL F 109 48.58 -51.72 0.37
C VAL F 109 47.98 -50.31 0.28
N GLN F 110 46.66 -50.19 0.46
CA GLN F 110 46.02 -48.84 0.47
C GLN F 110 46.48 -48.02 1.68
N ILE F 111 46.62 -46.70 1.52
CA ILE F 111 47.05 -45.83 2.65
C ILE F 111 45.74 -45.50 3.36
N TYR F 112 45.25 -46.41 4.21
CA TYR F 112 43.97 -46.22 4.93
C TYR F 112 44.03 -44.94 5.75
N GLU F 113 45.12 -44.74 6.47
CA GLU F 113 45.29 -43.53 7.32
C GLU F 113 44.82 -42.31 6.52
N LEU F 114 45.39 -42.08 5.34
CA LEU F 114 45.04 -40.88 4.52
C LEU F 114 43.54 -40.91 4.19
N GLU F 115 43.00 -42.08 3.86
CA GLU F 115 41.58 -42.16 3.43
C GLU F 115 40.66 -41.71 4.57
N GLU F 116 40.98 -42.08 5.82
CA GLU F 116 40.07 -41.79 6.96
C GLU F 116 40.46 -40.60 7.85
N HIS F 117 41.70 -40.11 7.78
CA HIS F 117 42.15 -39.00 8.66
C HIS F 117 41.48 -37.75 8.09
N LYS F 118 41.25 -36.76 8.96
CA LYS F 118 40.71 -35.45 8.53
C LYS F 118 41.79 -34.42 8.86
N ILE F 119 41.58 -33.15 8.55
CA ILE F 119 42.66 -32.13 8.73
C ILE F 119 43.03 -32.00 10.21
N GLU F 120 42.05 -31.99 11.13
CA GLU F 120 42.36 -31.74 12.56
C GLU F 120 43.12 -32.94 13.16
N THR F 121 42.69 -34.16 12.84
CA THR F 121 43.34 -35.38 13.36
C THR F 121 44.77 -35.52 12.86
N TRP F 122 45.03 -35.11 11.59
CA TRP F 122 46.36 -35.16 10.97
C TRP F 122 47.31 -34.14 11.59
N ARG F 123 46.85 -32.89 11.77
CA ARG F 123 47.62 -31.81 12.38
C ARG F 123 47.98 -32.10 13.83
N GLU F 124 47.16 -32.94 14.50
CA GLU F 124 47.33 -33.36 15.90
C GLU F 124 48.57 -34.25 16.06
N VAL F 125 48.96 -35.00 15.01
CA VAL F 125 50.14 -35.88 15.03
C VAL F 125 51.34 -35.23 14.30
N TYR F 126 51.05 -34.34 13.34
CA TYR F 126 52.04 -33.60 12.54
C TYR F 126 52.65 -32.47 13.38
N LEU F 127 51.89 -31.96 14.36
CA LEU F 127 52.31 -30.88 15.27
C LEU F 127 52.35 -31.33 16.75
N GLN F 128 52.35 -32.66 17.00
CA GLN F 128 52.36 -33.28 18.33
C GLN F 128 53.54 -32.89 19.24
N ASP F 129 54.72 -32.61 18.64
CA ASP F 129 55.94 -32.23 19.35
C ASP F 129 55.78 -30.92 20.13
N SER F 130 55.23 -29.87 19.46
CA SER F 130 54.99 -28.55 20.04
C SER F 130 53.88 -27.82 19.28
N PHE F 131 52.96 -27.18 20.01
CA PHE F 131 51.85 -26.41 19.45
C PHE F 131 52.36 -25.04 18.99
N LYS F 132 52.41 -24.82 17.67
CA LYS F 132 52.86 -23.58 17.05
C LYS F 132 51.67 -22.70 16.62
N PRO F 133 51.56 -21.45 17.10
CA PRO F 133 50.42 -20.60 16.71
C PRO F 133 50.40 -20.08 15.27
N LEU F 134 49.25 -19.51 14.85
CA LEU F 134 49.02 -18.94 13.52
C LEU F 134 49.97 -17.81 13.14
N VAL F 135 50.65 -17.95 11.99
CA VAL F 135 51.58 -16.96 11.46
C VAL F 135 50.79 -16.18 10.40
N CYS F 136 50.47 -14.91 10.67
CA CYS F 136 49.70 -14.06 9.76
C CYS F 136 50.14 -12.60 9.77
N ILE F 137 49.82 -11.86 8.70
CA ILE F 137 50.28 -10.44 8.59
C ILE F 137 49.08 -9.52 8.36
N SER F 138 49.11 -8.31 8.94
CA SER F 138 48.03 -7.31 8.72
C SER F 138 48.17 -6.71 7.32
N PRO F 139 47.07 -6.30 6.64
CA PRO F 139 47.18 -5.62 5.34
C PRO F 139 47.91 -4.27 5.49
N ASN F 140 47.63 -3.54 6.58
CA ASN F 140 48.24 -2.20 6.80
C ASN F 140 49.70 -2.35 7.24
N ALA F 141 50.15 -3.59 7.51
CA ALA F 141 51.55 -3.82 7.90
C ALA F 141 52.45 -3.64 6.67
N SER F 142 53.69 -3.17 6.89
CA SER F 142 54.66 -2.92 5.81
C SER F 142 55.10 -4.18 5.08
N LEU F 143 55.63 -4.01 3.85
CA LEU F 143 56.14 -5.09 3.02
C LEU F 143 57.40 -5.69 3.66
N PHE F 144 58.15 -4.86 4.42
CA PHE F 144 59.35 -5.24 5.17
C PHE F 144 58.99 -6.21 6.29
N ASP F 145 57.84 -5.98 6.96
CA ASP F 145 57.33 -6.83 8.05
C ASP F 145 56.92 -8.21 7.50
N ALA F 146 56.42 -8.23 6.24
CA ALA F 146 55.99 -9.45 5.54
C ALA F 146 57.20 -10.30 5.15
N VAL F 147 58.27 -9.65 4.64
CA VAL F 147 59.53 -10.31 4.24
C VAL F 147 60.19 -10.91 5.50
N SER F 148 60.24 -10.13 6.59
CA SER F 148 60.81 -10.53 7.89
C SER F 148 60.10 -11.76 8.46
N SER F 149 58.76 -11.79 8.37
CA SER F 149 57.91 -12.89 8.85
C SER F 149 58.21 -14.20 8.10
N LEU F 150 58.44 -14.13 6.77
CA LEU F 150 58.74 -15.28 5.93
C LEU F 150 60.11 -15.89 6.24
N ILE F 151 61.07 -15.07 6.68
CA ILE F 151 62.44 -15.51 7.00
C ILE F 151 62.50 -16.12 8.41
N ARG F 152 61.97 -15.41 9.44
CA ARG F 152 61.95 -15.83 10.85
C ARG F 152 61.24 -17.17 11.04
N ASN F 153 60.02 -17.30 10.49
CA ASN F 153 59.18 -18.49 10.60
C ASN F 153 59.54 -19.60 9.60
N LYS F 154 60.45 -19.30 8.64
CA LYS F 154 60.92 -20.19 7.58
C LYS F 154 59.75 -20.79 6.78
N ILE F 155 58.91 -19.88 6.25
CA ILE F 155 57.71 -20.21 5.47
C ILE F 155 57.73 -19.56 4.08
N HIS F 156 56.86 -20.04 3.18
CA HIS F 156 56.74 -19.55 1.81
C HIS F 156 55.39 -18.85 1.58
N ARG F 157 54.35 -19.29 2.33
CA ARG F 157 52.98 -18.76 2.26
C ARG F 157 52.62 -18.05 3.56
N LEU F 158 52.21 -16.78 3.46
CA LEU F 158 51.83 -15.97 4.61
C LEU F 158 50.43 -15.36 4.41
N PRO F 159 49.42 -15.83 5.17
CA PRO F 159 48.06 -15.29 5.00
C PRO F 159 47.88 -13.86 5.51
N VAL F 160 47.25 -13.01 4.68
CA VAL F 160 46.96 -11.61 4.98
C VAL F 160 45.56 -11.58 5.60
N ILE F 161 45.49 -11.34 6.92
CA ILE F 161 44.17 -11.39 7.62
C ILE F 161 43.83 -9.99 8.14
N ASP F 162 42.74 -9.40 7.67
CA ASP F 162 42.29 -8.07 8.17
C ASP F 162 41.92 -8.24 9.65
N PRO F 163 42.39 -7.37 10.57
CA PRO F 163 41.99 -7.45 11.97
C PRO F 163 40.56 -6.94 12.22
N GLU F 164 40.09 -5.98 11.42
CA GLU F 164 38.77 -5.40 11.62
C GLU F 164 37.63 -6.42 11.37
N SER F 165 37.61 -7.03 10.17
CA SER F 165 36.58 -8.00 9.76
C SER F 165 36.93 -9.47 10.10
N GLY F 166 38.19 -9.72 10.44
CA GLY F 166 38.68 -11.06 10.77
C GLY F 166 38.84 -11.98 9.58
N ASN F 167 38.58 -11.45 8.37
CA ASN F 167 38.65 -12.19 7.11
C ASN F 167 40.07 -12.32 6.55
N THR F 168 40.37 -13.48 5.95
CA THR F 168 41.63 -13.74 5.26
C THR F 168 41.42 -13.20 3.84
N LEU F 169 42.32 -12.33 3.38
CA LEU F 169 42.19 -11.68 2.08
C LEU F 169 43.06 -12.28 0.98
N TYR F 170 44.35 -12.52 1.27
CA TYR F 170 45.30 -13.01 0.28
C TYR F 170 46.43 -13.86 0.89
N ILE F 171 47.01 -14.77 0.08
CA ILE F 171 48.14 -15.62 0.48
C ILE F 171 49.41 -15.02 -0.14
N LEU F 172 50.17 -14.27 0.67
CA LEU F 172 51.39 -13.60 0.21
C LEU F 172 52.60 -14.54 0.16
N THR F 173 53.35 -14.50 -0.96
CA THR F 173 54.51 -15.35 -1.22
C THR F 173 55.76 -14.56 -1.62
N HIS F 174 56.93 -15.23 -1.70
CA HIS F 174 58.21 -14.65 -2.14
C HIS F 174 58.11 -14.17 -3.60
N LYS F 175 57.38 -14.93 -4.44
CA LYS F 175 57.14 -14.67 -5.86
C LYS F 175 56.44 -13.32 -6.04
N ARG F 176 55.35 -13.10 -5.28
CA ARG F 176 54.54 -11.89 -5.29
C ARG F 176 55.33 -10.66 -4.83
N ILE F 177 56.22 -10.82 -3.84
CA ILE F 177 57.03 -9.72 -3.30
C ILE F 177 58.09 -9.28 -4.33
N LEU F 178 58.88 -10.23 -4.89
CA LEU F 178 59.91 -9.87 -5.87
C LEU F 178 59.33 -9.34 -7.19
N LYS F 179 58.15 -9.84 -7.63
CA LYS F 179 57.50 -9.35 -8.86
C LYS F 179 57.03 -7.89 -8.66
N PHE F 180 56.57 -7.56 -7.43
CA PHE F 180 56.13 -6.21 -7.07
C PHE F 180 57.33 -5.27 -7.01
N LEU F 181 58.46 -5.74 -6.43
CA LEU F 181 59.72 -4.98 -6.34
C LEU F 181 60.30 -4.74 -7.75
N LYS F 182 60.15 -5.72 -8.67
CA LYS F 182 60.61 -5.67 -10.06
C LYS F 182 59.91 -4.56 -10.85
N LEU F 183 58.62 -4.30 -10.57
CA LEU F 183 57.84 -3.26 -11.24
C LEU F 183 58.31 -1.84 -10.84
N PHE F 184 58.92 -1.71 -9.65
CA PHE F 184 59.40 -0.44 -9.10
C PHE F 184 60.93 -0.23 -9.15
N ILE F 185 61.68 -1.08 -9.90
CA ILE F 185 63.14 -0.93 -10.02
C ILE F 185 63.53 0.34 -10.82
N THR F 186 62.66 0.76 -11.74
CA THR F 186 62.86 1.95 -12.59
C THR F 186 62.59 3.25 -11.85
N GLU F 187 61.81 3.18 -10.75
CA GLU F 187 61.38 4.34 -9.94
C GLU F 187 62.45 4.91 -9.00
N PHE F 188 63.48 4.12 -8.68
CA PHE F 188 64.56 4.52 -7.77
C PHE F 188 65.94 4.32 -8.41
N PRO F 189 67.02 5.06 -8.04
CA PRO F 189 68.36 4.79 -8.58
C PRO F 189 68.84 3.39 -8.17
N LYS F 190 69.28 2.58 -9.14
CA LYS F 190 69.71 1.18 -8.84
C LYS F 190 70.97 1.20 -7.97
N PRO F 191 71.05 0.36 -6.91
CA PRO F 191 72.24 0.25 -6.08
C PRO F 191 73.39 -0.47 -6.79
N GLU F 192 74.63 -0.24 -6.36
CA GLU F 192 75.82 -0.85 -7.01
C GLU F 192 75.71 -2.39 -7.02
N PHE F 193 75.23 -2.99 -5.93
CA PHE F 193 75.19 -4.45 -5.84
C PHE F 193 74.37 -5.12 -6.98
N MET F 194 73.41 -4.39 -7.58
CA MET F 194 72.57 -4.89 -8.68
C MET F 194 73.39 -5.21 -9.93
N SER F 195 74.54 -4.52 -10.10
CA SER F 195 75.46 -4.67 -11.21
C SER F 195 76.63 -5.63 -10.89
N LYS F 196 76.61 -6.24 -9.68
CA LYS F 196 77.62 -7.18 -9.22
C LYS F 196 77.20 -8.63 -9.47
N SER F 197 78.16 -9.50 -9.80
CA SER F 197 77.92 -10.92 -10.09
C SER F 197 77.52 -11.73 -8.85
N LEU F 198 76.91 -12.91 -9.06
CA LEU F 198 76.44 -13.84 -8.03
C LEU F 198 77.58 -14.36 -7.14
N GLU F 199 78.77 -14.57 -7.73
CA GLU F 199 79.97 -15.03 -7.01
C GLU F 199 80.53 -13.90 -6.13
N GLU F 200 80.52 -12.66 -6.65
CA GLU F 200 80.98 -11.43 -5.99
C GLU F 200 80.10 -11.11 -4.78
N LEU F 201 78.81 -11.45 -4.84
CA LEU F 201 77.82 -11.20 -3.78
C LEU F 201 77.64 -12.39 -2.84
N GLN F 202 77.98 -13.62 -3.30
CA GLN F 202 77.89 -14.89 -2.57
C GLN F 202 76.45 -15.20 -2.05
N ILE F 203 75.44 -14.90 -2.89
CA ILE F 203 74.02 -15.14 -2.56
C ILE F 203 73.61 -16.55 -3.01
N GLY F 204 73.05 -17.31 -2.06
CA GLY F 204 72.59 -18.68 -2.30
C GLY F 204 73.44 -19.74 -1.63
N THR F 205 72.94 -20.99 -1.64
CA THR F 205 73.63 -22.14 -1.05
C THR F 205 74.50 -22.85 -2.10
N TYR F 206 75.74 -23.19 -1.72
CA TYR F 206 76.69 -23.86 -2.62
C TYR F 206 77.31 -25.11 -2.01
N ALA F 207 76.83 -25.52 -0.82
CA ALA F 207 77.27 -26.71 -0.10
C ALA F 207 76.08 -27.62 0.25
N ASN F 208 76.32 -28.94 0.18
CA ASN F 208 75.27 -29.93 0.56
C ASN F 208 74.02 -29.72 -0.28
N ILE F 209 74.19 -29.43 -1.58
CA ILE F 209 73.01 -29.30 -2.49
C ILE F 209 72.34 -30.68 -2.57
N ALA F 210 71.01 -30.72 -2.47
CA ALA F 210 70.29 -32.01 -2.51
C ALA F 210 69.77 -32.24 -3.93
N MET F 211 70.25 -33.30 -4.60
CA MET F 211 69.86 -33.56 -6.00
C MET F 211 69.44 -35.03 -6.08
N VAL F 212 68.48 -35.35 -6.96
CA VAL F 212 68.01 -36.76 -7.11
C VAL F 212 68.43 -37.26 -8.49
N ARG F 213 68.55 -38.58 -8.67
CA ARG F 213 68.89 -39.13 -9.98
C ARG F 213 67.62 -39.34 -10.82
N THR F 214 67.77 -39.74 -12.10
CA THR F 214 66.64 -40.00 -13.00
C THR F 214 65.87 -41.26 -12.56
N THR F 215 66.59 -42.22 -11.96
CA THR F 215 66.05 -43.50 -11.48
C THR F 215 65.50 -43.43 -10.06
N THR F 216 65.79 -42.34 -9.30
CA THR F 216 65.34 -42.12 -7.92
C THR F 216 63.82 -42.26 -7.75
N PRO F 217 63.35 -43.17 -6.86
CA PRO F 217 61.88 -43.30 -6.66
C PRO F 217 61.28 -42.06 -6.00
N VAL F 218 59.98 -41.80 -6.26
CA VAL F 218 59.23 -40.65 -5.73
C VAL F 218 59.31 -40.60 -4.19
N TYR F 219 59.09 -41.75 -3.51
CA TYR F 219 59.15 -41.89 -2.05
C TYR F 219 60.46 -41.35 -1.47
N VAL F 220 61.60 -41.68 -2.11
CA VAL F 220 62.94 -41.23 -1.71
C VAL F 220 63.03 -39.71 -1.78
N ALA F 221 62.54 -39.11 -2.89
CA ALA F 221 62.51 -37.66 -3.11
C ALA F 221 61.67 -36.95 -2.05
N LEU F 222 60.53 -37.57 -1.64
CA LEU F 222 59.62 -37.06 -0.61
C LEU F 222 60.31 -36.99 0.76
N GLY F 223 61.15 -37.99 1.04
CA GLY F 223 61.94 -38.06 2.27
C GLY F 223 62.98 -36.97 2.35
N ILE F 224 63.60 -36.64 1.19
CA ILE F 224 64.60 -35.57 1.07
C ILE F 224 63.93 -34.20 1.30
N PHE F 225 62.65 -34.06 0.87
CA PHE F 225 61.84 -32.85 1.09
C PHE F 225 61.51 -32.68 2.58
N VAL F 226 61.33 -33.81 3.30
CA VAL F 226 61.01 -33.82 4.74
C VAL F 226 62.29 -33.55 5.57
N GLN F 227 63.38 -34.26 5.26
CA GLN F 227 64.67 -34.02 5.97
C GLN F 227 65.20 -32.60 5.64
N HIS F 228 65.61 -32.36 4.39
CA HIS F 228 66.21 -31.06 4.01
C HIS F 228 65.22 -29.89 4.14
N ARG F 229 63.95 -30.10 3.78
CA ARG F 229 62.90 -29.03 3.84
C ARG F 229 63.08 -28.05 2.68
N VAL F 230 63.86 -28.43 1.66
CA VAL F 230 64.06 -27.57 0.45
C VAL F 230 62.82 -27.67 -0.45
N SER F 231 62.61 -26.68 -1.32
CA SER F 231 61.39 -26.65 -2.17
C SER F 231 61.55 -27.52 -3.43
N ALA F 232 62.76 -27.59 -3.99
CA ALA F 232 63.00 -28.42 -5.18
C ALA F 232 64.32 -29.18 -5.19
N LEU F 233 64.37 -30.27 -5.96
CA LEU F 233 65.53 -31.14 -6.12
C LEU F 233 65.89 -31.29 -7.61
N PRO F 234 67.10 -30.85 -8.05
CA PRO F 234 67.47 -31.01 -9.47
C PRO F 234 67.69 -32.48 -9.83
N VAL F 235 67.15 -32.88 -10.99
CA VAL F 235 67.23 -34.25 -11.51
C VAL F 235 68.47 -34.38 -12.41
N VAL F 236 69.48 -35.11 -11.93
CA VAL F 236 70.76 -35.33 -12.62
C VAL F 236 70.83 -36.77 -13.20
N ASP F 237 71.36 -36.91 -14.42
CA ASP F 237 71.36 -38.23 -15.09
C ASP F 237 72.64 -39.03 -14.81
N GLU F 238 72.80 -40.18 -15.47
CA GLU F 238 74.04 -40.99 -15.31
C GLU F 238 75.21 -40.20 -15.90
N LYS F 239 74.96 -39.40 -16.94
CA LYS F 239 76.01 -38.55 -17.56
C LYS F 239 76.52 -37.52 -16.55
N GLY F 240 75.64 -37.03 -15.67
CA GLY F 240 76.03 -35.97 -14.71
C GLY F 240 75.56 -34.59 -15.16
N ARG F 241 74.71 -34.52 -16.19
CA ARG F 241 74.14 -33.22 -16.62
C ARG F 241 72.69 -33.14 -16.14
N VAL F 242 72.30 -32.02 -15.53
CA VAL F 242 70.92 -31.90 -14.98
C VAL F 242 69.96 -31.98 -16.17
N VAL F 243 68.94 -32.85 -16.08
CA VAL F 243 68.01 -33.04 -17.23
C VAL F 243 66.63 -32.48 -16.86
N ASP F 244 66.36 -32.31 -15.57
CA ASP F 244 65.00 -31.87 -15.13
C ASP F 244 65.06 -31.39 -13.68
N ILE F 245 63.93 -30.93 -13.13
CA ILE F 245 63.85 -30.54 -11.71
C ILE F 245 62.53 -31.00 -11.05
N TYR F 246 62.63 -31.63 -9.87
CA TYR F 246 61.47 -32.11 -9.12
C TYR F 246 61.18 -31.21 -7.92
N SER F 247 60.10 -30.43 -8.03
CA SER F 247 59.67 -29.47 -7.02
C SER F 247 58.53 -30.01 -6.14
N LYS F 248 58.32 -29.36 -4.96
CA LYS F 248 57.26 -29.66 -4.01
C LYS F 248 55.89 -29.51 -4.68
N PHE F 249 55.79 -28.63 -5.70
CA PHE F 249 54.58 -28.40 -6.49
C PHE F 249 54.26 -29.62 -7.36
N ASP F 250 55.28 -30.20 -8.01
CA ASP F 250 55.13 -31.36 -8.90
C ASP F 250 54.55 -32.62 -8.22
N VAL F 251 54.58 -32.65 -6.86
CA VAL F 251 54.05 -33.74 -6.03
C VAL F 251 52.52 -33.79 -6.10
N ILE F 252 51.84 -32.62 -6.24
CA ILE F 252 50.38 -32.52 -6.32
C ILE F 252 49.79 -33.27 -7.55
N ASN F 253 50.66 -33.63 -8.53
CA ASN F 253 50.27 -34.38 -9.74
C ASN F 253 49.88 -35.81 -9.33
N LEU F 254 50.35 -36.28 -8.16
CA LEU F 254 50.02 -37.59 -7.60
C LEU F 254 48.55 -37.62 -7.16
N ALA F 255 47.99 -36.44 -6.80
CA ALA F 255 46.59 -36.28 -6.42
C ALA F 255 45.72 -36.05 -7.66
N ALA F 256 46.24 -35.27 -8.64
CA ALA F 256 45.54 -34.97 -9.90
C ALA F 256 45.34 -36.20 -10.76
N GLU F 257 46.41 -36.99 -10.99
CA GLU F 257 46.38 -38.23 -11.78
C GLU F 257 45.92 -39.44 -10.95
N LYS F 258 45.81 -39.25 -9.61
CA LYS F 258 45.44 -40.27 -8.60
C LYS F 258 46.43 -41.46 -8.64
N THR F 259 47.74 -41.13 -8.69
CA THR F 259 48.86 -42.07 -8.74
C THR F 259 49.68 -42.05 -7.45
N TYR F 260 49.13 -41.44 -6.38
CA TYR F 260 49.74 -41.29 -5.05
C TYR F 260 50.07 -42.57 -4.27
N ASN F 261 49.38 -43.69 -4.60
CA ASN F 261 49.59 -44.97 -3.93
C ASN F 261 50.73 -45.80 -4.53
N ASN F 262 51.40 -45.30 -5.59
CA ASN F 262 52.54 -45.98 -6.21
C ASN F 262 53.70 -44.98 -6.23
N LEU F 263 54.49 -44.98 -5.15
CA LEU F 263 55.65 -44.09 -4.97
C LEU F 263 56.98 -44.78 -5.29
N ASP F 264 56.92 -46.04 -5.76
CA ASP F 264 58.08 -46.84 -6.15
C ASP F 264 58.62 -46.38 -7.51
N VAL F 265 57.76 -45.72 -8.32
CA VAL F 265 58.07 -45.18 -9.65
C VAL F 265 59.15 -44.10 -9.59
N SER F 266 59.96 -43.97 -10.65
CA SER F 266 61.04 -42.98 -10.75
C SER F 266 60.52 -41.55 -10.84
N VAL F 267 61.39 -40.57 -10.52
CA VAL F 267 61.10 -39.13 -10.58
C VAL F 267 60.80 -38.73 -12.05
N THR F 268 61.50 -39.36 -13.01
CA THR F 268 61.34 -39.16 -14.45
C THR F 268 59.92 -39.58 -14.87
N LYS F 269 59.42 -40.72 -14.32
CA LYS F 269 58.08 -41.25 -14.59
C LYS F 269 56.99 -40.31 -14.06
N ALA F 270 57.25 -39.66 -12.92
CA ALA F 270 56.33 -38.72 -12.29
C ALA F 270 56.23 -37.40 -13.06
N LEU F 271 57.33 -36.99 -13.74
CA LEU F 271 57.40 -35.76 -14.53
C LEU F 271 57.05 -35.95 -16.03
N GLN F 272 56.57 -37.15 -16.40
CA GLN F 272 56.18 -37.51 -17.78
C GLN F 272 55.01 -36.69 -18.34
N HIS F 273 54.11 -36.19 -17.47
CA HIS F 273 52.93 -35.41 -17.85
C HIS F 273 53.26 -34.07 -18.53
N ARG F 274 54.39 -33.46 -18.15
CA ARG F 274 54.75 -32.11 -18.68
C ARG F 274 56.04 -32.20 -19.50
N SER F 275 56.35 -33.38 -20.04
CA SER F 275 57.56 -33.50 -20.90
C SER F 275 57.40 -32.60 -22.12
N HIS F 276 56.21 -32.57 -22.72
CA HIS F 276 55.94 -31.66 -23.87
C HIS F 276 55.83 -30.21 -23.40
N TYR F 277 56.19 -29.24 -24.26
CA TYR F 277 56.07 -27.80 -23.91
C TYR F 277 56.85 -27.48 -22.63
N PHE F 278 58.04 -28.05 -22.48
CA PHE F 278 58.90 -27.74 -21.30
C PHE F 278 60.26 -27.23 -21.79
N GLU F 279 60.49 -25.91 -21.71
CA GLU F 279 61.75 -25.34 -22.19
C GLU F 279 63.01 -25.98 -21.60
N GLY F 280 62.89 -26.55 -20.42
CA GLY F 280 64.00 -27.20 -19.71
C GLY F 280 64.22 -26.58 -18.35
N VAL F 281 65.33 -26.96 -17.70
CA VAL F 281 65.70 -26.45 -16.37
C VAL F 281 66.26 -25.05 -16.57
N LEU F 282 65.67 -24.06 -15.88
CA LEU F 282 66.12 -22.68 -15.95
C LEU F 282 67.33 -22.53 -15.04
N LYS F 283 68.49 -22.19 -15.63
CA LYS F 283 69.75 -22.07 -14.92
C LYS F 283 70.33 -20.65 -15.01
N CYS F 284 71.40 -20.40 -14.23
CA CYS F 284 72.12 -19.12 -14.19
C CYS F 284 73.61 -19.32 -13.91
N TYR F 285 74.45 -18.41 -14.42
CA TYR F 285 75.91 -18.46 -14.24
C TYR F 285 76.38 -17.55 -13.12
N LEU F 286 77.51 -17.90 -12.47
CA LEU F 286 78.11 -17.15 -11.37
C LEU F 286 78.55 -15.74 -11.76
N HIS F 287 78.96 -15.54 -13.03
CA HIS F 287 79.41 -14.24 -13.56
C HIS F 287 78.24 -13.28 -13.90
N GLU F 288 77.00 -13.81 -13.97
CA GLU F 288 75.81 -13.01 -14.27
C GLU F 288 75.41 -12.12 -13.10
N THR F 289 75.08 -10.85 -13.40
CA THR F 289 74.70 -9.82 -12.42
C THR F 289 73.39 -10.18 -11.71
N LEU F 290 73.22 -9.71 -10.45
CA LEU F 290 72.02 -9.94 -9.63
C LEU F 290 70.72 -9.51 -10.31
N GLU F 291 70.76 -8.39 -11.08
CA GLU F 291 69.61 -7.86 -11.82
C GLU F 291 69.14 -8.83 -12.91
N THR F 292 70.08 -9.49 -13.62
CA THR F 292 69.76 -10.47 -14.66
C THR F 292 69.16 -11.73 -14.00
N ILE F 293 69.58 -12.06 -12.76
CA ILE F 293 69.08 -13.20 -11.98
C ILE F 293 67.62 -12.91 -11.58
N ILE F 294 67.35 -11.70 -11.03
CA ILE F 294 66.03 -11.23 -10.60
C ILE F 294 65.06 -11.22 -11.78
N ASN F 295 65.46 -10.59 -12.91
CA ASN F 295 64.65 -10.51 -14.14
C ASN F 295 64.27 -11.89 -14.66
N ARG F 296 65.22 -12.85 -14.66
CA ARG F 296 64.99 -14.23 -15.09
C ARG F 296 63.99 -14.96 -14.18
N LEU F 297 64.12 -14.78 -12.86
CA LEU F 297 63.24 -15.40 -11.85
C LEU F 297 61.83 -14.81 -11.86
N VAL F 298 61.71 -13.49 -12.11
CA VAL F 298 60.44 -12.77 -12.15
C VAL F 298 59.71 -13.15 -13.47
N GLU F 299 60.44 -13.17 -14.60
CA GLU F 299 59.87 -13.51 -15.91
C GLU F 299 59.43 -14.98 -15.99
N ALA F 300 60.28 -15.92 -15.53
CA ALA F 300 59.99 -17.36 -15.55
C ALA F 300 58.92 -17.77 -14.53
N GLU F 301 58.70 -16.91 -13.49
CA GLU F 301 57.73 -17.09 -12.41
C GLU F 301 57.98 -18.37 -11.58
N VAL F 302 59.27 -18.71 -11.37
CA VAL F 302 59.71 -19.88 -10.58
C VAL F 302 60.36 -19.41 -9.26
N HIS F 303 60.49 -20.33 -8.28
CA HIS F 303 61.05 -20.00 -6.97
C HIS F 303 62.59 -20.12 -6.91
N ARG F 304 63.18 -20.82 -7.90
CA ARG F 304 64.65 -21.02 -7.87
C ARG F 304 65.32 -21.20 -9.23
N LEU F 305 66.64 -21.04 -9.29
CA LEU F 305 67.49 -21.20 -10.47
C LEU F 305 68.68 -22.08 -10.05
N VAL F 306 69.11 -22.97 -10.94
CA VAL F 306 70.29 -23.84 -10.65
C VAL F 306 71.54 -23.08 -11.09
N VAL F 307 72.39 -22.73 -10.13
CA VAL F 307 73.64 -21.96 -10.41
C VAL F 307 74.68 -22.87 -11.10
N VAL F 308 75.39 -22.33 -12.08
CA VAL F 308 76.46 -23.08 -12.81
C VAL F 308 77.66 -22.14 -13.01
N ASP F 309 78.83 -22.71 -13.29
CA ASP F 309 80.11 -21.96 -13.50
C ASP F 309 80.28 -21.58 -14.97
N GLU F 310 81.51 -21.27 -15.39
CA GLU F 310 81.77 -20.90 -16.80
C GLU F 310 81.38 -22.05 -17.72
N ASN F 311 81.68 -23.30 -17.31
CA ASN F 311 81.33 -24.54 -18.08
C ASN F 311 79.95 -25.06 -17.63
N ASP F 312 79.69 -26.35 -17.83
CA ASP F 312 78.39 -26.96 -17.48
C ASP F 312 78.35 -27.41 -16.01
N VAL F 313 79.43 -27.18 -15.25
CA VAL F 313 79.54 -27.62 -13.83
C VAL F 313 78.43 -26.96 -13.01
N VAL F 314 77.81 -27.74 -12.10
CA VAL F 314 76.72 -27.27 -11.20
C VAL F 314 77.35 -26.83 -9.88
N LYS F 315 77.16 -25.57 -9.50
CA LYS F 315 77.78 -25.05 -8.24
C LYS F 315 76.78 -25.00 -7.09
N GLY F 316 75.56 -24.49 -7.30
CA GLY F 316 74.60 -24.35 -6.19
C GLY F 316 73.21 -23.92 -6.62
N ILE F 317 72.38 -23.54 -5.65
CA ILE F 317 70.97 -23.10 -5.88
C ILE F 317 70.81 -21.64 -5.43
N VAL F 318 70.05 -20.84 -6.18
CA VAL F 318 69.74 -19.45 -5.85
C VAL F 318 68.20 -19.29 -5.81
N SER F 319 67.64 -19.35 -4.58
CA SER F 319 66.20 -19.28 -4.32
C SER F 319 65.74 -17.84 -4.07
N LEU F 320 64.40 -17.59 -4.16
CA LEU F 320 63.80 -16.27 -3.93
C LEU F 320 63.97 -15.84 -2.48
N SER F 321 64.08 -16.82 -1.57
CA SER F 321 64.30 -16.62 -0.15
C SER F 321 65.69 -16.02 0.09
N ASP F 322 66.70 -16.46 -0.70
CA ASP F 322 68.08 -15.94 -0.65
C ASP F 322 68.13 -14.51 -1.16
N ILE F 323 67.44 -14.26 -2.27
CA ILE F 323 67.44 -12.89 -2.89
C ILE F 323 66.80 -11.90 -1.92
N LEU F 324 65.54 -12.14 -1.53
CA LEU F 324 64.80 -11.18 -0.66
C LEU F 324 65.58 -10.93 0.63
N GLN F 325 66.16 -11.98 1.21
CA GLN F 325 66.88 -11.83 2.51
C GLN F 325 68.05 -10.86 2.30
N ALA F 326 68.77 -11.00 1.18
CA ALA F 326 69.93 -10.13 0.90
C ALA F 326 69.52 -8.66 0.74
N LEU F 327 68.40 -8.38 0.03
CA LEU F 327 68.05 -6.97 -0.25
C LEU F 327 67.22 -6.36 0.88
N VAL F 328 66.11 -7.00 1.27
CA VAL F 328 65.21 -6.42 2.31
C VAL F 328 65.93 -6.39 3.66
N LEU F 329 66.64 -7.46 4.01
CA LEU F 329 67.30 -7.55 5.34
C LEU F 329 68.80 -7.33 5.17
N THR F 330 69.50 -6.98 6.26
CA THR F 330 70.97 -6.73 6.21
C THR F 330 71.27 -5.67 5.16
N GLY F 331 70.26 -4.92 4.72
CA GLY F 331 70.48 -3.82 3.75
C GLY F 331 70.52 -4.32 2.33
O4 4O7 G . -50.34 -7.97 -22.73
C25 4O7 G . -51.75 -7.80 -22.53
C24 4O7 G . -52.16 -6.37 -22.20
C23 4O7 G . -50.93 -5.46 -22.05
C22 4O7 G . -49.90 -6.10 -21.13
C21 4O7 G . -49.42 -7.44 -21.74
C26 4O7 G . -48.19 -7.18 -22.63
N2 4O7 G . -49.16 -8.54 -20.73
C18 4O7 G . -50.21 -9.02 -20.02
C19 4O7 G . -51.47 -9.55 -20.67
C6 4O7 G . -52.36 -10.33 -19.79
C7 4O7 G . -51.68 -11.38 -18.97
C10 4O7 G . -50.33 -11.06 -18.43
C11 4O7 G . -49.65 -9.82 -18.91
C12 4O7 G . -48.21 -9.57 -18.96
C17 4O7 G . -48.03 -8.48 -19.95
C16 4O7 G . -46.77 -7.84 -19.97
C15 4O7 G . -45.77 -8.26 -19.09
C14 4O7 G . -46.02 -9.20 -18.08
C13 4O7 G . -47.27 -9.82 -17.96
C9 4O7 G . -50.13 -11.73 -17.17
N1 4O7 G . -51.39 -12.48 -16.99
C8 4O7 G . -52.34 -11.90 -17.76
O5 4O7 G . -53.31 -12.70 -17.98
C5 4O7 G . -53.57 -10.43 -20.58
C20 4O7 G . -53.49 -9.37 -21.62
C1 4O7 G . -54.62 -9.14 -22.40
C2 4O7 G . -55.80 -9.87 -22.14
C3 4O7 G . -55.87 -10.81 -21.11
C4 4O7 G . -54.78 -11.06 -20.27
N3 4O7 G . -52.24 -8.79 -21.52
O6 4O7 G . -50.47 -6.24 -19.81
C27 4O7 G . -49.68 -5.65 -18.78
N4 4O7 G . -51.24 -4.10 -21.66
C28 4O7 G . -50.50 -2.99 -22.25
OAI ZQV H . -40.60 -10.00 -32.60
CAH ZQV H . -39.77 -9.67 -31.72
OAJ ZQV H . -38.93 -8.79 -31.95
CAC ZQV H . -39.78 -10.31 -30.47
CAB ZQV H . -39.11 -11.54 -30.37
CAD ZQV H . -40.44 -9.78 -29.34
CAG ZQV H . -41.13 -8.58 -29.36
CAE ZQV H . -40.39 -10.49 -28.13
CAF ZQV H . -39.72 -11.70 -28.03
CAA ZQV H . -39.09 -12.24 -29.15
OAK ZQV H . -38.42 -13.42 -29.07
CAL ZQV H . -39.19 -14.55 -29.21
NAM ZQV H . -38.79 -15.76 -28.86
NAP ZQV H . -40.41 -14.61 -29.72
CAO ZQV H . -40.79 -15.90 -29.68
NAT ZQV H . -41.93 -16.49 -30.05
CAN ZQV H . -39.78 -16.61 -29.14
CAQ ZQV H . -39.90 -17.93 -28.98
CAR ZQV H . -41.07 -18.58 -29.37
CLA ZQV H . -41.17 -20.29 -29.12
CAS ZQV H . -42.13 -17.83 -29.90
CAV ZQV H . -43.33 -18.39 -30.37
CAW ZQV H . -44.11 -19.23 -29.58
CAX ZQV H . -45.29 -19.79 -30.10
CBA ZQV H . -43.76 -18.06 -31.66
CAZ ZQV H . -44.96 -18.59 -32.17
CAY ZQV H . -45.73 -19.45 -31.39
CBB ZQV H . -46.91 -20.00 -31.91
CBC ZQV H . -48.14 -19.85 -31.20
CBD ZQV H . -49.31 -20.77 -31.70
CBG ZQV H . -46.83 -20.70 -33.13
CBF ZQV H . -47.92 -21.32 -33.75
CBE ZQV H . -48.81 -21.88 -32.62
NBH ZQV H . -49.87 -22.81 -33.11
CBI ZQV H . -50.91 -22.50 -33.90
OBJ ZQV H . -51.17 -21.39 -34.38
CBK ZQV H . -51.82 -23.69 -34.21
O4 4O7 I . 15.51 24.33 -15.95
C25 4O7 I . 16.00 24.81 -17.21
C24 4O7 I . 15.89 23.77 -18.34
C23 4O7 I . 15.47 22.39 -17.80
C22 4O7 I . 16.25 22.03 -16.53
C21 4O7 I . 15.97 23.07 -15.43
C26 4O7 I . 14.75 22.61 -14.63
N2 4O7 I . 17.16 23.36 -14.54
C18 4O7 I . 18.25 23.96 -15.12
C19 4O7 I . 18.17 25.22 -15.93
C6 4O7 I . 19.48 25.85 -16.22
C7 4O7 I . 20.39 25.98 -15.04
C10 4O7 I . 20.39 24.91 -14.04
C11 4O7 I . 19.38 23.82 -14.15
C12 4O7 I . 18.85 22.97 -13.08
C17 4O7 I . 17.54 22.45 -13.57
C16 4O7 I . 16.96 21.43 -12.82
C15 4O7 I . 17.63 20.89 -11.71
C14 4O7 I . 18.91 21.32 -11.35
C13 4O7 I . 19.57 22.32 -12.08
C9 4O7 I . 21.71 24.78 -13.43
N1 4O7 I . 22.46 25.85 -14.10
C8 4O7 I . 21.85 26.15 -15.26
O5 4O7 I . 22.18 27.32 -15.68
C5 4O7 I . 19.14 26.82 -17.24
C20 4O7 I . 17.83 26.41 -17.79
C1 4O7 I . 17.36 27.12 -18.90
C2 4O7 I . 18.16 28.12 -19.48
C3 4O7 I . 19.44 28.42 -18.99
C4 4O7 I . 19.98 27.73 -17.89
N3 4O7 I . 17.38 25.35 -17.04
O6 4O7 I . 17.65 21.90 -16.88
C27 4O7 I . 18.24 20.65 -16.55
N4 4O7 I . 15.52 21.35 -18.81
C28 4O7 I . 14.44 20.37 -18.88
OAI ZQV J . 4.36 24.44 -6.22
CAH ZQV J . 5.36 25.16 -6.45
OAJ ZQV J . 5.21 26.25 -7.07
CAC ZQV J . 6.62 24.79 -6.00
CAB ZQV J . 7.07 25.36 -4.81
CAD ZQV J . 7.45 23.86 -6.67
CAG ZQV J . 7.08 23.24 -7.86
CAE ZQV J . 8.72 23.56 -6.16
CAF ZQV J . 9.17 24.16 -4.97
CAA ZQV J . 8.35 25.08 -4.31
OAK ZQV J . 8.77 25.65 -3.14
CAL ZQV J . 9.17 26.97 -3.21
NAM ZQV J . 9.75 27.62 -2.21
NAP ZQV J . 8.99 27.81 -4.23
CAO ZQV J . 9.49 28.99 -3.86
NAT ZQV J . 9.58 30.15 -4.53
CAN ZQV J . 9.96 28.87 -2.61
CAQ ZQV J . 10.53 29.90 -2.00
CAR ZQV J . 10.64 31.14 -2.66
CLA ZQV J . 11.39 32.44 -1.80
CAS ZQV J . 10.15 31.25 -3.97
CAV ZQV J . 10.19 32.44 -4.72
CAW ZQV J . 11.38 33.16 -4.90
CAX ZQV J . 11.39 34.33 -5.65
CBA ZQV J . 9.02 32.89 -5.36
CAZ ZQV J . 9.04 34.04 -6.15
CAY ZQV J . 10.23 34.78 -6.30
CBB ZQV J . 10.24 35.95 -7.07
CBC ZQV J . 11.29 36.16 -8.02
CBD ZQV J . 10.97 37.28 -9.04
CBG ZQV J . 9.24 36.93 -6.86
CBF ZQV J . 9.11 38.14 -7.55
CBE ZQV J . 10.38 38.51 -8.35
NBH ZQV J . 10.02 39.52 -9.37
CBI ZQV J . 10.29 40.84 -9.26
OBJ ZQV J . 10.84 41.38 -8.30
CBK ZQV J . 9.83 41.67 -10.45
P AMP K . -31.57 7.02 42.28
O1P AMP K . -31.74 5.79 41.41
O2P AMP K . -32.85 7.82 42.43
O3P AMP K . -30.39 7.88 41.88
O5' AMP K . -31.23 6.51 43.77
C5' AMP K . -30.57 5.22 43.97
C4' AMP K . -30.84 4.74 45.37
O4' AMP K . -30.83 5.87 46.29
C3' AMP K . -32.17 4.03 45.61
O3' AMP K . -32.01 2.92 46.48
C2' AMP K . -33.06 5.13 46.21
O2' AMP K . -34.07 4.63 47.05
C1' AMP K . -32.06 5.99 46.96
N9 AMP K . -32.40 7.41 47.01
C8 AMP K . -32.80 8.20 45.97
N7 AMP K . -33.01 9.45 46.30
C5 AMP K . -32.67 9.50 47.65
C6 AMP K . -32.66 10.55 48.58
N6 AMP K . -32.99 11.80 48.29
N1 AMP K . -32.27 10.26 49.85
C2 AMP K . -31.92 9.01 50.14
N3 AMP K . -31.90 7.93 49.35
C4 AMP K . -32.29 8.25 48.10
P AMP L . -35.75 12.91 36.62
O1P AMP L . -37.04 12.24 37.10
O2P AMP L . -35.36 12.48 35.22
O3P AMP L . -34.62 12.78 37.62
O5' AMP L . -36.08 14.49 36.53
C5' AMP L . -36.86 15.01 35.41
C4' AMP L . -37.79 16.10 35.88
O4' AMP L . -38.88 15.51 36.64
C3' AMP L . -37.18 17.19 36.78
O3' AMP L . -37.51 18.50 36.31
C2' AMP L . -37.75 16.89 38.17
O2' AMP L . -37.90 18.03 38.98
C1' AMP L . -39.08 16.20 37.85
N9 AMP L . -39.50 15.25 38.86
C8 AMP L . -38.89 14.06 39.18
N7 AMP L . -39.48 13.39 40.13
C5 AMP L . -40.58 14.19 40.47
C6 AMP L . -41.60 14.02 41.42
N6 AMP L . -41.70 12.98 42.23
N1 AMP L . -42.54 14.99 41.49
C2 AMP L . -42.45 16.05 40.67
N3 AMP L . -41.52 16.31 39.75
C4 AMP L . -40.61 15.33 39.69
P AMP M . 63.63 -22.65 -0.68
O1P AMP M . 62.82 -23.73 0.00
O2P AMP M . 63.70 -22.82 -2.18
O3P AMP M . 63.20 -21.24 -0.27
O5' AMP M . 65.13 -22.84 -0.16
C5' AMP M . 65.50 -22.37 1.17
C4' AMP M . 67.00 -22.42 1.32
O4' AMP M . 67.48 -23.73 0.92
C3' AMP M . 67.81 -21.41 0.51
O3' AMP M . 68.89 -20.87 1.27
C2' AMP M . 68.28 -22.20 -0.71
O2' AMP M . 69.50 -21.74 -1.25
C1' AMP M . 68.40 -23.62 -0.15
N9 AMP M . 68.09 -24.67 -1.11
C8 AMP M . 67.02 -24.73 -1.95
N7 AMP M . 66.98 -25.82 -2.68
C5 AMP M . 68.10 -26.54 -2.28
C6 AMP M . 68.61 -27.79 -2.68
N6 AMP M . 68.04 -28.57 -3.59
N1 AMP M . 69.75 -28.22 -2.06
C2 AMP M . 70.31 -27.44 -1.13
N3 AMP M . 69.92 -26.25 -0.68
C4 AMP M . 68.79 -25.85 -1.30
P AMP N . 57.89 -23.51 -8.08
O1P AMP N . 58.04 -24.88 -7.50
O2P AMP N . 56.91 -22.65 -7.30
O3P AMP N . 59.22 -22.81 -8.32
O5' AMP N . 57.23 -23.67 -9.55
C5' AMP N . 56.35 -24.80 -9.83
C4' AMP N . 56.69 -25.40 -11.18
O4' AMP N . 57.86 -24.76 -11.74
C3' AMP N . 56.99 -26.90 -11.20
O3' AMP N . 56.38 -27.53 -12.33
C2' AMP N . 58.52 -26.95 -11.25
O2' AMP N . 59.04 -28.13 -11.82
C1' AMP N . 58.82 -25.72 -12.09
N9 AMP N . 60.16 -25.17 -11.87
C8 AMP N . 60.64 -24.65 -10.70
N7 AMP N . 61.87 -24.23 -10.78
C5 AMP N . 62.24 -24.49 -12.09
C6 AMP N . 63.43 -24.27 -12.81
N6 AMP N . 64.53 -23.74 -12.26
N1 AMP N . 63.48 -24.66 -14.11
C2 AMP N . 62.37 -25.21 -14.64
N3 AMP N . 61.19 -25.45 -14.07
C4 AMP N . 61.19 -25.07 -12.78
#